data_8WA9
#
_entry.id   8WA9
#
_cell.length_a   73.400
_cell.length_b   86.400
_cell.length_c   92.500
_cell.angle_alpha   90.000
_cell.angle_beta   94.000
_cell.angle_gamma   90.000
#
_symmetry.space_group_name_H-M   'P 1 21 1'
#
loop_
_entity.id
_entity.type
_entity.pdbx_description
1 polymer Transketolase
2 non-polymer 'CALCIUM ION'
3 non-polymer '2-[3-[(4-AMINO-2-METHYL-5-PYRIMIDINYL)METHYL]-2-(1,2-DIHYDROXYETHYL)-4-METHYL-1,3-THIAZOL-3-IUM-5-YL]ETHYL TRIHYDROGEN DIPHOSPHATE'
4 non-polymer 1,2-ETHANEDIOL
5 water water
#
_entity_poly.entity_id   1
_entity_poly.type   'polypeptide(L)'
_entity_poly.pdbx_seq_one_letter_code
;MESYHKPDQQKLQALKDTANRLRISSIQATTAAGSGHPTSCCSAAEIMAVLFFHTMRYKSQDPRNPHNDRFVLSKGHAAP
ILYAVWAEAGFLAEAELLNLRKISSDLDGHPVPKQAFTDVATGSLGQGLGAACGMAYTGKYFDKASYRVYCLLGDGELSE
GSVWEAMAFASIYKLDNLVAILDINRLGQSDPAPLQHQMDIYQKRCEAFGWHAIIVDGHSVEELCKAFGQAKHQPTAIIA
KTFKGRGITGVEDKESWHGKPLPKNMAEQIIQEIYSQIQSKKKILATPPQEDAPSVDIANIRMPSLPSYKVGDKIATRKA
YGQALAKLGHASDRIIALDGDTKNSTFSEIFKKEHPDRFIECYIAEQNMVSIAVGCATRNRTVPFCSTFAAFFTRAFDQI
RMAAISESNINLCGSHCGVSIGEDGPSQMALEDLAMFRSVPTSTVFYPSDGVATEKAVELAANTKGICFIRTSRPENAII
YNNNEDFQVGQAKVVLKSKDDQVTVIGAGVTLHEALAAAELLKKEKINIRVLDPFTIKPLDRKLILDSARATKGRILTVE
DHYYEGGIGEAVSSAVVGEPGITVTHLAVNRVPRSGKPAELLKMFGIDRDAIAQAVRGLITKALVPRGSLEHHHHHH
;
_entity_poly.pdbx_strand_id   A,B
#
loop_
_chem_comp.id
_chem_comp.type
_chem_comp.name
_chem_comp.formula
CA non-polymer 'CALCIUM ION' 'Ca 2'
EDO non-polymer 1,2-ETHANEDIOL 'C2 H6 O2'
THD non-polymer '2-[3-[(4-AMINO-2-METHYL-5-PYRIMIDINYL)METHYL]-2-(1,2-DIHYDROXYETHYL)-4-METHYL-1,3-THIAZOL-3-IUM-5-YL]ETHYL TRIHYDROGEN DIPHOSPHATE' 'C14 H22 N4 O9 P2 S'
#
# COMPACT_ATOMS: atom_id res chain seq x y z
N GLU A 2 25.81 -28.04 17.56
CA GLU A 2 26.09 -27.89 18.99
C GLU A 2 24.88 -28.28 19.83
N SER A 3 25.15 -29.00 20.92
CA SER A 3 24.08 -29.56 21.73
C SER A 3 23.36 -28.45 22.52
N TYR A 4 22.06 -28.66 22.75
CA TYR A 4 21.32 -27.83 23.68
C TYR A 4 21.93 -27.94 25.07
N HIS A 5 22.20 -26.80 25.69
CA HIS A 5 22.59 -26.75 27.10
C HIS A 5 21.33 -26.60 27.93
N LYS A 6 20.89 -27.70 28.54
CA LYS A 6 19.68 -27.63 29.34
C LYS A 6 19.96 -26.85 30.60
N PRO A 7 19.35 -25.68 30.80
CA PRO A 7 19.73 -24.82 31.92
C PRO A 7 19.36 -25.45 33.26
N ASP A 8 20.22 -25.21 34.25
CA ASP A 8 19.91 -25.61 35.61
C ASP A 8 19.02 -24.54 36.27
N GLN A 9 18.64 -24.81 37.52
CA GLN A 9 17.72 -23.92 38.21
C GLN A 9 18.31 -22.52 38.39
N GLN A 10 19.62 -22.41 38.54
N GLN A 10 19.63 -22.42 38.57
CA GLN A 10 20.21 -21.09 38.74
CA GLN A 10 20.24 -21.11 38.74
C GLN A 10 20.36 -20.31 37.44
C GLN A 10 20.22 -20.33 37.43
N LYS A 11 20.52 -20.99 36.30
CA LYS A 11 20.41 -20.31 35.02
C LYS A 11 18.98 -19.85 34.76
N LEU A 12 18.01 -20.70 35.09
CA LEU A 12 16.61 -20.31 34.93
C LEU A 12 16.27 -19.13 35.82
N GLN A 13 16.75 -19.11 37.07
CA GLN A 13 16.48 -17.95 37.92
C GLN A 13 17.16 -16.69 37.39
N ALA A 14 18.38 -16.83 36.85
CA ALA A 14 19.06 -15.68 36.27
C ALA A 14 18.26 -15.13 35.09
N LEU A 15 17.61 -16.02 34.33
CA LEU A 15 16.80 -15.58 33.20
C LEU A 15 15.54 -14.86 33.68
N LYS A 16 14.93 -15.35 34.76
N LYS A 16 14.94 -15.35 34.77
CA LYS A 16 13.80 -14.64 35.37
CA LYS A 16 13.81 -14.66 35.37
C LYS A 16 14.25 -13.28 35.89
C LYS A 16 14.22 -13.29 35.92
N ASP A 17 15.38 -13.24 36.59
CA ASP A 17 15.93 -11.97 37.07
C ASP A 17 16.14 -11.01 35.91
N THR A 18 16.67 -11.53 34.80
CA THR A 18 16.90 -10.69 33.63
C THR A 18 15.60 -10.14 33.08
N ALA A 19 14.60 -11.02 32.93
CA ALA A 19 13.30 -10.56 32.45
C ALA A 19 12.75 -9.46 33.34
N ASN A 20 12.92 -9.60 34.66
CA ASN A 20 12.39 -8.59 35.55
C ASN A 20 13.20 -7.29 35.49
N ARG A 21 14.52 -7.38 35.31
CA ARG A 21 15.30 -6.18 35.05
C ARG A 21 14.81 -5.47 33.79
N LEU A 22 14.44 -6.24 32.77
CA LEU A 22 13.95 -5.63 31.53
C LEU A 22 12.61 -4.95 31.75
N ARG A 23 11.75 -5.53 32.58
CA ARG A 23 10.50 -4.86 32.95
C ARG A 23 10.78 -3.54 33.62
N ILE A 24 11.66 -3.55 34.62
CA ILE A 24 11.96 -2.34 35.38
C ILE A 24 12.47 -1.25 34.45
N SER A 25 13.41 -1.59 33.57
CA SER A 25 13.94 -0.59 32.64
C SER A 25 12.86 -0.08 31.69
N SER A 26 12.02 -0.97 31.17
CA SER A 26 10.98 -0.52 30.27
C SER A 26 10.06 0.49 30.95
N ILE A 27 9.77 0.26 32.23
CA ILE A 27 8.93 1.18 32.99
C ILE A 27 9.68 2.47 33.28
N GLN A 28 10.93 2.36 33.73
CA GLN A 28 11.72 3.54 34.05
C GLN A 28 11.84 4.46 32.85
N ALA A 29 12.15 3.88 31.69
CA ALA A 29 12.41 4.66 30.49
C ALA A 29 11.15 5.37 30.00
N THR A 30 10.02 4.66 29.98
CA THR A 30 8.79 5.27 29.48
C THR A 30 8.21 6.27 30.49
N THR A 31 8.36 6.00 31.79
CA THR A 31 7.93 6.99 32.77
C THR A 31 8.78 8.26 32.66
N ALA A 32 10.08 8.08 32.42
CA ALA A 32 10.96 9.25 32.23
C ALA A 32 10.58 10.03 30.98
N ALA A 33 10.29 9.33 29.89
CA ALA A 33 9.96 10.03 28.64
C ALA A 33 8.57 10.63 28.70
N GLY A 34 7.67 10.07 29.51
CA GLY A 34 6.28 10.49 29.51
C GLY A 34 5.45 9.88 28.41
N SER A 35 5.98 8.92 27.66
CA SER A 35 5.25 8.28 26.60
C SER A 35 5.92 6.94 26.34
N GLY A 36 5.24 6.10 25.58
CA GLY A 36 5.75 4.77 25.29
C GLY A 36 4.80 3.70 25.78
N HIS A 37 5.27 2.45 25.71
CA HIS A 37 4.40 1.28 25.75
C HIS A 37 4.93 0.25 26.73
N PRO A 38 5.01 0.58 28.02
CA PRO A 38 5.56 -0.39 28.97
C PRO A 38 4.79 -1.70 29.04
N THR A 39 3.45 -1.69 28.91
CA THR A 39 2.73 -2.96 28.99
C THR A 39 3.05 -3.85 27.80
N SER A 40 3.34 -3.27 26.63
CA SER A 40 3.74 -4.08 25.48
C SER A 40 5.13 -4.64 25.66
N CYS A 41 5.97 -3.95 26.45
CA CYS A 41 7.28 -4.50 26.77
C CYS A 41 7.16 -5.65 27.76
N CYS A 42 6.29 -5.51 28.76
CA CYS A 42 6.27 -6.45 29.87
C CYS A 42 5.75 -7.82 29.45
N SER A 43 4.89 -7.90 28.43
CA SER A 43 4.43 -9.23 28.00
C SER A 43 5.55 -10.02 27.36
N ALA A 44 6.58 -9.34 26.86
CA ALA A 44 7.68 -9.97 26.10
C ALA A 44 8.94 -10.15 26.94
N ALA A 45 8.90 -9.88 28.24
CA ALA A 45 10.14 -9.80 29.02
C ALA A 45 10.85 -11.15 29.08
N GLU A 46 10.12 -12.24 29.32
CA GLU A 46 10.78 -13.54 29.36
C GLU A 46 11.24 -13.98 27.99
N ILE A 47 10.46 -13.70 26.94
CA ILE A 47 10.89 -13.99 25.58
C ILE A 47 12.22 -13.31 25.30
N MET A 48 12.31 -12.03 25.65
CA MET A 48 13.53 -11.27 25.35
C MET A 48 14.70 -11.79 26.17
N ALA A 49 14.47 -12.10 27.45
CA ALA A 49 15.57 -12.59 28.28
C ALA A 49 16.12 -13.89 27.73
N VAL A 50 15.24 -14.81 27.34
CA VAL A 50 15.67 -16.12 26.87
C VAL A 50 16.38 -16.02 25.52
N LEU A 51 15.83 -15.21 24.61
CA LEU A 51 16.48 -15.06 23.31
C LEU A 51 17.88 -14.51 23.45
N PHE A 52 18.04 -13.43 24.21
CA PHE A 52 19.31 -12.74 24.21
C PHE A 52 20.32 -13.35 25.18
N PHE A 53 19.87 -14.11 26.17
CA PHE A 53 20.81 -14.63 27.16
C PHE A 53 20.70 -16.14 27.35
N HIS A 54 20.10 -16.86 26.39
CA HIS A 54 20.27 -18.30 26.32
C HIS A 54 20.35 -18.78 24.87
N THR A 55 19.40 -18.36 24.02
CA THR A 55 19.22 -18.98 22.72
C THR A 55 20.14 -18.40 21.64
N MET A 56 20.14 -17.09 21.48
N MET A 56 20.10 -17.08 21.46
CA MET A 56 20.81 -16.51 20.33
CA MET A 56 20.81 -16.41 20.36
C MET A 56 22.32 -16.41 20.54
C MET A 56 22.32 -16.47 20.54
N ARG A 57 23.02 -16.34 19.42
CA ARG A 57 24.48 -16.25 19.40
C ARG A 57 24.83 -14.98 18.64
N TYR A 58 25.58 -14.08 19.29
CA TYR A 58 25.87 -12.78 18.67
C TYR A 58 27.01 -12.14 19.44
N LYS A 59 27.71 -11.22 18.78
CA LYS A 59 28.77 -10.44 19.40
C LYS A 59 28.16 -9.22 20.06
N SER A 60 28.18 -9.20 21.40
CA SER A 60 27.51 -8.13 22.12
C SER A 60 28.11 -6.76 21.81
N GLN A 61 29.39 -6.70 21.46
CA GLN A 61 30.03 -5.43 21.14
C GLN A 61 30.03 -5.12 19.65
N ASP A 62 29.45 -5.99 18.83
CA ASP A 62 29.42 -5.79 17.37
C ASP A 62 28.07 -6.28 16.86
N PRO A 63 27.00 -5.54 17.13
CA PRO A 63 25.65 -6.03 16.77
C PRO A 63 25.46 -6.26 15.28
N ARG A 64 26.12 -5.49 14.42
CA ARG A 64 26.00 -5.64 12.97
C ARG A 64 26.85 -6.77 12.41
N ASN A 65 27.60 -7.47 13.25
CA ASN A 65 28.53 -8.48 12.77
C ASN A 65 27.83 -9.49 11.87
N PRO A 66 28.41 -9.82 10.70
CA PRO A 66 27.69 -10.68 9.75
C PRO A 66 27.48 -12.12 10.22
N HIS A 67 28.18 -12.57 11.26
CA HIS A 67 27.98 -13.94 11.73
C HIS A 67 26.89 -14.05 12.79
N ASN A 68 26.37 -12.92 13.27
CA ASN A 68 25.40 -12.92 14.36
C ASN A 68 24.07 -13.51 13.91
N ASP A 69 23.40 -14.19 14.85
CA ASP A 69 21.96 -14.36 14.72
C ASP A 69 21.32 -13.00 14.56
N ARG A 70 20.20 -12.96 13.84
CA ARG A 70 19.40 -11.75 13.69
C ARG A 70 18.20 -11.79 14.62
N PHE A 71 17.89 -10.65 15.21
CA PHE A 71 16.61 -10.46 15.91
C PHE A 71 15.87 -9.30 15.27
N VAL A 72 14.61 -9.52 14.93
CA VAL A 72 13.76 -8.48 14.36
C VAL A 72 12.60 -8.25 15.32
N LEU A 73 12.49 -7.02 15.84
CA LEU A 73 11.38 -6.64 16.70
C LEU A 73 10.25 -6.12 15.82
N SER A 74 9.39 -7.03 15.37
CA SER A 74 8.33 -6.60 14.45
C SER A 74 7.34 -5.67 15.16
N LYS A 75 7.02 -5.97 16.42
CA LYS A 75 6.19 -5.08 17.24
C LYS A 75 7.10 -4.00 17.83
N GLY A 76 7.45 -3.05 16.96
CA GLY A 76 8.51 -2.09 17.23
C GLY A 76 8.23 -1.16 18.39
N HIS A 77 6.96 -0.96 18.75
CA HIS A 77 6.65 -0.11 19.90
C HIS A 77 7.12 -0.71 21.21
N ALA A 78 7.62 -1.96 21.21
CA ALA A 78 8.32 -2.48 22.38
C ALA A 78 9.78 -2.09 22.38
N ALA A 79 10.15 -1.07 21.61
CA ALA A 79 11.54 -0.61 21.53
C ALA A 79 12.22 -0.44 22.89
N PRO A 80 11.58 0.07 23.95
CA PRO A 80 12.31 0.18 25.22
C PRO A 80 12.88 -1.12 25.75
N ILE A 81 12.23 -2.27 25.49
CA ILE A 81 12.81 -3.51 26.00
C ILE A 81 13.92 -4.00 25.08
N LEU A 82 13.88 -3.65 23.79
CA LEU A 82 15.03 -3.87 22.92
C LEU A 82 16.23 -3.07 23.41
N TYR A 83 16.02 -1.81 23.77
CA TYR A 83 17.14 -1.03 24.26
C TYR A 83 17.67 -1.63 25.56
N ALA A 84 16.76 -2.07 26.44
CA ALA A 84 17.17 -2.64 27.71
C ALA A 84 18.01 -3.90 27.54
N VAL A 85 17.68 -4.76 26.57
N VAL A 85 17.69 -4.73 26.55
CA VAL A 85 18.49 -5.98 26.43
CA VAL A 85 18.43 -5.97 26.39
C VAL A 85 19.90 -5.64 25.94
C VAL A 85 19.84 -5.70 25.85
N TRP A 86 20.02 -4.62 25.08
CA TRP A 86 21.35 -4.28 24.59
C TRP A 86 22.17 -3.55 25.65
N ALA A 87 21.52 -2.89 26.60
CA ALA A 87 22.23 -2.46 27.80
C ALA A 87 22.62 -3.66 28.67
N GLU A 88 21.68 -4.60 28.86
CA GLU A 88 21.98 -5.78 29.65
C GLU A 88 23.14 -6.57 29.06
N ALA A 89 23.25 -6.61 27.73
CA ALA A 89 24.34 -7.30 27.05
C ALA A 89 25.64 -6.52 27.09
N GLY A 90 25.62 -5.29 27.58
CA GLY A 90 26.83 -4.51 27.71
C GLY A 90 27.14 -3.59 26.56
N PHE A 91 26.26 -3.50 25.56
CA PHE A 91 26.53 -2.63 24.43
C PHE A 91 26.12 -1.20 24.70
N LEU A 92 25.00 -1.01 25.38
N LEU A 92 24.96 -1.00 25.31
CA LEU A 92 24.42 0.30 25.63
CA LEU A 92 24.43 0.32 25.65
C LEU A 92 24.61 0.67 27.09
C LEU A 92 24.75 0.64 27.09
N ALA A 93 25.05 1.90 27.35
CA ALA A 93 25.18 2.37 28.72
C ALA A 93 23.80 2.40 29.37
N GLU A 94 23.71 1.84 30.58
CA GLU A 94 22.43 1.71 31.25
C GLU A 94 21.79 3.08 31.49
N ALA A 95 22.61 4.09 31.80
CA ALA A 95 22.06 5.42 32.05
C ALA A 95 21.34 5.98 30.82
N GLU A 96 21.76 5.59 29.62
CA GLU A 96 21.19 6.17 28.42
C GLU A 96 19.76 5.72 28.20
N LEU A 97 19.37 4.59 28.79
CA LEU A 97 17.99 4.12 28.66
C LEU A 97 16.98 5.15 29.13
N LEU A 98 17.33 5.95 30.14
CA LEU A 98 16.42 6.96 30.68
C LEU A 98 16.20 8.13 29.72
N ASN A 99 16.96 8.21 28.63
CA ASN A 99 16.82 9.28 27.66
C ASN A 99 15.97 8.88 26.47
N LEU A 100 15.26 7.75 26.57
CA LEU A 100 14.27 7.34 25.58
C LEU A 100 13.47 8.52 25.03
N ARG A 101 13.38 8.60 23.71
CA ARG A 101 12.52 9.51 22.97
C ARG A 101 12.96 10.98 23.05
N LYS A 102 14.12 11.27 23.65
CA LYS A 102 14.64 12.63 23.67
C LYS A 102 15.31 12.98 22.35
N ILE A 103 15.20 14.26 21.98
CA ILE A 103 15.89 14.74 20.79
C ILE A 103 17.41 14.70 20.94
N SER A 104 17.92 14.53 22.16
CA SER A 104 19.33 14.38 22.43
C SER A 104 19.81 12.94 22.43
N SER A 105 18.92 12.00 22.13
CA SER A 105 19.21 10.58 22.19
C SER A 105 18.95 9.94 20.85
N ASP A 106 19.55 8.77 20.64
CA ASP A 106 19.19 7.93 19.50
C ASP A 106 18.32 6.76 19.91
N LEU A 107 17.86 6.73 21.15
CA LEU A 107 16.91 5.71 21.61
C LEU A 107 15.49 6.20 21.31
N ASP A 108 15.14 6.19 20.02
CA ASP A 108 13.93 6.83 19.55
C ASP A 108 12.70 5.97 19.87
N GLY A 109 11.52 6.51 19.55
CA GLY A 109 10.28 5.86 19.97
C GLY A 109 10.10 4.47 19.38
N HIS A 110 10.58 4.25 18.17
CA HIS A 110 10.60 2.94 17.53
C HIS A 110 11.98 2.69 16.96
N PRO A 111 12.37 1.43 16.75
CA PRO A 111 13.77 1.15 16.38
C PRO A 111 14.09 1.68 14.99
N VAL A 112 15.33 2.14 14.83
CA VAL A 112 15.77 2.74 13.56
C VAL A 112 17.25 2.40 13.37
N PRO A 113 17.74 2.32 12.13
CA PRO A 113 19.09 1.80 11.89
C PRO A 113 20.22 2.74 12.30
N LYS A 114 19.96 3.95 12.79
CA LYS A 114 21.06 4.69 13.42
C LYS A 114 21.54 3.96 14.67
N GLN A 115 20.74 3.03 15.17
CA GLN A 115 21.12 2.12 16.24
C GLN A 115 21.85 0.93 15.62
N ALA A 116 23.08 0.67 16.09
CA ALA A 116 23.85 -0.44 15.54
C ALA A 116 23.11 -1.76 15.68
N PHE A 117 22.29 -1.92 16.71
CA PHE A 117 21.59 -3.17 16.94
C PHE A 117 20.28 -3.28 16.18
N THR A 118 20.01 -2.34 15.27
CA THR A 118 18.79 -2.37 14.46
C THR A 118 19.15 -2.46 12.99
N ASP A 119 18.58 -3.45 12.30
CA ASP A 119 18.75 -3.58 10.85
C ASP A 119 17.66 -2.86 10.07
N VAL A 120 16.40 -3.09 10.44
CA VAL A 120 15.27 -2.50 9.74
C VAL A 120 14.44 -1.73 10.76
N ALA A 121 13.97 -0.56 10.35
CA ALA A 121 13.01 0.17 11.14
C ALA A 121 11.69 -0.58 11.16
N THR A 122 11.08 -0.66 12.33
CA THR A 122 9.71 -1.10 12.43
C THR A 122 8.93 -0.02 13.15
N GLY A 123 7.65 -0.26 13.33
CA GLY A 123 6.76 0.76 13.84
C GLY A 123 5.48 0.72 13.06
N SER A 124 5.59 0.40 11.77
CA SER A 124 4.41 0.03 10.98
C SER A 124 4.26 -1.48 11.10
N LEU A 125 3.21 -1.91 11.77
CA LEU A 125 3.10 -3.31 12.18
C LEU A 125 2.95 -4.23 10.98
N GLY A 126 3.41 -5.46 11.15
CA GLY A 126 3.21 -6.48 10.16
C GLY A 126 4.28 -6.58 9.10
N GLN A 127 5.39 -5.84 9.25
CA GLN A 127 6.44 -5.83 8.25
C GLN A 127 7.70 -6.58 8.67
N GLY A 128 7.89 -6.80 9.97
CA GLY A 128 9.14 -7.36 10.43
C GLY A 128 9.37 -8.79 9.95
N LEU A 129 8.30 -9.59 9.85
CA LEU A 129 8.51 -10.98 9.48
C LEU A 129 8.97 -11.11 8.03
N GLY A 130 8.48 -10.25 7.15
CA GLY A 130 8.98 -10.24 5.78
C GLY A 130 10.46 -9.90 5.69
N ALA A 131 10.89 -8.89 6.45
CA ALA A 131 12.32 -8.58 6.50
C ALA A 131 13.12 -9.76 7.04
N ALA A 132 12.58 -10.40 8.09
CA ALA A 132 13.23 -11.58 8.68
C ALA A 132 13.32 -12.72 7.68
N CYS A 133 12.28 -12.89 6.85
CA CYS A 133 12.35 -13.89 5.79
C CYS A 133 13.48 -13.59 4.81
N GLY A 134 13.67 -12.32 4.46
CA GLY A 134 14.78 -11.99 3.58
C GLY A 134 16.11 -12.30 4.22
N MET A 135 16.24 -12.00 5.52
CA MET A 135 17.46 -12.35 6.24
C MET A 135 17.70 -13.84 6.27
N ALA A 136 16.64 -14.62 6.54
CA ALA A 136 16.81 -16.06 6.63
C ALA A 136 17.07 -16.68 5.26
N TYR A 137 16.36 -16.21 4.23
CA TYR A 137 16.65 -16.69 2.89
C TYR A 137 18.10 -16.41 2.52
N THR A 138 18.57 -15.21 2.84
CA THR A 138 19.97 -14.86 2.56
C THR A 138 20.91 -15.77 3.34
N GLY A 139 20.62 -15.99 4.62
CA GLY A 139 21.46 -16.87 5.41
C GLY A 139 21.53 -18.28 4.86
N LYS A 140 20.40 -18.82 4.41
CA LYS A 140 20.37 -20.22 4.02
C LYS A 140 20.88 -20.42 2.60
N TYR A 141 20.56 -19.51 1.68
CA TYR A 141 20.81 -19.76 0.26
C TYR A 141 21.89 -18.87 -0.36
N PHE A 142 22.20 -17.72 0.24
CA PHE A 142 23.22 -16.82 -0.30
C PHE A 142 24.48 -16.86 0.54
N ASP A 143 24.41 -16.44 1.81
CA ASP A 143 25.54 -16.57 2.71
C ASP A 143 25.89 -18.02 2.98
N LYS A 144 24.89 -18.91 2.95
CA LYS A 144 25.05 -20.30 3.36
C LYS A 144 25.79 -20.40 4.70
N ALA A 145 25.29 -19.66 5.68
CA ALA A 145 25.89 -19.53 7.00
C ALA A 145 24.99 -20.13 8.07
N SER A 146 25.50 -20.20 9.29
N SER A 146 25.52 -20.19 9.28
CA SER A 146 24.81 -20.89 10.36
CA SER A 146 24.86 -20.86 10.40
C SER A 146 23.91 -19.98 11.20
C SER A 146 23.86 -19.99 11.13
N TYR A 147 23.89 -18.67 10.93
CA TYR A 147 23.09 -17.79 11.77
C TYR A 147 21.60 -18.06 11.58
N ARG A 148 20.85 -17.87 12.67
CA ARG A 148 19.41 -18.03 12.68
C ARG A 148 18.77 -16.65 12.82
N VAL A 149 17.48 -16.60 12.54
CA VAL A 149 16.74 -15.35 12.48
C VAL A 149 15.51 -15.49 13.35
N TYR A 150 15.34 -14.56 14.29
CA TYR A 150 14.25 -14.59 15.26
C TYR A 150 13.45 -13.31 15.10
N CYS A 151 12.13 -13.45 15.00
CA CYS A 151 11.26 -12.30 14.77
C CYS A 151 10.11 -12.33 15.77
N LEU A 152 9.99 -11.27 16.57
CA LEU A 152 8.95 -11.14 17.59
C LEU A 152 7.81 -10.27 17.08
N LEU A 153 6.60 -10.82 17.08
CA LEU A 153 5.39 -10.15 16.62
C LEU A 153 4.38 -10.02 17.75
N GLY A 154 3.49 -9.03 17.63
CA GLY A 154 2.35 -8.95 18.51
C GLY A 154 1.17 -9.75 17.99
N ASP A 155 0.11 -9.87 18.80
CA ASP A 155 -1.02 -10.65 18.30
C ASP A 155 -2.01 -9.80 17.49
N GLY A 156 -2.28 -8.56 17.90
CA GLY A 156 -3.03 -7.67 17.02
C GLY A 156 -2.34 -7.51 15.68
N GLU A 157 -1.01 -7.44 15.70
CA GLU A 157 -0.20 -7.34 14.49
C GLU A 157 -0.49 -8.45 13.49
N LEU A 158 -0.89 -9.62 13.96
CA LEU A 158 -1.15 -10.75 13.08
C LEU A 158 -2.38 -10.55 12.22
N SER A 159 -3.15 -9.48 12.44
CA SER A 159 -4.21 -9.14 11.50
C SER A 159 -3.70 -8.59 10.18
N GLU A 160 -2.44 -8.18 10.07
CA GLU A 160 -1.93 -7.63 8.82
C GLU A 160 -1.70 -8.73 7.81
N GLY A 161 -2.25 -8.56 6.61
CA GLY A 161 -2.10 -9.59 5.60
C GLY A 161 -0.65 -9.83 5.21
N SER A 162 0.18 -8.79 5.29
CA SER A 162 1.59 -8.94 4.98
C SER A 162 2.24 -10.02 5.83
N VAL A 163 1.80 -10.19 7.07
CA VAL A 163 2.36 -11.25 7.92
C VAL A 163 2.15 -12.60 7.27
N TRP A 164 0.95 -12.84 6.73
CA TRP A 164 0.63 -14.14 6.18
C TRP A 164 1.31 -14.36 4.84
N GLU A 165 1.58 -13.30 4.08
CA GLU A 165 2.46 -13.46 2.92
C GLU A 165 3.81 -13.99 3.33
N ALA A 166 4.35 -13.45 4.43
CA ALA A 166 5.64 -13.91 4.92
C ALA A 166 5.55 -15.33 5.47
N MET A 167 4.47 -15.66 6.19
CA MET A 167 4.30 -17.04 6.65
C MET A 167 4.36 -18.01 5.47
N ALA A 168 3.64 -17.70 4.40
CA ALA A 168 3.60 -18.60 3.25
C ALA A 168 4.96 -18.64 2.54
N PHE A 169 5.62 -17.49 2.42
CA PHE A 169 6.95 -17.43 1.82
C PHE A 169 7.92 -18.35 2.54
N ALA A 170 7.89 -18.32 3.88
CA ALA A 170 8.86 -19.08 4.67
C ALA A 170 8.64 -20.58 4.51
N SER A 171 7.40 -21.02 4.37
N SER A 171 7.38 -21.01 4.38
CA SER A 171 7.22 -22.45 4.18
CA SER A 171 7.09 -22.42 4.14
C SER A 171 7.51 -22.86 2.74
C SER A 171 7.50 -22.84 2.74
N ILE A 172 7.17 -22.03 1.74
CA ILE A 172 7.54 -22.35 0.35
C ILE A 172 9.05 -22.54 0.24
N TYR A 173 9.82 -21.65 0.86
CA TYR A 173 11.27 -21.67 0.72
C TYR A 173 11.96 -22.37 1.87
N LYS A 174 11.21 -23.08 2.71
N LYS A 174 11.22 -23.09 2.71
CA LYS A 174 11.76 -23.99 3.72
CA LYS A 174 11.77 -24.00 3.72
C LYS A 174 12.81 -23.30 4.59
C LYS A 174 12.82 -23.30 4.58
N LEU A 175 12.38 -22.20 5.20
CA LEU A 175 13.26 -21.38 6.03
C LEU A 175 13.31 -21.99 7.43
N ASP A 176 14.07 -23.09 7.52
CA ASP A 176 14.20 -23.79 8.80
C ASP A 176 15.24 -23.14 9.71
N ASN A 177 15.78 -22.00 9.32
CA ASN A 177 16.60 -21.16 10.17
C ASN A 177 15.83 -19.97 10.74
N LEU A 178 14.51 -19.96 10.60
CA LEU A 178 13.65 -18.82 10.97
C LEU A 178 12.69 -19.21 12.07
N VAL A 179 12.58 -18.36 13.09
CA VAL A 179 11.66 -18.55 14.20
C VAL A 179 10.83 -17.29 14.36
N ALA A 180 9.50 -17.45 14.35
CA ALA A 180 8.59 -16.37 14.69
C ALA A 180 8.09 -16.60 16.10
N ILE A 181 8.23 -15.58 16.94
CA ILE A 181 7.67 -15.61 18.30
C ILE A 181 6.45 -14.72 18.31
N LEU A 182 5.31 -15.28 18.69
CA LEU A 182 4.05 -14.56 18.70
C LEU A 182 3.70 -14.24 20.16
N ASP A 183 3.68 -12.95 20.47
CA ASP A 183 3.37 -12.47 21.82
C ASP A 183 1.86 -12.38 21.93
N ILE A 184 1.23 -13.51 22.27
CA ILE A 184 -0.22 -13.57 22.35
C ILE A 184 -0.67 -13.05 23.71
N ASN A 185 -0.63 -11.74 23.90
CA ASN A 185 -0.99 -11.14 25.17
C ASN A 185 -2.46 -10.69 25.21
N ARG A 186 -3.27 -11.16 24.25
CA ARG A 186 -4.73 -11.10 24.29
C ARG A 186 -5.28 -9.78 23.78
N LEU A 187 -4.51 -8.70 23.89
CA LEU A 187 -5.02 -7.35 23.70
C LEU A 187 -4.27 -6.65 22.58
N GLY A 188 -4.99 -5.86 21.79
CA GLY A 188 -4.39 -4.89 20.89
C GLY A 188 -4.34 -3.52 21.51
N GLN A 189 -4.53 -2.49 20.69
CA GLN A 189 -4.42 -1.13 21.20
C GLN A 189 -5.70 -0.67 21.86
N SER A 190 -6.85 -0.94 21.25
CA SER A 190 -8.11 -0.32 21.67
C SER A 190 -9.17 -1.36 22.02
N ASP A 191 -8.81 -2.63 22.04
CA ASP A 191 -9.74 -3.72 22.31
C ASP A 191 -8.94 -5.01 22.35
N PRO A 192 -9.52 -6.11 22.83
CA PRO A 192 -8.85 -7.41 22.67
C PRO A 192 -8.58 -7.70 21.20
N ALA A 193 -7.47 -8.40 20.95
CA ALA A 193 -7.23 -8.91 19.60
C ALA A 193 -8.30 -9.94 19.26
N PRO A 194 -8.66 -10.09 17.98
CA PRO A 194 -9.81 -10.95 17.64
C PRO A 194 -9.79 -12.32 18.28
N LEU A 195 -8.66 -13.01 18.29
CA LEU A 195 -8.65 -14.37 18.80
C LEU A 195 -8.38 -14.46 20.30
N GLN A 196 -8.06 -13.35 20.97
CA GLN A 196 -7.75 -13.35 22.40
C GLN A 196 -6.81 -14.50 22.77
N HIS A 197 -7.18 -15.35 23.71
CA HIS A 197 -6.29 -16.43 24.13
C HIS A 197 -6.74 -17.79 23.61
N GLN A 198 -7.38 -17.81 22.43
CA GLN A 198 -7.68 -19.09 21.77
C GLN A 198 -6.41 -19.60 21.10
N MET A 199 -5.52 -20.15 21.94
CA MET A 199 -4.21 -20.55 21.45
C MET A 199 -4.31 -21.61 20.36
N ASP A 200 -5.34 -22.45 20.42
N ASP A 200 -5.33 -22.46 20.42
CA ASP A 200 -5.48 -23.53 19.44
CA ASP A 200 -5.44 -23.53 19.42
C ASP A 200 -5.73 -22.98 18.04
C ASP A 200 -5.72 -22.98 18.03
N ILE A 201 -6.45 -21.87 17.93
CA ILE A 201 -6.72 -21.29 16.61
CA ILE A 201 -6.72 -21.28 16.62
C ILE A 201 -5.43 -20.70 16.03
N TYR A 202 -4.62 -20.05 16.86
CA TYR A 202 -3.32 -19.59 16.35
C TYR A 202 -2.49 -20.76 15.84
N GLN A 203 -2.45 -21.86 16.60
CA GLN A 203 -1.68 -23.03 16.16
C GLN A 203 -2.22 -23.57 14.84
N LYS A 204 -3.54 -23.69 14.71
CA LYS A 204 -4.10 -24.20 13.45
C LYS A 204 -3.73 -23.31 12.28
N ARG A 205 -3.77 -21.99 12.46
CA ARG A 205 -3.46 -21.10 11.36
C ARG A 205 -1.99 -21.20 10.97
N CYS A 206 -1.09 -21.22 11.94
CA CYS A 206 0.33 -21.36 11.62
C CYS A 206 0.62 -22.69 10.95
N GLU A 207 0.03 -23.77 11.45
CA GLU A 207 0.25 -25.09 10.86
C GLU A 207 -0.30 -25.18 9.44
N ALA A 208 -1.49 -24.60 9.21
CA ALA A 208 -2.08 -24.61 7.88
C ALA A 208 -1.20 -23.90 6.86
N PHE A 209 -0.40 -22.95 7.32
CA PHE A 209 0.55 -22.24 6.46
C PHE A 209 1.94 -22.86 6.50
N GLY A 210 2.06 -24.08 7.03
CA GLY A 210 3.28 -24.84 6.86
C GLY A 210 4.32 -24.67 7.94
N TRP A 211 3.99 -24.00 9.03
CA TRP A 211 4.96 -23.81 10.10
C TRP A 211 4.81 -24.90 11.15
N HIS A 212 5.93 -25.25 11.77
CA HIS A 212 5.90 -26.05 12.99
C HIS A 212 5.52 -25.12 14.13
N ALA A 213 4.42 -25.41 14.80
CA ALA A 213 3.80 -24.47 15.73
C ALA A 213 3.78 -25.05 17.13
N ILE A 214 4.38 -24.33 18.08
CA ILE A 214 4.47 -24.78 19.48
C ILE A 214 3.82 -23.73 20.37
N ILE A 215 2.81 -24.14 21.14
CA ILE A 215 2.20 -23.28 22.15
C ILE A 215 3.01 -23.38 23.44
N VAL A 216 3.33 -22.23 24.04
CA VAL A 216 4.10 -22.20 25.27
C VAL A 216 3.49 -21.18 26.22
N ASP A 217 3.79 -21.36 27.49
CA ASP A 217 3.60 -20.32 28.50
C ASP A 217 4.68 -19.27 28.28
N GLY A 218 4.28 -18.11 27.76
CA GLY A 218 5.22 -17.05 27.43
C GLY A 218 5.93 -16.44 28.62
N HIS A 219 5.52 -16.77 29.84
CA HIS A 219 6.20 -16.26 31.02
C HIS A 219 6.96 -17.35 31.75
N SER A 220 7.12 -18.52 31.12
CA SER A 220 7.92 -19.61 31.67
C SER A 220 9.28 -19.62 30.96
N VAL A 221 10.33 -19.15 31.63
CA VAL A 221 11.65 -19.17 30.99
C VAL A 221 12.05 -20.60 30.63
N GLU A 222 11.59 -21.59 31.40
CA GLU A 222 11.99 -22.95 31.09
C GLU A 222 11.33 -23.45 29.82
N GLU A 223 10.03 -23.19 29.64
CA GLU A 223 9.36 -23.63 28.41
C GLU A 223 9.92 -22.91 27.20
N LEU A 224 10.27 -21.63 27.35
CA LEU A 224 10.87 -20.89 26.25
C LEU A 224 12.25 -21.44 25.89
N CYS A 225 13.09 -21.70 26.89
CA CYS A 225 14.39 -22.30 26.61
C CYS A 225 14.24 -23.58 25.80
N LYS A 226 13.30 -24.43 26.20
CA LYS A 226 13.13 -25.72 25.55
C LYS A 226 12.58 -25.55 24.13
N ALA A 227 11.58 -24.70 23.96
CA ALA A 227 10.97 -24.50 22.65
C ALA A 227 11.96 -23.91 21.65
N PHE A 228 12.78 -22.95 22.10
CA PHE A 228 13.81 -22.38 21.25
C PHE A 228 14.98 -23.34 21.02
N GLY A 229 15.16 -24.31 21.91
CA GLY A 229 16.34 -25.15 21.86
C GLY A 229 16.31 -26.28 20.84
N GLN A 230 15.15 -26.54 20.23
CA GLN A 230 15.02 -27.62 19.26
C GLN A 230 14.89 -27.04 17.85
N ALA A 231 15.92 -27.23 17.03
CA ALA A 231 15.84 -26.85 15.63
C ALA A 231 14.83 -27.75 14.90
N LYS A 232 14.29 -27.25 13.79
CA LYS A 232 13.27 -27.95 13.04
C LYS A 232 13.64 -27.99 11.55
N HIS A 233 12.83 -28.72 10.78
CA HIS A 233 12.96 -28.75 9.34
C HIS A 233 12.01 -27.80 8.64
N GLN A 234 11.24 -27.03 9.40
CA GLN A 234 10.31 -26.03 8.88
C GLN A 234 10.57 -24.74 9.63
N PRO A 235 10.09 -23.60 9.11
CA PRO A 235 10.02 -22.41 9.95
C PRO A 235 9.19 -22.73 11.19
N THR A 236 9.60 -22.18 12.34
CA THR A 236 9.00 -22.52 13.62
C THR A 236 8.27 -21.33 14.22
N ALA A 237 7.02 -21.52 14.63
CA ALA A 237 6.22 -20.49 15.28
C ALA A 237 6.11 -20.83 16.76
N ILE A 238 6.67 -19.98 17.61
CA ILE A 238 6.54 -20.15 19.05
C ILE A 238 5.38 -19.25 19.47
N ILE A 239 4.28 -19.88 19.84
CA ILE A 239 3.01 -19.19 20.08
C ILE A 239 2.90 -19.04 21.58
N ALA A 240 3.22 -17.84 22.08
CA ALA A 240 3.47 -17.61 23.50
C ALA A 240 2.24 -16.98 24.14
N LYS A 241 1.59 -17.73 25.05
CA LYS A 241 0.49 -17.19 25.84
C LYS A 241 1.05 -16.29 26.93
N THR A 242 0.74 -15.01 26.85
CA THR A 242 1.29 -13.99 27.74
C THR A 242 0.16 -13.09 28.23
N PHE A 243 0.47 -12.24 29.20
CA PHE A 243 -0.47 -11.22 29.64
C PHE A 243 0.15 -9.84 29.43
N LYS A 244 -0.62 -8.95 28.80
CA LYS A 244 -0.13 -7.60 28.57
C LYS A 244 0.10 -6.93 29.92
N GLY A 245 1.21 -6.20 30.03
CA GLY A 245 1.54 -5.64 31.34
C GLY A 245 1.90 -6.66 32.40
N ARG A 246 2.32 -7.86 31.99
CA ARG A 246 2.74 -8.88 32.94
C ARG A 246 3.68 -8.33 34.00
N GLY A 247 3.35 -8.55 35.27
CA GLY A 247 4.19 -8.15 36.37
C GLY A 247 3.84 -6.80 36.96
N ILE A 248 2.91 -6.07 36.35
CA ILE A 248 2.46 -4.78 36.86
C ILE A 248 1.11 -5.02 37.53
N THR A 249 1.13 -5.06 38.86
N THR A 249 1.12 -5.06 38.86
CA THR A 249 -0.11 -5.30 39.60
CA THR A 249 -0.08 -5.44 39.60
C THR A 249 -1.10 -4.18 39.35
C THR A 249 -1.24 -4.49 39.31
N GLY A 250 -2.35 -4.56 39.13
N GLY A 250 -2.39 -5.08 38.98
CA GLY A 250 -3.39 -3.62 38.77
CA GLY A 250 -3.57 -4.31 38.63
C GLY A 250 -3.44 -3.26 37.31
C GLY A 250 -3.64 -3.86 37.18
N VAL A 251 -2.50 -3.76 36.50
CA VAL A 251 -2.46 -3.40 35.09
C VAL A 251 -2.41 -4.66 34.23
N GLU A 252 -1.77 -5.71 34.73
CA GLU A 252 -1.67 -6.96 33.99
C GLU A 252 -3.04 -7.43 33.51
N ASP A 253 -3.13 -7.70 32.20
CA ASP A 253 -4.30 -8.24 31.52
C ASP A 253 -5.47 -7.25 31.45
N LYS A 254 -5.22 -5.96 31.64
N LYS A 254 -5.23 -5.96 31.64
CA LYS A 254 -6.25 -4.93 31.63
CA LYS A 254 -6.29 -4.96 31.64
C LYS A 254 -6.28 -4.15 30.32
C LYS A 254 -6.29 -4.14 30.36
N GLU A 255 -7.48 -3.78 29.90
CA GLU A 255 -7.62 -2.83 28.80
C GLU A 255 -7.29 -1.42 29.29
N SER A 256 -7.25 -0.48 28.35
CA SER A 256 -7.05 0.95 28.57
CA SER A 256 -7.06 0.95 28.58
C SER A 256 -5.63 1.31 28.97
N TRP A 257 -4.64 0.44 28.71
CA TRP A 257 -3.26 0.72 29.06
C TRP A 257 -2.29 0.64 27.90
N HIS A 258 -2.75 0.43 26.68
CA HIS A 258 -1.83 0.40 25.55
C HIS A 258 -1.23 1.78 25.30
N GLY A 259 0.11 1.85 25.25
CA GLY A 259 0.76 3.13 25.00
C GLY A 259 0.58 4.13 26.11
N LYS A 260 0.30 3.67 27.32
CA LYS A 260 0.14 4.53 28.48
C LYS A 260 1.29 4.29 29.44
N PRO A 261 2.14 5.28 29.69
CA PRO A 261 3.19 5.10 30.69
C PRO A 261 2.62 5.13 32.11
N LEU A 262 3.37 4.54 33.03
CA LEU A 262 2.96 4.64 34.43
C LEU A 262 3.32 6.02 34.97
N PRO A 263 2.44 6.63 35.75
CA PRO A 263 2.83 7.85 36.48
C PRO A 263 3.95 7.53 37.46
N LYS A 264 4.73 8.57 37.77
CA LYS A 264 5.93 8.41 38.57
C LYS A 264 5.67 7.69 39.89
N ASN A 265 4.63 8.11 40.63
CA ASN A 265 4.37 7.48 41.93
C ASN A 265 4.06 6.00 41.77
N MET A 266 3.33 5.64 40.72
CA MET A 266 3.00 4.25 40.47
C MET A 266 4.22 3.48 40.00
N ALA A 267 5.02 4.06 39.10
CA ALA A 267 6.23 3.39 38.63
C ALA A 267 7.16 3.04 39.80
N GLU A 268 7.30 3.96 40.75
CA GLU A 268 8.18 3.70 41.89
C GLU A 268 7.67 2.53 42.72
N GLN A 269 6.36 2.49 42.96
CA GLN A 269 5.80 1.40 43.74
C GLN A 269 5.95 0.07 43.01
N ILE A 270 5.62 0.06 41.72
CA ILE A 270 5.68 -1.16 40.93
C ILE A 270 7.12 -1.67 40.82
N ILE A 271 8.07 -0.76 40.57
CA ILE A 271 9.46 -1.16 40.42
C ILE A 271 9.97 -1.80 41.71
N GLN A 272 9.59 -1.24 42.87
CA GLN A 272 10.00 -1.86 44.13
C GLN A 272 9.46 -3.29 44.24
N GLU A 273 8.21 -3.51 43.79
N GLU A 273 8.21 -3.51 43.81
CA GLU A 273 7.64 -4.86 43.87
CA GLU A 273 7.64 -4.85 43.85
C GLU A 273 8.38 -5.82 42.93
C GLU A 273 8.42 -5.80 42.95
N ILE A 274 8.70 -5.37 41.71
CA ILE A 274 9.43 -6.23 40.79
C ILE A 274 10.84 -6.48 41.29
N TYR A 275 11.51 -5.44 41.79
N TYR A 275 11.52 -5.43 41.77
CA TYR A 275 12.87 -5.60 42.29
CA TYR A 275 12.87 -5.60 42.31
C TYR A 275 12.94 -6.59 43.44
C TYR A 275 12.92 -6.63 43.43
N SER A 276 11.87 -6.68 44.25
CA SER A 276 11.84 -7.65 45.35
C SER A 276 11.81 -9.09 44.84
N GLN A 277 11.50 -9.31 43.56
N GLN A 277 11.51 -9.31 43.56
CA GLN A 277 11.48 -10.64 42.98
CA GLN A 277 11.48 -10.65 42.99
C GLN A 277 12.83 -11.07 42.40
C GLN A 277 12.80 -11.06 42.35
N ILE A 278 13.78 -10.15 42.30
CA ILE A 278 15.06 -10.41 41.64
C ILE A 278 16.02 -11.00 42.66
N GLN A 279 16.53 -12.21 42.38
CA GLN A 279 17.36 -12.89 43.36
C GLN A 279 18.83 -12.50 43.30
N SER A 280 19.35 -12.16 42.12
CA SER A 280 20.76 -11.80 42.00
C SER A 280 20.93 -10.65 41.02
N LYS A 281 21.88 -9.75 41.33
CA LYS A 281 22.23 -8.66 40.44
C LYS A 281 23.16 -9.10 39.32
N LYS A 282 23.77 -10.29 39.42
CA LYS A 282 24.73 -10.72 38.42
C LYS A 282 24.04 -10.97 37.09
N LYS A 283 24.69 -10.52 36.01
CA LYS A 283 24.13 -10.59 34.67
C LYS A 283 24.70 -11.76 33.90
N ILE A 284 23.89 -12.31 33.00
CA ILE A 284 24.30 -13.34 32.06
C ILE A 284 25.06 -12.72 30.91
N LEU A 285 26.08 -13.41 30.41
CA LEU A 285 26.85 -12.95 29.27
C LEU A 285 26.29 -13.54 27.97
N ALA A 286 26.30 -12.72 26.93
CA ALA A 286 25.98 -13.21 25.60
C ALA A 286 27.03 -14.22 25.14
N THR A 287 26.60 -15.16 24.29
CA THR A 287 27.48 -16.18 23.75
C THR A 287 27.71 -15.92 22.27
N PRO A 288 28.95 -15.93 21.79
CA PRO A 288 29.26 -15.45 20.42
C PRO A 288 28.95 -16.50 19.37
N PRO A 289 28.87 -16.10 18.11
CA PRO A 289 28.44 -17.02 17.04
C PRO A 289 29.59 -17.76 16.37
N GLN A 290 29.22 -18.77 15.58
CA GLN A 290 30.16 -19.42 14.67
C GLN A 290 30.36 -18.52 13.46
N GLU A 291 31.62 -18.25 13.11
CA GLU A 291 31.92 -17.20 12.13
C GLU A 291 32.10 -17.81 10.75
N ASP A 292 30.98 -18.15 10.11
CA ASP A 292 31.03 -18.78 8.80
C ASP A 292 30.29 -18.00 7.72
N ALA A 293 29.88 -16.76 7.98
CA ALA A 293 29.39 -15.96 6.87
C ALA A 293 30.56 -15.55 5.98
N PRO A 294 30.39 -15.60 4.67
CA PRO A 294 31.50 -15.29 3.75
C PRO A 294 31.72 -13.80 3.62
N SER A 295 32.90 -13.45 3.13
N SER A 295 32.90 -13.45 3.13
CA SER A 295 33.18 -12.05 2.83
CA SER A 295 33.19 -12.06 2.82
C SER A 295 32.38 -11.61 1.59
C SER A 295 32.36 -11.61 1.62
N VAL A 296 32.04 -10.33 1.55
N VAL A 296 32.05 -10.32 1.57
CA VAL A 296 31.25 -9.76 0.47
CA VAL A 296 31.26 -9.74 0.49
C VAL A 296 31.97 -8.54 -0.07
C VAL A 296 32.01 -8.54 -0.07
N ASP A 297 32.18 -8.51 -1.39
CA ASP A 297 32.81 -7.37 -2.03
C ASP A 297 31.90 -6.16 -1.99
N ILE A 298 32.50 -4.99 -1.79
CA ILE A 298 31.78 -3.73 -1.71
C ILE A 298 32.09 -2.83 -2.90
N ALA A 299 32.83 -3.34 -3.88
CA ALA A 299 33.31 -2.51 -4.97
C ALA A 299 32.17 -2.09 -5.90
N ASN A 300 32.44 -1.02 -6.66
N ASN A 300 32.43 -1.06 -6.71
CA ASN A 300 31.57 -0.59 -7.75
CA ASN A 300 31.43 -0.57 -7.65
C ASN A 300 31.20 -1.76 -8.64
C ASN A 300 31.22 -1.59 -8.77
N ILE A 301 29.96 -1.80 -9.11
CA ILE A 301 29.52 -2.82 -10.05
C ILE A 301 29.40 -2.22 -11.43
N ARG A 302 30.09 -2.80 -12.40
CA ARG A 302 30.13 -2.29 -13.76
C ARG A 302 29.60 -3.32 -14.73
N MET A 303 28.79 -2.87 -15.69
CA MET A 303 28.38 -3.72 -16.79
C MET A 303 29.62 -4.30 -17.50
N PRO A 304 29.56 -5.55 -17.96
CA PRO A 304 30.72 -6.15 -18.63
C PRO A 304 31.07 -5.51 -19.98
N SER A 305 30.18 -4.70 -20.54
CA SER A 305 30.42 -4.04 -21.81
C SER A 305 29.41 -2.92 -21.96
N LEU A 306 29.67 -2.05 -22.94
CA LEU A 306 28.73 -1.03 -23.30
C LEU A 306 27.44 -1.66 -23.82
N PRO A 307 26.35 -0.90 -23.87
CA PRO A 307 25.13 -1.42 -24.51
C PRO A 307 25.41 -1.75 -25.96
N SER A 308 24.67 -2.71 -26.50
CA SER A 308 24.89 -3.17 -27.86
C SER A 308 23.64 -3.02 -28.71
N TYR A 309 22.85 -1.97 -28.45
CA TYR A 309 21.71 -1.64 -29.29
C TYR A 309 22.17 -0.88 -30.52
N LYS A 310 21.27 -0.75 -31.49
CA LYS A 310 21.50 0.04 -32.69
C LYS A 310 20.45 1.12 -32.79
N VAL A 311 20.90 2.38 -32.95
CA VAL A 311 19.99 3.48 -33.19
C VAL A 311 19.04 3.13 -34.32
N GLY A 312 17.74 3.33 -34.08
CA GLY A 312 16.70 2.97 -35.00
C GLY A 312 16.00 1.67 -34.70
N ASP A 313 16.71 0.72 -34.06
CA ASP A 313 16.05 -0.51 -33.65
C ASP A 313 15.00 -0.23 -32.59
N LYS A 314 13.98 -1.06 -32.55
CA LYS A 314 12.85 -0.91 -31.64
C LYS A 314 12.98 -1.89 -30.49
N ILE A 315 12.83 -1.41 -29.26
CA ILE A 315 12.72 -2.30 -28.11
C ILE A 315 11.98 -1.55 -27.01
N ALA A 316 11.08 -2.24 -26.33
CA ALA A 316 10.41 -1.66 -25.17
C ALA A 316 11.37 -1.59 -24.00
N THR A 317 11.27 -0.53 -23.20
CA THR A 317 12.22 -0.44 -22.08
C THR A 317 12.01 -1.55 -21.06
N ARG A 318 10.81 -2.16 -21.00
CA ARG A 318 10.65 -3.29 -20.09
C ARG A 318 11.53 -4.47 -20.51
N LYS A 319 11.65 -4.74 -21.82
CA LYS A 319 12.54 -5.82 -22.25
C LYS A 319 14.00 -5.43 -22.07
N ALA A 320 14.35 -4.18 -22.37
CA ALA A 320 15.72 -3.73 -22.12
C ALA A 320 16.08 -3.88 -20.65
N TYR A 321 15.12 -3.70 -19.75
CA TYR A 321 15.43 -3.88 -18.33
C TYR A 321 15.87 -5.31 -18.05
N GLY A 322 15.09 -6.28 -18.52
CA GLY A 322 15.47 -7.67 -18.27
C GLY A 322 16.79 -8.02 -18.91
N GLN A 323 17.03 -7.53 -20.13
CA GLN A 323 18.32 -7.80 -20.75
C GLN A 323 19.46 -7.19 -19.95
N ALA A 324 19.26 -5.96 -19.48
CA ALA A 324 20.31 -5.27 -18.72
C ALA A 324 20.54 -5.91 -17.36
N LEU A 325 19.47 -6.34 -16.69
CA LEU A 325 19.63 -6.96 -15.37
C LEU A 325 20.38 -8.28 -15.48
N ALA A 326 20.03 -9.10 -16.48
CA ALA A 326 20.77 -10.34 -16.68
C ALA A 326 22.22 -10.06 -17.04
N LYS A 327 22.46 -9.02 -17.85
CA LYS A 327 23.83 -8.66 -18.18
C LYS A 327 24.62 -8.28 -16.93
N LEU A 328 24.02 -7.44 -16.09
CA LEU A 328 24.68 -7.03 -14.86
C LEU A 328 24.96 -8.21 -13.95
N GLY A 329 24.05 -9.19 -13.93
CA GLY A 329 24.26 -10.38 -13.13
C GLY A 329 25.51 -11.15 -13.48
N HIS A 330 26.01 -11.02 -14.71
CA HIS A 330 27.26 -11.69 -15.09
C HIS A 330 28.49 -10.97 -14.56
N ALA A 331 28.36 -9.70 -14.17
CA ALA A 331 29.50 -8.94 -13.69
C ALA A 331 29.65 -9.01 -12.17
N SER A 332 28.56 -9.20 -11.44
CA SER A 332 28.61 -9.24 -9.99
C SER A 332 27.69 -10.32 -9.47
N ASP A 333 28.21 -11.16 -8.57
CA ASP A 333 27.38 -12.15 -7.90
C ASP A 333 26.53 -11.56 -6.79
N ARG A 334 26.65 -10.26 -6.53
CA ARG A 334 25.83 -9.64 -5.48
C ARG A 334 24.43 -9.32 -5.97
N ILE A 335 24.22 -9.28 -7.28
CA ILE A 335 22.90 -8.92 -7.81
C ILE A 335 21.93 -10.08 -7.61
N ILE A 336 20.79 -9.80 -7.00
CA ILE A 336 19.70 -10.77 -6.94
C ILE A 336 18.45 -10.10 -7.49
N ALA A 337 17.55 -10.91 -8.00
CA ALA A 337 16.31 -10.41 -8.59
C ALA A 337 15.11 -11.05 -7.92
N LEU A 338 14.05 -10.25 -7.74
CA LEU A 338 12.80 -10.68 -7.14
C LEU A 338 11.66 -10.22 -8.03
N ASP A 339 10.60 -11.02 -8.13
CA ASP A 339 9.48 -10.64 -8.99
C ASP A 339 8.23 -11.31 -8.44
N GLY A 340 7.08 -10.67 -8.65
CA GLY A 340 5.83 -11.18 -8.14
C GLY A 340 4.92 -11.81 -9.17
N ASP A 341 5.33 -12.99 -9.68
CA ASP A 341 4.62 -13.73 -10.73
C ASP A 341 4.36 -12.86 -11.97
N THR A 342 5.25 -11.91 -12.26
CA THR A 342 5.14 -11.12 -13.48
C THR A 342 6.42 -11.17 -14.32
N LYS A 343 7.26 -12.20 -14.12
CA LYS A 343 8.58 -12.19 -14.75
C LYS A 343 8.52 -12.23 -16.29
N ASN A 344 7.45 -12.78 -16.85
CA ASN A 344 7.32 -12.79 -18.32
C ASN A 344 6.86 -11.45 -18.87
N SER A 345 6.29 -10.60 -18.04
CA SER A 345 5.85 -9.26 -18.40
C SER A 345 6.88 -8.19 -18.09
N THR A 346 7.62 -8.32 -16.98
CA THR A 346 8.69 -7.37 -16.67
C THR A 346 9.99 -7.73 -17.34
N PHE A 347 10.10 -8.97 -17.82
CA PHE A 347 11.29 -9.58 -18.42
C PHE A 347 12.40 -9.84 -17.42
N SER A 348 12.10 -9.81 -16.12
CA SER A 348 13.03 -10.38 -15.17
C SER A 348 13.24 -11.88 -15.39
N GLU A 349 12.38 -12.52 -16.19
CA GLU A 349 12.60 -13.92 -16.54
C GLU A 349 13.95 -14.12 -17.25
N ILE A 350 14.46 -13.10 -17.91
CA ILE A 350 15.76 -13.23 -18.57
C ILE A 350 16.85 -13.45 -17.53
N PHE A 351 16.78 -12.71 -16.41
CA PHE A 351 17.72 -12.93 -15.32
C PHE A 351 17.53 -14.30 -14.70
N LYS A 352 16.27 -14.75 -14.53
CA LYS A 352 16.04 -16.08 -13.98
C LYS A 352 16.67 -17.15 -14.86
N LYS A 353 16.58 -16.99 -16.18
CA LYS A 353 17.15 -17.96 -17.10
C LYS A 353 18.65 -18.07 -16.93
N GLU A 354 19.34 -16.95 -16.79
CA GLU A 354 20.79 -16.97 -16.79
C GLU A 354 21.38 -17.11 -15.41
N HIS A 355 20.66 -16.72 -14.35
CA HIS A 355 21.17 -16.75 -12.97
C HIS A 355 20.09 -17.28 -12.03
N PRO A 356 19.61 -18.51 -12.27
CA PRO A 356 18.45 -18.99 -11.49
C PRO A 356 18.68 -19.04 -10.00
N ASP A 357 19.92 -19.26 -9.56
CA ASP A 357 20.16 -19.35 -8.13
C ASP A 357 19.95 -18.01 -7.42
N ARG A 358 19.96 -16.90 -8.15
CA ARG A 358 19.83 -15.57 -7.55
C ARG A 358 18.49 -14.91 -7.86
N PHE A 359 17.53 -15.66 -8.40
CA PHE A 359 16.16 -15.19 -8.63
C PHE A 359 15.26 -15.71 -7.52
N ILE A 360 14.40 -14.84 -6.99
CA ILE A 360 13.46 -15.21 -5.94
C ILE A 360 12.06 -14.94 -6.47
N GLU A 361 11.33 -16.01 -6.77
CA GLU A 361 9.91 -15.88 -7.09
C GLU A 361 9.14 -15.54 -5.82
N CYS A 362 8.52 -14.37 -5.80
CA CYS A 362 7.80 -13.95 -4.61
C CYS A 362 6.30 -14.12 -4.72
N TYR A 363 5.81 -14.56 -5.88
CA TYR A 363 4.39 -14.80 -6.14
C TYR A 363 3.62 -13.49 -5.99
N ILE A 364 2.29 -13.56 -5.97
CA ILE A 364 1.46 -12.35 -6.13
C ILE A 364 1.32 -11.75 -4.74
N ALA A 365 2.40 -11.12 -4.28
CA ALA A 365 2.51 -10.64 -2.91
C ALA A 365 3.54 -9.53 -2.85
N GLU A 366 3.15 -8.34 -3.32
CA GLU A 366 4.10 -7.24 -3.51
C GLU A 366 4.60 -6.68 -2.19
N GLN A 367 3.75 -6.66 -1.16
N GLN A 367 3.73 -6.61 -1.18
CA GLN A 367 4.19 -6.16 0.14
CA GLN A 367 4.17 -6.19 0.15
C GLN A 367 5.34 -6.99 0.69
C GLN A 367 5.38 -7.00 0.59
N ASN A 368 5.19 -8.32 0.63
CA ASN A 368 6.25 -9.18 1.10
C ASN A 368 7.47 -9.09 0.22
N MET A 369 7.27 -8.96 -1.10
CA MET A 369 8.43 -8.89 -1.98
C MET A 369 9.35 -7.73 -1.60
N VAL A 370 8.77 -6.56 -1.34
CA VAL A 370 9.61 -5.42 -0.95
C VAL A 370 10.29 -5.70 0.38
N SER A 371 9.56 -6.31 1.32
CA SER A 371 10.17 -6.61 2.62
C SER A 371 11.28 -7.66 2.49
N ILE A 372 11.09 -8.64 1.61
CA ILE A 372 12.18 -9.61 1.35
C ILE A 372 13.42 -8.88 0.85
N ALA A 373 13.24 -7.97 -0.11
CA ALA A 373 14.37 -7.24 -0.67
C ALA A 373 15.08 -6.44 0.41
N VAL A 374 14.32 -5.77 1.28
CA VAL A 374 14.94 -5.01 2.37
C VAL A 374 15.76 -5.94 3.25
N GLY A 375 15.18 -7.09 3.61
CA GLY A 375 15.91 -8.05 4.43
C GLY A 375 17.16 -8.56 3.75
N CYS A 376 17.09 -8.85 2.45
CA CYS A 376 18.28 -9.30 1.71
C CYS A 376 19.36 -8.22 1.64
N ALA A 377 18.99 -6.94 1.66
CA ALA A 377 19.99 -5.89 1.56
C ALA A 377 20.61 -5.53 2.90
N THR A 378 20.03 -5.98 4.02
CA THR A 378 20.61 -5.61 5.31
C THR A 378 22.02 -6.14 5.40
N ARG A 379 22.86 -5.38 6.12
CA ARG A 379 24.29 -5.67 6.26
C ARG A 379 24.98 -5.83 4.90
N ASN A 380 24.39 -5.22 3.87
CA ASN A 380 24.95 -5.18 2.53
C ASN A 380 25.23 -6.56 1.96
N ARG A 381 24.41 -7.57 2.30
CA ARG A 381 24.73 -8.92 1.86
C ARG A 381 24.43 -9.15 0.39
N THR A 382 23.45 -8.44 -0.16
CA THR A 382 23.08 -8.55 -1.57
C THR A 382 22.70 -7.19 -2.11
N VAL A 383 22.58 -7.10 -3.43
CA VAL A 383 22.09 -5.92 -4.12
C VAL A 383 20.82 -6.30 -4.86
N PRO A 384 19.64 -6.06 -4.26
CA PRO A 384 18.39 -6.60 -4.82
C PRO A 384 17.72 -5.68 -5.82
N PHE A 385 17.16 -6.30 -6.86
CA PHE A 385 16.31 -5.66 -7.85
C PHE A 385 14.96 -6.37 -7.84
N CYS A 386 13.91 -5.70 -7.38
CA CYS A 386 12.55 -6.24 -7.36
CA CYS A 386 12.59 -6.32 -7.42
C CYS A 386 11.72 -5.66 -8.49
N SER A 387 10.81 -6.45 -9.05
CA SER A 387 10.05 -5.96 -10.19
C SER A 387 8.63 -6.52 -10.20
N THR A 388 7.73 -5.69 -10.71
CA THR A 388 6.34 -6.01 -10.98
C THR A 388 5.84 -4.89 -11.89
N PHE A 389 4.54 -4.84 -12.16
CA PHE A 389 3.99 -3.65 -12.81
C PHE A 389 4.11 -2.48 -11.85
N ALA A 390 4.47 -1.31 -12.35
CA ALA A 390 4.60 -0.15 -11.45
C ALA A 390 3.30 0.13 -10.68
N ALA A 391 2.14 -0.13 -11.29
CA ALA A 391 0.87 0.07 -10.60
C ALA A 391 0.80 -0.74 -9.32
N PHE A 392 1.36 -1.95 -9.32
CA PHE A 392 1.24 -2.80 -8.15
C PHE A 392 2.32 -2.50 -7.10
N PHE A 393 3.26 -1.61 -7.37
CA PHE A 393 4.06 -1.15 -6.25
C PHE A 393 3.26 -0.25 -5.31
N THR A 394 2.10 0.30 -5.76
CA THR A 394 1.27 1.01 -4.78
C THR A 394 0.80 0.07 -3.68
N ARG A 395 0.74 -1.24 -3.96
N ARG A 395 0.72 -1.23 -3.95
CA ARG A 395 0.36 -2.22 -2.95
CA ARG A 395 0.34 -2.21 -2.94
C ARG A 395 1.35 -2.28 -1.82
C ARG A 395 1.36 -2.30 -1.81
N ALA A 396 2.60 -1.87 -2.07
CA ALA A 396 3.70 -1.98 -1.13
C ALA A 396 4.20 -0.61 -0.68
N PHE A 397 3.38 0.44 -0.75
CA PHE A 397 3.89 1.78 -0.44
C PHE A 397 4.37 1.89 1.02
N ASP A 398 3.64 1.27 1.97
CA ASP A 398 4.08 1.36 3.37
C ASP A 398 5.41 0.63 3.57
N GLN A 399 5.61 -0.49 2.87
CA GLN A 399 6.90 -1.18 2.94
C GLN A 399 8.01 -0.33 2.34
N ILE A 400 7.72 0.36 1.23
CA ILE A 400 8.70 1.24 0.62
C ILE A 400 8.99 2.44 1.53
N ARG A 401 7.93 3.01 2.11
CA ARG A 401 8.08 4.11 3.06
C ARG A 401 8.96 3.69 4.22
N MET A 402 8.70 2.50 4.78
CA MET A 402 9.50 2.04 5.90
C MET A 402 10.91 1.65 5.46
N ALA A 403 11.07 1.24 4.20
CA ALA A 403 12.40 0.95 3.70
C ALA A 403 13.27 2.19 3.72
N ALA A 404 12.71 3.37 3.41
CA ALA A 404 13.50 4.59 3.52
C ALA A 404 13.82 4.92 4.98
N ILE A 405 12.85 4.73 5.88
CA ILE A 405 13.14 4.93 7.29
C ILE A 405 14.19 3.93 7.75
N SER A 406 14.26 2.77 7.09
CA SER A 406 15.29 1.77 7.35
C SER A 406 16.62 2.06 6.64
N GLU A 407 16.73 3.18 5.92
CA GLU A 407 17.94 3.52 5.16
C GLU A 407 18.36 2.37 4.26
N SER A 408 17.38 1.72 3.66
CA SER A 408 17.62 0.52 2.86
C SER A 408 18.08 0.89 1.47
N ASN A 409 19.01 0.08 0.94
CA ASN A 409 19.42 0.22 -0.46
C ASN A 409 18.78 -0.92 -1.26
N ILE A 410 17.61 -0.66 -1.81
CA ILE A 410 16.94 -1.60 -2.69
C ILE A 410 16.59 -0.91 -4.00
N ASN A 411 16.46 -1.73 -5.03
CA ASN A 411 16.16 -1.27 -6.37
C ASN A 411 14.83 -1.86 -6.80
N LEU A 412 13.96 -1.02 -7.34
N LEU A 412 13.96 -1.03 -7.36
CA LEU A 412 12.61 -1.42 -7.74
CA LEU A 412 12.61 -1.42 -7.74
C LEU A 412 12.39 -1.01 -9.17
C LEU A 412 12.38 -1.00 -9.18
N CYS A 413 11.95 -1.94 -10.01
CA CYS A 413 11.63 -1.66 -11.40
C CYS A 413 10.16 -1.96 -11.63
N GLY A 414 9.40 -0.93 -11.97
CA GLY A 414 7.99 -1.12 -12.26
C GLY A 414 7.68 -0.89 -13.72
N SER A 415 7.08 -1.89 -14.36
N SER A 415 7.07 -1.88 -14.35
CA SER A 415 6.79 -1.85 -15.78
CA SER A 415 6.80 -1.86 -15.78
C SER A 415 5.38 -1.33 -16.04
C SER A 415 5.37 -1.41 -16.03
N HIS A 416 5.00 -1.32 -17.32
CA HIS A 416 3.62 -1.07 -17.71
C HIS A 416 3.10 0.27 -17.20
N CYS A 417 3.94 1.30 -17.30
CA CYS A 417 3.52 2.60 -16.82
C CYS A 417 2.61 3.28 -17.84
N GLY A 418 1.61 4.01 -17.32
CA GLY A 418 0.83 4.92 -18.14
C GLY A 418 -0.26 4.25 -18.97
N VAL A 419 -0.97 5.11 -19.71
CA VAL A 419 -2.00 4.64 -20.62
C VAL A 419 -1.42 3.92 -21.82
N SER A 420 -0.11 4.04 -22.06
CA SER A 420 0.40 3.43 -23.28
C SER A 420 0.42 1.92 -23.24
N ILE A 421 0.06 1.28 -22.13
CA ILE A 421 -0.09 -0.18 -22.18
C ILE A 421 -1.29 -0.58 -23.02
N GLY A 422 -2.26 0.31 -23.16
CA GLY A 422 -3.41 0.03 -24.01
C GLY A 422 -4.52 -0.78 -23.37
N GLU A 423 -4.77 -1.97 -23.90
CA GLU A 423 -6.08 -2.60 -23.78
C GLU A 423 -6.41 -3.10 -22.38
N ASP A 424 -5.42 -3.37 -21.53
CA ASP A 424 -5.73 -3.87 -20.20
C ASP A 424 -6.56 -2.88 -19.37
N GLY A 425 -6.42 -1.58 -19.61
CA GLY A 425 -7.19 -0.60 -18.86
C GLY A 425 -6.49 -0.17 -17.59
N PRO A 426 -7.16 0.70 -16.82
CA PRO A 426 -6.49 1.46 -15.76
C PRO A 426 -6.01 0.65 -14.57
N SER A 427 -6.62 -0.52 -14.29
CA SER A 427 -6.16 -1.29 -13.13
C SER A 427 -4.69 -1.66 -13.25
N GLN A 428 -4.18 -1.76 -14.48
CA GLN A 428 -2.80 -2.12 -14.74
C GLN A 428 -1.91 -0.92 -15.05
N MET A 429 -2.47 0.29 -15.08
CA MET A 429 -1.75 1.47 -15.56
C MET A 429 -1.16 2.24 -14.40
N ALA A 430 0.17 2.36 -14.35
CA ALA A 430 0.81 3.18 -13.34
C ALA A 430 0.69 4.64 -13.74
N LEU A 431 -0.02 5.41 -12.94
CA LEU A 431 -0.24 6.83 -13.22
C LEU A 431 0.03 7.68 -11.99
N GLU A 432 0.52 7.07 -10.92
CA GLU A 432 0.75 7.76 -9.65
C GLU A 432 2.06 7.29 -9.05
N ASP A 433 2.84 6.48 -9.78
CA ASP A 433 4.09 5.94 -9.27
C ASP A 433 5.19 6.99 -9.16
N LEU A 434 5.19 7.99 -10.06
CA LEU A 434 6.15 9.08 -9.88
C LEU A 434 5.83 9.89 -8.63
N ALA A 435 4.55 10.20 -8.40
CA ALA A 435 4.17 10.85 -7.15
C ALA A 435 4.61 10.03 -5.95
N MET A 436 4.31 8.72 -5.98
CA MET A 436 4.64 7.85 -4.86
C MET A 436 6.14 7.83 -4.60
N PHE A 437 6.92 7.52 -5.63
CA PHE A 437 8.34 7.35 -5.37
C PHE A 437 9.05 8.67 -5.13
N ARG A 438 8.60 9.77 -5.75
CA ARG A 438 9.20 11.07 -5.44
C ARG A 438 8.99 11.45 -3.98
N SER A 439 7.92 10.98 -3.35
CA SER A 439 7.65 11.32 -1.95
C SER A 439 8.43 10.46 -0.96
N VAL A 440 9.22 9.51 -1.45
CA VAL A 440 10.06 8.68 -0.59
C VAL A 440 11.41 9.37 -0.44
N PRO A 441 11.79 9.80 0.77
N PRO A 441 11.83 9.70 0.78
CA PRO A 441 12.83 10.83 0.87
CA PRO A 441 13.19 10.19 0.98
C PRO A 441 14.22 10.42 0.37
C PRO A 441 14.21 9.16 0.57
N THR A 442 14.52 9.12 0.32
N THR A 442 15.37 9.65 0.14
CA THR A 442 15.82 8.60 -0.10
CA THR A 442 16.45 8.88 -0.47
C THR A 442 15.84 8.13 -1.54
C THR A 442 16.09 8.31 -1.83
N SER A 443 14.88 8.52 -2.34
CA SER A 443 14.61 7.89 -3.63
C SER A 443 15.40 8.57 -4.75
N THR A 444 15.76 7.77 -5.74
CA THR A 444 16.22 8.22 -7.05
C THR A 444 15.27 7.62 -8.06
N VAL A 445 14.72 8.45 -8.94
CA VAL A 445 13.67 8.01 -9.85
C VAL A 445 14.20 8.09 -11.27
N PHE A 446 14.47 6.93 -11.85
CA PHE A 446 14.90 6.82 -13.25
C PHE A 446 13.69 6.58 -14.14
N TYR A 447 13.64 7.28 -15.26
CA TYR A 447 12.60 7.06 -16.26
C TYR A 447 13.29 6.96 -17.62
N PRO A 448 13.82 5.78 -17.96
CA PRO A 448 14.59 5.66 -19.20
C PRO A 448 13.69 5.66 -20.41
N SER A 449 14.13 6.35 -21.47
CA SER A 449 13.28 6.53 -22.63
C SER A 449 13.59 5.58 -23.78
N ASP A 450 14.74 4.89 -23.75
CA ASP A 450 15.01 3.87 -24.75
C ASP A 450 15.87 2.78 -24.10
N GLY A 451 16.25 1.78 -24.92
CA GLY A 451 16.96 0.64 -24.36
C GLY A 451 18.33 1.00 -23.82
N VAL A 452 19.01 1.95 -24.45
CA VAL A 452 20.33 2.35 -23.97
C VAL A 452 20.21 3.02 -22.60
N ALA A 453 19.30 3.98 -22.48
CA ALA A 453 19.10 4.64 -21.19
C ALA A 453 18.69 3.65 -20.11
N THR A 454 17.95 2.61 -20.49
CA THR A 454 17.51 1.61 -19.52
C THR A 454 18.69 0.82 -18.97
N GLU A 455 19.58 0.36 -19.85
CA GLU A 455 20.76 -0.36 -19.38
C GLU A 455 21.62 0.54 -18.50
N LYS A 456 21.74 1.81 -18.88
CA LYS A 456 22.52 2.73 -18.06
C LYS A 456 21.87 2.97 -16.72
N ALA A 457 20.54 3.03 -16.69
CA ALA A 457 19.85 3.24 -15.42
C ALA A 457 20.01 2.04 -14.49
N VAL A 458 19.97 0.83 -15.04
CA VAL A 458 20.19 -0.36 -14.22
C VAL A 458 21.57 -0.32 -13.59
N GLU A 459 22.58 0.04 -14.37
CA GLU A 459 23.94 0.09 -13.85
C GLU A 459 24.09 1.17 -12.79
N LEU A 460 23.59 2.37 -13.07
CA LEU A 460 23.65 3.44 -12.08
C LEU A 460 22.89 3.07 -10.81
N ALA A 461 21.67 2.52 -10.97
CA ALA A 461 20.89 2.14 -9.80
C ALA A 461 21.66 1.17 -8.91
N ALA A 462 22.35 0.19 -9.52
CA ALA A 462 23.09 -0.78 -8.72
C ALA A 462 24.08 -0.10 -7.77
N ASN A 463 24.64 1.04 -8.18
CA ASN A 463 25.69 1.70 -7.44
C ASN A 463 25.19 2.92 -6.67
N THR A 464 23.88 3.12 -6.59
CA THR A 464 23.30 4.27 -5.93
C THR A 464 22.61 3.84 -4.64
N LYS A 465 22.93 4.52 -3.54
CA LYS A 465 22.27 4.22 -2.27
C LYS A 465 20.82 4.71 -2.28
N GLY A 466 20.01 4.12 -1.41
CA GLY A 466 18.65 4.58 -1.22
C GLY A 466 17.64 3.76 -2.01
N ILE A 467 16.43 4.31 -2.11
CA ILE A 467 15.34 3.65 -2.80
C ILE A 467 15.40 4.04 -4.27
N CYS A 468 15.95 3.16 -5.11
CA CYS A 468 16.02 3.42 -6.53
C CYS A 468 14.82 2.83 -7.25
N PHE A 469 14.13 3.66 -8.06
CA PHE A 469 12.99 3.23 -8.86
C PHE A 469 13.31 3.43 -10.33
N ILE A 470 13.05 2.41 -11.15
CA ILE A 470 13.19 2.48 -12.60
C ILE A 470 11.82 2.23 -13.21
N ARG A 471 11.30 3.23 -13.94
CA ARG A 471 9.99 3.16 -14.58
C ARG A 471 10.14 2.65 -16.01
N THR A 472 9.64 1.46 -16.30
CA THR A 472 9.72 0.94 -17.67
C THR A 472 8.34 0.90 -18.33
N SER A 473 8.37 0.74 -19.65
CA SER A 473 7.22 0.96 -20.52
C SER A 473 7.02 -0.21 -21.46
N ARG A 474 5.79 -0.33 -21.97
CA ARG A 474 5.39 -1.41 -22.86
C ARG A 474 5.61 -1.12 -24.35
N PRO A 475 5.39 0.11 -24.85
CA PRO A 475 5.61 0.35 -26.29
C PRO A 475 7.04 0.08 -26.71
N GLU A 476 7.18 -0.60 -27.84
N GLU A 476 7.21 -0.38 -27.95
CA GLU A 476 8.47 -0.67 -28.49
CA GLU A 476 8.53 -0.74 -28.51
C GLU A 476 8.72 0.69 -29.11
C GLU A 476 9.10 0.43 -29.32
N ASN A 477 9.74 1.36 -28.63
CA ASN A 477 10.17 2.63 -29.21
C ASN A 477 11.59 2.52 -29.74
N ALA A 478 11.91 3.44 -30.65
CA ALA A 478 13.22 3.41 -31.29
C ALA A 478 14.32 3.69 -30.28
N ILE A 479 15.45 3.00 -30.46
CA ILE A 479 16.68 3.44 -29.84
C ILE A 479 17.06 4.80 -30.41
N ILE A 480 17.29 5.78 -29.54
CA ILE A 480 17.72 7.10 -29.97
C ILE A 480 19.11 7.46 -29.51
N TYR A 481 19.68 6.80 -28.50
CA TYR A 481 20.99 7.14 -27.99
C TYR A 481 22.07 6.25 -28.58
N ASN A 482 23.23 6.84 -28.86
CA ASN A 482 24.41 6.03 -29.15
C ASN A 482 24.75 5.15 -27.94
N ASN A 483 25.31 3.97 -28.23
CA ASN A 483 25.69 3.04 -27.16
C ASN A 483 26.69 3.64 -26.20
N ASN A 484 27.52 4.58 -26.65
CA ASN A 484 28.56 5.16 -25.81
C ASN A 484 28.13 6.49 -25.19
N GLU A 485 26.85 6.84 -25.28
CA GLU A 485 26.35 8.03 -24.58
C GLU A 485 26.53 7.88 -23.08
N ASP A 486 27.05 8.92 -22.44
CA ASP A 486 27.30 8.88 -21.00
C ASP A 486 26.07 9.34 -20.24
N PHE A 487 25.69 8.57 -19.22
CA PHE A 487 24.53 8.89 -18.39
C PHE A 487 24.93 9.04 -16.93
N GLN A 488 24.30 9.97 -16.23
CA GLN A 488 24.55 10.21 -14.81
C GLN A 488 23.25 10.56 -14.12
N VAL A 489 23.16 10.21 -12.84
CA VAL A 489 22.02 10.63 -12.02
C VAL A 489 21.95 12.14 -12.00
N GLY A 490 20.77 12.69 -12.24
CA GLY A 490 20.58 14.12 -12.20
C GLY A 490 20.97 14.87 -13.46
N GLN A 491 21.33 14.17 -14.53
CA GLN A 491 21.73 14.82 -15.78
C GLN A 491 20.74 14.44 -16.87
N ALA A 492 20.08 15.45 -17.44
CA ALA A 492 19.12 15.25 -18.52
C ALA A 492 19.84 15.25 -19.87
N LYS A 493 19.07 15.04 -20.93
CA LYS A 493 19.61 15.03 -22.29
C LYS A 493 18.73 15.85 -23.20
N VAL A 494 19.34 16.75 -23.97
CA VAL A 494 18.65 17.43 -25.06
C VAL A 494 18.82 16.56 -26.30
N VAL A 495 17.73 15.97 -26.77
CA VAL A 495 17.79 15.00 -27.86
C VAL A 495 17.41 15.61 -29.20
N LEU A 496 17.00 16.88 -29.22
CA LEU A 496 16.69 17.58 -30.46
C LEU A 496 16.78 19.07 -30.20
N LYS A 497 17.55 19.80 -31.00
CA LYS A 497 17.60 21.24 -30.82
C LYS A 497 18.03 21.93 -32.10
N SER A 498 17.74 23.22 -32.14
CA SER A 498 18.19 24.11 -33.20
C SER A 498 18.26 25.52 -32.61
N LYS A 499 18.85 26.44 -33.36
CA LYS A 499 18.93 27.81 -32.88
C LYS A 499 17.60 28.54 -32.98
N ASP A 500 16.58 27.95 -33.61
CA ASP A 500 15.29 28.59 -33.81
C ASP A 500 14.18 27.94 -33.00
N ASP A 501 14.51 27.27 -31.91
CA ASP A 501 13.50 26.54 -31.16
C ASP A 501 12.55 27.50 -30.45
N GLN A 502 11.26 27.21 -30.55
N GLN A 502 11.25 27.20 -30.52
CA GLN A 502 10.21 28.08 -30.00
CA GLN A 502 10.26 28.08 -29.93
C GLN A 502 9.72 27.63 -28.63
C GLN A 502 9.73 27.59 -28.60
N VAL A 503 9.97 26.38 -28.24
N VAL A 503 9.88 26.30 -28.29
CA VAL A 503 9.59 25.90 -26.93
CA VAL A 503 9.48 25.71 -27.02
C VAL A 503 10.46 24.68 -26.63
C VAL A 503 10.52 24.67 -26.65
N THR A 504 10.76 24.48 -25.35
CA THR A 504 11.44 23.28 -24.87
C THR A 504 10.39 22.29 -24.41
N VAL A 505 10.30 21.16 -25.10
CA VAL A 505 9.34 20.12 -24.75
C VAL A 505 10.04 19.04 -23.95
N ILE A 506 9.56 18.79 -22.73
CA ILE A 506 10.11 17.80 -21.83
C ILE A 506 9.19 16.59 -21.85
N GLY A 507 9.72 15.45 -22.26
CA GLY A 507 8.95 14.22 -22.29
C GLY A 507 9.80 13.09 -21.74
N ALA A 508 9.16 11.95 -21.52
CA ALA A 508 9.89 10.80 -21.00
C ALA A 508 9.20 9.52 -21.45
N GLY A 509 10.00 8.47 -21.68
CA GLY A 509 9.41 7.23 -22.17
C GLY A 509 8.57 7.51 -23.40
N VAL A 510 7.34 7.02 -23.41
CA VAL A 510 6.53 7.14 -24.62
C VAL A 510 6.30 8.60 -25.00
N THR A 511 6.22 9.50 -24.01
CA THR A 511 5.96 10.88 -24.42
C THR A 511 7.21 11.59 -24.94
N LEU A 512 8.41 11.09 -24.66
CA LEU A 512 9.57 11.60 -25.38
C LEU A 512 9.45 11.28 -26.87
N HIS A 513 9.07 10.04 -27.19
CA HIS A 513 8.94 9.66 -28.58
C HIS A 513 7.78 10.37 -29.25
N GLU A 514 6.69 10.61 -28.51
CA GLU A 514 5.62 11.41 -29.09
C GLU A 514 6.08 12.85 -29.32
N ALA A 515 6.95 13.37 -28.46
CA ALA A 515 7.47 14.72 -28.67
C ALA A 515 8.33 14.80 -29.92
N LEU A 516 9.17 13.78 -30.13
CA LEU A 516 9.97 13.71 -31.35
C LEU A 516 9.08 13.63 -32.59
N ALA A 517 7.98 12.88 -32.51
CA ALA A 517 7.03 12.84 -33.62
C ALA A 517 6.35 14.18 -33.82
N ALA A 518 6.02 14.87 -32.72
CA ALA A 518 5.44 16.22 -32.84
C ALA A 518 6.42 17.18 -33.49
N ALA A 519 7.71 17.08 -33.14
CA ALA A 519 8.70 17.94 -33.77
C ALA A 519 8.69 17.77 -35.28
N GLU A 520 8.53 16.53 -35.76
CA GLU A 520 8.47 16.31 -37.20
C GLU A 520 7.22 16.93 -37.82
N LEU A 521 6.08 16.82 -37.15
CA LEU A 521 4.87 17.49 -37.62
C LEU A 521 5.07 18.99 -37.66
N LEU A 522 5.72 19.54 -36.64
CA LEU A 522 5.85 20.99 -36.53
C LEU A 522 6.81 21.57 -37.57
N LYS A 523 7.82 20.80 -37.98
CA LYS A 523 8.78 21.32 -38.95
C LYS A 523 8.12 21.62 -40.29
N LYS A 524 7.10 20.84 -40.65
CA LYS A 524 6.32 21.15 -41.85
C LYS A 524 5.65 22.52 -41.75
N GLU A 525 5.46 23.03 -40.53
CA GLU A 525 4.92 24.36 -40.31
C GLU A 525 6.00 25.37 -39.98
N LYS A 526 7.27 25.03 -40.21
CA LYS A 526 8.41 25.90 -39.92
C LYS A 526 8.47 26.27 -38.44
N ILE A 527 8.15 25.30 -37.58
CA ILE A 527 8.24 25.46 -36.14
C ILE A 527 9.22 24.43 -35.60
N ASN A 528 10.32 24.90 -35.02
CA ASN A 528 11.30 24.05 -34.37
C ASN A 528 11.04 24.02 -32.87
N ILE A 529 11.15 22.83 -32.27
CA ILE A 529 11.04 22.69 -30.83
C ILE A 529 12.27 21.96 -30.31
N ARG A 530 12.73 22.36 -29.13
CA ARG A 530 13.77 21.65 -28.41
C ARG A 530 13.11 20.52 -27.61
N VAL A 531 13.72 19.35 -27.60
CA VAL A 531 13.15 18.19 -26.91
C VAL A 531 14.14 17.70 -25.87
N LEU A 532 13.70 17.58 -24.62
CA LEU A 532 14.56 17.25 -23.49
C LEU A 532 14.07 16.00 -22.78
N ASP A 533 15.01 15.10 -22.48
CA ASP A 533 14.76 13.82 -21.82
C ASP A 533 15.36 13.88 -20.43
N PRO A 534 14.54 13.91 -19.36
CA PRO A 534 15.11 14.16 -18.02
C PRO A 534 16.05 13.07 -17.54
N PHE A 535 15.81 11.82 -17.95
CA PHE A 535 16.52 10.62 -17.53
C PHE A 535 16.22 10.26 -16.08
N THR A 536 16.56 11.12 -15.11
CA THR A 536 16.04 10.99 -13.75
C THR A 536 15.01 12.09 -13.49
N ILE A 537 13.86 11.70 -12.91
CA ILE A 537 12.87 12.67 -12.51
C ILE A 537 13.24 13.25 -11.15
N LYS A 538 13.92 12.46 -10.34
CA LYS A 538 14.44 12.85 -9.05
C LYS A 538 15.81 12.21 -8.93
N PRO A 539 16.89 13.01 -8.83
CA PRO A 539 16.85 14.47 -8.88
C PRO A 539 16.71 14.97 -10.31
N LEU A 540 16.20 16.19 -10.44
CA LEU A 540 15.90 16.79 -11.72
C LEU A 540 17.03 17.72 -12.15
N ASP A 541 17.40 17.67 -13.42
CA ASP A 541 18.47 18.52 -13.96
C ASP A 541 17.91 19.92 -14.18
N ARG A 542 17.80 20.65 -13.07
CA ARG A 542 17.25 22.00 -13.11
C ARG A 542 18.05 22.91 -14.04
N LYS A 543 19.38 22.77 -14.02
N LYS A 543 19.38 22.78 -14.01
CA LYS A 543 20.24 23.65 -14.81
CA LYS A 543 20.21 23.68 -14.81
C LYS A 543 19.98 23.50 -16.30
C LYS A 543 19.96 23.50 -16.31
N LEU A 544 19.97 22.25 -16.79
CA LEU A 544 19.76 22.04 -18.22
C LEU A 544 18.36 22.45 -18.65
N ILE A 545 17.35 22.21 -17.80
CA ILE A 545 15.99 22.63 -18.12
C ILE A 545 15.92 24.14 -18.29
N LEU A 546 16.51 24.89 -17.34
CA LEU A 546 16.46 26.35 -17.42
C LEU A 546 17.32 26.87 -18.58
N ASP A 547 18.52 26.32 -18.76
CA ASP A 547 19.34 26.75 -19.89
C ASP A 547 18.60 26.49 -21.20
N SER A 548 17.91 25.36 -21.30
CA SER A 548 17.11 25.11 -22.51
C SER A 548 16.00 26.13 -22.66
N ALA A 549 15.26 26.38 -21.58
CA ALA A 549 14.13 27.30 -21.64
C ALA A 549 14.57 28.68 -22.08
N ARG A 550 15.74 29.13 -21.60
CA ARG A 550 16.22 30.45 -21.98
C ARG A 550 16.59 30.53 -23.46
N ALA A 551 16.90 29.40 -24.10
CA ALA A 551 17.11 29.37 -25.54
C ALA A 551 15.81 29.26 -26.33
N THR A 552 14.68 28.98 -25.65
CA THR A 552 13.41 28.80 -26.34
C THR A 552 12.37 29.76 -25.80
N LYS A 553 12.75 31.02 -25.66
CA LYS A 553 11.84 32.12 -25.32
C LYS A 553 11.20 31.93 -23.94
N GLY A 554 11.87 31.20 -23.05
CA GLY A 554 11.38 30.96 -21.71
C GLY A 554 10.31 29.88 -21.61
N ARG A 555 9.93 29.26 -22.72
CA ARG A 555 8.75 28.41 -22.79
C ARG A 555 9.12 26.94 -22.54
N ILE A 556 8.44 26.33 -21.57
CA ILE A 556 8.57 24.91 -21.29
C ILE A 556 7.21 24.25 -21.47
N LEU A 557 7.21 23.08 -22.09
CA LEU A 557 6.03 22.23 -22.16
C LEU A 557 6.42 20.86 -21.65
N THR A 558 5.79 20.39 -20.58
CA THR A 558 6.03 19.04 -20.09
CA THR A 558 6.02 19.04 -20.05
C THR A 558 4.86 18.15 -20.46
N VAL A 559 5.17 16.95 -20.94
CA VAL A 559 4.14 16.00 -21.33
C VAL A 559 4.49 14.65 -20.74
N GLU A 560 3.54 14.05 -20.02
CA GLU A 560 3.85 12.84 -19.26
C GLU A 560 2.67 11.88 -19.24
N ASP A 561 3.00 10.58 -19.24
CA ASP A 561 2.02 9.51 -19.14
C ASP A 561 1.88 9.14 -17.65
N HIS A 562 1.21 10.05 -16.93
CA HIS A 562 1.10 10.07 -15.47
C HIS A 562 0.03 11.09 -15.15
N TYR A 563 -0.57 10.96 -13.97
CA TYR A 563 -1.50 11.98 -13.51
C TYR A 563 -0.78 13.32 -13.28
N TYR A 564 -1.56 14.39 -13.12
CA TYR A 564 -0.96 15.73 -13.01
C TYR A 564 -0.17 15.89 -11.72
N GLU A 565 -0.61 15.30 -10.62
CA GLU A 565 -0.06 15.60 -9.30
C GLU A 565 1.16 14.74 -9.02
N GLY A 566 2.25 15.38 -8.62
CA GLY A 566 3.43 14.71 -8.12
C GLY A 566 4.35 14.12 -9.18
N GLY A 567 4.06 14.33 -10.45
CA GLY A 567 4.83 13.77 -11.56
C GLY A 567 5.84 14.74 -12.16
N ILE A 568 6.13 14.55 -13.45
CA ILE A 568 7.18 15.32 -14.11
C ILE A 568 6.83 16.80 -14.15
N GLY A 569 5.59 17.12 -14.57
CA GLY A 569 5.17 18.51 -14.70
C GLY A 569 5.28 19.28 -13.40
N GLU A 570 4.84 18.68 -12.29
CA GLU A 570 4.91 19.37 -11.00
C GLU A 570 6.36 19.48 -10.52
N ALA A 571 7.17 18.45 -10.76
CA ALA A 571 8.59 18.54 -10.45
C ALA A 571 9.24 19.70 -11.20
N VAL A 572 8.95 19.82 -12.50
CA VAL A 572 9.53 20.90 -13.28
C VAL A 572 9.02 22.25 -12.78
N SER A 573 7.70 22.37 -12.57
CA SER A 573 7.14 23.65 -12.13
C SER A 573 7.72 24.06 -10.79
N SER A 574 7.89 23.11 -9.88
CA SER A 574 8.46 23.43 -8.57
C SER A 574 9.92 23.85 -8.69
N ALA A 575 10.64 23.29 -9.67
CA ALA A 575 12.04 23.65 -9.84
C ALA A 575 12.22 25.05 -10.41
N VAL A 576 11.31 25.48 -11.29
CA VAL A 576 11.54 26.72 -12.05
C VAL A 576 10.67 27.88 -11.60
N VAL A 577 9.71 27.67 -10.69
CA VAL A 577 8.76 28.72 -10.35
C VAL A 577 9.50 29.96 -9.85
N GLY A 578 9.06 31.12 -10.33
CA GLY A 578 9.66 32.39 -9.97
C GLY A 578 10.80 32.84 -10.87
N GLU A 579 11.32 31.98 -11.72
CA GLU A 579 12.42 32.38 -12.59
C GLU A 579 11.92 33.35 -13.65
N PRO A 580 12.56 34.50 -13.82
CA PRO A 580 12.00 35.53 -14.72
C PRO A 580 11.88 35.03 -16.15
N GLY A 581 10.71 35.26 -16.74
CA GLY A 581 10.47 34.95 -18.13
C GLY A 581 10.14 33.51 -18.44
N ILE A 582 10.16 32.62 -17.44
CA ILE A 582 9.92 31.21 -17.66
C ILE A 582 8.43 30.92 -17.53
N THR A 583 7.89 30.16 -18.48
CA THR A 583 6.51 29.69 -18.41
C THR A 583 6.49 28.19 -18.63
N VAL A 584 5.55 27.50 -17.96
CA VAL A 584 5.42 26.05 -18.04
C VAL A 584 3.98 25.70 -18.40
N THR A 585 3.82 24.96 -19.50
CA THR A 585 2.55 24.33 -19.85
C THR A 585 2.67 22.85 -19.55
N HIS A 586 1.60 22.25 -19.04
CA HIS A 586 1.66 20.89 -18.51
C HIS A 586 0.60 20.05 -19.20
N LEU A 587 1.03 18.96 -19.84
CA LEU A 587 0.13 17.96 -20.41
C LEU A 587 0.31 16.66 -19.65
N ALA A 588 -0.79 16.14 -19.10
CA ALA A 588 -0.76 14.88 -18.36
C ALA A 588 -2.13 14.23 -18.50
N VAL A 589 -2.34 13.14 -17.77
CA VAL A 589 -3.59 12.38 -17.78
C VAL A 589 -4.50 12.96 -16.70
N ASN A 590 -5.72 13.38 -17.08
CA ASN A 590 -6.51 14.16 -16.14
C ASN A 590 -7.56 13.36 -15.38
N ARG A 591 -7.66 12.05 -15.60
CA ARG A 591 -8.72 11.26 -14.95
C ARG A 591 -8.43 9.79 -15.17
N VAL A 592 -9.17 8.94 -14.47
CA VAL A 592 -9.00 7.48 -14.63
C VAL A 592 -9.21 7.11 -16.08
N PRO A 593 -8.29 6.38 -16.71
CA PRO A 593 -8.48 6.03 -18.13
C PRO A 593 -9.36 4.83 -18.36
N ARG A 594 -9.16 4.18 -19.51
CA ARG A 594 -10.05 3.16 -20.02
C ARG A 594 -9.28 2.36 -21.07
N SER A 595 -9.93 1.33 -21.62
CA SER A 595 -9.28 0.45 -22.58
C SER A 595 -9.31 1.01 -23.99
N GLY A 596 -8.23 0.80 -24.71
CA GLY A 596 -8.15 1.07 -26.13
C GLY A 596 -6.74 0.75 -26.56
N LYS A 597 -6.47 0.94 -27.86
CA LYS A 597 -5.11 0.76 -28.32
C LYS A 597 -4.19 1.84 -27.73
N PRO A 598 -2.91 1.54 -27.56
CA PRO A 598 -1.99 2.54 -26.98
C PRO A 598 -2.05 3.90 -27.64
N ALA A 599 -2.00 3.96 -28.98
CA ALA A 599 -2.07 5.24 -29.66
C ALA A 599 -3.41 5.94 -29.43
N GLU A 600 -4.49 5.16 -29.36
CA GLU A 600 -5.81 5.75 -29.13
C GLU A 600 -5.89 6.39 -27.76
N LEU A 601 -5.30 5.75 -26.74
CA LEU A 601 -5.37 6.30 -25.40
C LEU A 601 -4.44 7.51 -25.24
N LEU A 602 -3.27 7.49 -25.90
CA LEU A 602 -2.41 8.67 -25.85
C LEU A 602 -3.14 9.88 -26.41
N LYS A 603 -3.94 9.68 -27.47
CA LYS A 603 -4.71 10.77 -28.06
C LYS A 603 -5.88 11.17 -27.17
N MET A 604 -6.65 10.18 -26.69
CA MET A 604 -7.79 10.48 -25.85
C MET A 604 -7.40 11.30 -24.62
N PHE A 605 -6.25 10.99 -24.02
CA PHE A 605 -5.87 11.67 -22.79
C PHE A 605 -4.88 12.78 -23.05
N GLY A 606 -4.70 13.17 -24.31
CA GLY A 606 -4.09 14.44 -24.62
C GLY A 606 -2.60 14.50 -24.42
N ILE A 607 -1.89 13.40 -24.69
CA ILE A 607 -0.44 13.38 -24.49
C ILE A 607 0.28 12.77 -25.69
N ASP A 608 -0.38 12.73 -26.85
CA ASP A 608 0.24 12.20 -28.06
C ASP A 608 0.85 13.33 -28.90
N ARG A 609 1.47 12.94 -30.02
CA ARG A 609 2.14 13.89 -30.89
C ARG A 609 1.21 15.02 -31.32
N ASP A 610 -0.07 14.71 -31.59
CA ASP A 610 -0.99 15.74 -32.06
C ASP A 610 -1.38 16.70 -30.94
N ALA A 611 -1.59 16.19 -29.73
CA ALA A 611 -1.84 17.07 -28.60
C ALA A 611 -0.63 17.96 -28.30
N ILE A 612 0.58 17.40 -28.45
CA ILE A 612 1.79 18.17 -28.20
C ILE A 612 1.92 19.29 -29.22
N ALA A 613 1.75 18.96 -30.51
CA ALA A 613 1.87 19.97 -31.56
C ALA A 613 0.83 21.07 -31.38
N GLN A 614 -0.40 20.69 -31.02
CA GLN A 614 -1.46 21.67 -30.80
C GLN A 614 -1.10 22.59 -29.64
N ALA A 615 -0.54 22.04 -28.57
CA ALA A 615 -0.13 22.86 -27.44
C ALA A 615 0.98 23.82 -27.84
N VAL A 616 1.95 23.35 -28.62
CA VAL A 616 3.02 24.22 -29.11
C VAL A 616 2.44 25.34 -29.97
N ARG A 617 1.53 24.99 -30.88
CA ARG A 617 0.91 26.01 -31.72
C ARG A 617 0.18 27.05 -30.89
N GLY A 618 -0.50 26.63 -29.83
CA GLY A 618 -1.21 27.57 -28.97
C GLY A 618 -0.28 28.49 -28.19
N LEU A 619 0.90 27.99 -27.81
CA LEU A 619 1.84 28.82 -27.05
C LEU A 619 2.41 29.93 -27.90
N ILE A 620 2.76 29.63 -29.16
CA ILE A 620 3.41 30.60 -30.01
C ILE A 620 2.46 31.76 -30.35
N THR A 621 1.17 31.48 -30.42
CA THR A 621 0.18 32.51 -30.73
C THR A 621 -0.03 33.49 -29.56
N GLU B 2 -37.16 -20.38 -1.18
CA GLU B 2 -36.03 -20.42 -0.27
C GLU B 2 -35.42 -21.82 -0.22
N SER B 3 -36.23 -22.84 -0.52
CA SER B 3 -35.71 -24.19 -0.58
C SER B 3 -34.76 -24.35 -1.75
N TYR B 4 -33.75 -25.21 -1.57
CA TYR B 4 -32.88 -25.58 -2.67
C TYR B 4 -33.67 -26.30 -3.75
N HIS B 5 -33.52 -25.86 -5.00
CA HIS B 5 -34.13 -26.56 -6.13
C HIS B 5 -33.11 -27.56 -6.64
N LYS B 6 -33.32 -28.85 -6.35
CA LYS B 6 -32.36 -29.86 -6.78
C LYS B 6 -32.51 -30.10 -8.27
N PRO B 7 -31.49 -29.79 -9.09
CA PRO B 7 -31.70 -29.77 -10.55
C PRO B 7 -31.80 -31.17 -11.13
N ASP B 8 -32.59 -31.27 -12.20
CA ASP B 8 -32.70 -32.52 -12.94
C ASP B 8 -31.60 -32.60 -14.01
N GLN B 9 -31.54 -33.75 -14.69
CA GLN B 9 -30.50 -33.96 -15.68
C GLN B 9 -30.56 -32.94 -16.81
N GLN B 10 -31.77 -32.53 -17.21
N GLN B 10 -31.77 -32.51 -17.20
CA GLN B 10 -31.89 -31.56 -18.30
CA GLN B 10 -31.86 -31.57 -18.31
C GLN B 10 -31.37 -30.19 -17.88
C GLN B 10 -31.40 -30.17 -17.89
N LYS B 11 -31.71 -29.75 -16.65
CA LYS B 11 -31.15 -28.52 -16.13
C LYS B 11 -29.63 -28.60 -16.04
N LEU B 12 -29.10 -29.75 -15.58
CA LEU B 12 -27.65 -29.92 -15.52
C LEU B 12 -27.03 -29.83 -16.91
N GLN B 13 -27.64 -30.48 -17.91
CA GLN B 13 -27.08 -30.41 -19.27
C GLN B 13 -27.15 -28.98 -19.81
N ALA B 14 -28.24 -28.25 -19.50
CA ALA B 14 -28.34 -26.86 -19.92
C ALA B 14 -27.25 -26.02 -19.28
N LEU B 15 -26.90 -26.33 -18.02
CA LEU B 15 -25.82 -25.60 -17.36
C LEU B 15 -24.49 -25.90 -18.01
N LYS B 16 -24.26 -27.16 -18.40
N LYS B 16 -24.27 -27.16 -18.41
CA LYS B 16 -23.07 -27.50 -19.16
CA LYS B 16 -23.07 -27.50 -19.15
C LYS B 16 -23.04 -26.77 -20.49
C LYS B 16 -23.04 -26.81 -20.51
N ASP B 17 -24.17 -26.78 -21.21
CA ASP B 17 -24.27 -26.06 -22.47
C ASP B 17 -23.94 -24.59 -22.27
N THR B 18 -24.45 -24.01 -21.18
CA THR B 18 -24.17 -22.61 -20.88
C THR B 18 -22.68 -22.40 -20.66
N ALA B 19 -22.07 -23.26 -19.85
CA ALA B 19 -20.63 -23.13 -19.60
C ALA B 19 -19.84 -23.15 -20.89
N ASN B 20 -20.25 -24.02 -21.84
CA ASN B 20 -19.53 -24.10 -23.09
C ASN B 20 -19.80 -22.90 -24.00
N ARG B 21 -21.02 -22.33 -23.96
CA ARG B 21 -21.24 -21.05 -24.63
C ARG B 21 -20.34 -19.96 -24.06
N LEU B 22 -20.20 -19.93 -22.72
CA LEU B 22 -19.33 -18.94 -22.09
C LEU B 22 -17.88 -19.12 -22.52
N ARG B 23 -17.42 -20.37 -22.68
CA ARG B 23 -16.08 -20.61 -23.23
C ARG B 23 -15.94 -20.02 -24.63
N ILE B 24 -16.87 -20.37 -25.52
CA ILE B 24 -16.82 -19.89 -26.89
C ILE B 24 -16.77 -18.37 -26.92
N SER B 25 -17.64 -17.71 -26.15
CA SER B 25 -17.65 -16.26 -26.17
C SER B 25 -16.36 -15.66 -25.66
N SER B 26 -15.78 -16.26 -24.61
CA SER B 26 -14.52 -15.75 -24.07
C SER B 26 -13.41 -15.85 -25.12
N ILE B 27 -13.41 -16.95 -25.87
CA ILE B 27 -12.43 -17.11 -26.95
C ILE B 27 -12.72 -16.12 -28.08
N GLN B 28 -13.97 -16.05 -28.52
CA GLN B 28 -14.31 -15.16 -29.63
C GLN B 28 -13.93 -13.73 -29.32
N ALA B 29 -14.25 -13.27 -28.12
CA ALA B 29 -14.02 -11.86 -27.77
C ALA B 29 -12.53 -11.55 -27.68
N THR B 30 -11.75 -12.44 -27.04
CA THR B 30 -10.33 -12.16 -26.89
C THR B 30 -9.58 -12.35 -28.20
N THR B 31 -10.01 -13.29 -29.05
CA THR B 31 -9.42 -13.39 -30.39
C THR B 31 -9.74 -12.15 -31.23
N ALA B 32 -10.97 -11.64 -31.13
CA ALA B 32 -11.30 -10.41 -31.85
C ALA B 32 -10.46 -9.23 -31.36
N ALA B 33 -10.28 -9.12 -30.04
CA ALA B 33 -9.52 -8.00 -29.49
C ALA B 33 -8.03 -8.12 -29.78
N GLY B 34 -7.52 -9.34 -29.92
CA GLY B 34 -6.08 -9.57 -30.01
C GLY B 34 -5.38 -9.56 -28.68
N SER B 35 -6.13 -9.56 -27.58
CA SER B 35 -5.54 -9.62 -26.25
C SER B 35 -6.61 -10.12 -25.29
N GLY B 36 -6.18 -10.49 -24.10
CA GLY B 36 -7.10 -10.97 -23.09
C GLY B 36 -6.68 -12.33 -22.58
N HIS B 37 -7.56 -12.95 -21.79
CA HIS B 37 -7.18 -14.07 -20.94
C HIS B 37 -8.18 -15.22 -21.07
N PRO B 38 -8.32 -15.79 -22.27
CA PRO B 38 -9.35 -16.85 -22.42
C PRO B 38 -9.10 -18.07 -21.53
N THR B 39 -7.84 -18.43 -21.24
CA THR B 39 -7.64 -19.60 -20.40
C THR B 39 -8.09 -19.34 -18.97
N SER B 40 -8.02 -18.09 -18.50
CA SER B 40 -8.51 -17.75 -17.17
C SER B 40 -10.02 -17.71 -17.14
N CYS B 41 -10.65 -17.46 -18.30
CA CYS B 41 -12.11 -17.57 -18.38
C CYS B 41 -12.54 -19.03 -18.35
N CYS B 42 -11.82 -19.90 -19.08
CA CYS B 42 -12.32 -21.26 -19.30
C CYS B 42 -12.29 -22.10 -18.04
N SER B 43 -11.31 -21.88 -17.14
CA SER B 43 -11.32 -22.61 -15.88
C SER B 43 -12.56 -22.30 -15.05
N ALA B 44 -13.17 -21.13 -15.24
CA ALA B 44 -14.29 -20.69 -14.42
C ALA B 44 -15.65 -20.89 -15.07
N ALA B 45 -15.72 -21.58 -16.22
CA ALA B 45 -16.95 -21.55 -17.02
C ALA B 45 -18.12 -22.24 -16.31
N GLU B 46 -17.89 -23.40 -15.68
CA GLU B 46 -18.98 -24.06 -14.97
C GLU B 46 -19.38 -23.28 -13.73
N ILE B 47 -18.39 -22.72 -13.01
CA ILE B 47 -18.68 -21.85 -11.88
C ILE B 47 -19.60 -20.71 -12.30
N MET B 48 -19.26 -20.04 -13.40
CA MET B 48 -20.05 -18.89 -13.83
C MET B 48 -21.44 -19.33 -14.27
N ALA B 49 -21.53 -20.46 -14.99
CA ALA B 49 -22.85 -20.92 -15.43
C ALA B 49 -23.75 -21.25 -14.23
N VAL B 50 -23.22 -21.99 -13.25
CA VAL B 50 -24.02 -22.37 -12.10
C VAL B 50 -24.41 -21.15 -11.26
N LEU B 51 -23.47 -20.23 -11.04
CA LEU B 51 -23.80 -19.03 -10.26
C LEU B 51 -24.91 -18.24 -10.92
N PHE B 52 -24.77 -17.93 -12.21
CA PHE B 52 -25.71 -17.02 -12.83
C PHE B 52 -27.00 -17.68 -13.29
N PHE B 53 -27.03 -19.00 -13.47
CA PHE B 53 -28.22 -19.63 -14.04
C PHE B 53 -28.71 -20.79 -13.18
N HIS B 54 -28.28 -20.86 -11.93
CA HIS B 54 -28.95 -21.71 -10.97
C HIS B 54 -28.97 -21.10 -9.57
N THR B 55 -27.81 -20.64 -9.08
CA THR B 55 -27.74 -20.28 -7.67
C THR B 55 -28.21 -18.85 -7.38
N MET B 56 -27.73 -17.88 -8.14
N MET B 56 -27.70 -17.88 -8.13
CA MET B 56 -27.96 -16.50 -7.76
CA MET B 56 -27.94 -16.47 -7.82
C MET B 56 -29.35 -16.03 -8.18
C MET B 56 -29.38 -16.07 -8.13
N ARG B 57 -29.82 -15.01 -7.47
CA ARG B 57 -31.11 -14.38 -7.70
C ARG B 57 -30.87 -12.91 -8.01
N TYR B 58 -31.34 -12.45 -9.16
CA TYR B 58 -31.06 -11.09 -9.60
C TYR B 58 -32.03 -10.73 -10.72
N LYS B 59 -32.21 -9.44 -10.92
CA LYS B 59 -33.04 -8.92 -12.02
C LYS B 59 -32.13 -8.76 -13.25
N SER B 60 -32.38 -9.56 -14.29
CA SER B 60 -31.47 -9.59 -15.43
C SER B 60 -31.44 -8.28 -16.21
N GLN B 61 -32.50 -7.48 -16.15
CA GLN B 61 -32.54 -6.20 -16.82
C GLN B 61 -32.22 -5.03 -15.89
N ASP B 62 -31.80 -5.31 -14.65
CA ASP B 62 -31.52 -4.26 -13.67
C ASP B 62 -30.39 -4.74 -12.78
N PRO B 63 -29.16 -4.79 -13.31
CA PRO B 63 -28.07 -5.41 -12.54
C PRO B 63 -27.74 -4.70 -11.24
N ARG B 64 -27.92 -3.38 -11.16
CA ARG B 64 -27.66 -2.62 -9.94
C ARG B 64 -28.79 -2.68 -8.93
N ASN B 65 -29.84 -3.46 -9.17
CA ASN B 65 -31.01 -3.43 -8.30
C ASN B 65 -30.60 -3.78 -6.87
N PRO B 66 -31.08 -3.03 -5.86
CA PRO B 66 -30.58 -3.24 -4.49
C PRO B 66 -31.00 -4.56 -3.87
N HIS B 67 -31.92 -5.28 -4.49
CA HIS B 67 -32.35 -6.58 -3.99
C HIS B 67 -31.55 -7.75 -4.55
N ASN B 68 -30.72 -7.50 -5.57
CA ASN B 68 -30.00 -8.58 -6.24
C ASN B 68 -28.94 -9.19 -5.33
N ASP B 69 -28.73 -10.49 -5.50
CA ASP B 69 -27.46 -11.07 -5.08
C ASP B 69 -26.32 -10.31 -5.76
N ARG B 70 -25.18 -10.24 -5.07
CA ARG B 70 -23.99 -9.60 -5.61
C ARG B 70 -23.01 -10.64 -6.10
N PHE B 71 -22.38 -10.39 -7.24
CA PHE B 71 -21.24 -11.17 -7.69
C PHE B 71 -20.05 -10.25 -7.85
N VAL B 72 -18.90 -10.64 -7.28
CA VAL B 72 -17.66 -9.88 -7.40
C VAL B 72 -16.65 -10.76 -8.11
N LEU B 73 -16.18 -10.32 -9.28
CA LEU B 73 -15.15 -11.03 -10.03
C LEU B 73 -13.80 -10.53 -9.52
N SER B 74 -13.27 -11.19 -8.49
CA SER B 74 -12.03 -10.70 -7.92
C SER B 74 -10.87 -10.89 -8.89
N LYS B 75 -10.85 -12.04 -9.59
CA LYS B 75 -9.87 -12.28 -10.67
C LYS B 75 -10.40 -11.59 -11.92
N GLY B 76 -10.21 -10.27 -11.96
CA GLY B 76 -10.89 -9.40 -12.92
C GLY B 76 -10.46 -9.63 -14.36
N HIS B 77 -9.30 -10.22 -14.58
CA HIS B 77 -8.86 -10.48 -15.93
C HIS B 77 -9.71 -11.56 -16.61
N ALA B 78 -10.61 -12.21 -15.89
CA ALA B 78 -11.62 -13.06 -16.53
C ALA B 78 -12.84 -12.24 -16.98
N ALA B 79 -12.70 -10.92 -17.08
CA ALA B 79 -13.79 -10.06 -17.52
C ALA B 79 -14.56 -10.58 -18.73
N PRO B 80 -13.94 -11.15 -19.77
CA PRO B 80 -14.75 -11.61 -20.91
C PRO B 80 -15.83 -12.60 -20.54
N ILE B 81 -15.62 -13.45 -19.54
CA ILE B 81 -16.70 -14.39 -19.19
C ILE B 81 -17.75 -13.71 -18.32
N LEU B 82 -17.39 -12.64 -17.60
CA LEU B 82 -18.41 -11.81 -16.95
C LEU B 82 -19.32 -11.19 -18.01
N TYR B 83 -18.73 -10.60 -19.04
CA TYR B 83 -19.54 -9.99 -20.09
C TYR B 83 -20.41 -11.04 -20.76
N ALA B 84 -19.84 -12.24 -20.98
CA ALA B 84 -20.60 -13.32 -21.62
C ALA B 84 -21.83 -13.72 -20.81
N VAL B 85 -21.72 -13.77 -19.48
CA VAL B 85 -22.91 -14.20 -18.72
C VAL B 85 -23.99 -13.13 -18.75
N TRP B 86 -23.62 -11.84 -18.81
CA TRP B 86 -24.63 -10.81 -18.88
C TRP B 86 -25.25 -10.71 -20.26
N ALA B 87 -24.55 -11.18 -21.29
CA ALA B 87 -25.22 -11.39 -22.58
C ALA B 87 -26.14 -12.59 -22.52
N GLU B 88 -25.66 -13.68 -21.92
CA GLU B 88 -26.49 -14.89 -21.80
C GLU B 88 -27.76 -14.61 -21.01
N ALA B 89 -27.68 -13.75 -20.00
CA ALA B 89 -28.84 -13.37 -19.22
C ALA B 89 -29.76 -12.40 -19.95
N GLY B 90 -29.35 -11.89 -21.11
CA GLY B 90 -30.17 -11.01 -21.91
C GLY B 90 -30.00 -9.53 -21.66
N PHE B 91 -29.03 -9.11 -20.84
CA PHE B 91 -28.82 -7.69 -20.59
C PHE B 91 -27.95 -7.05 -21.67
N LEU B 92 -26.90 -7.75 -22.09
N LEU B 92 -26.85 -7.71 -22.02
CA LEU B 92 -25.92 -7.24 -23.04
CA LEU B 92 -25.95 -7.24 -23.07
C LEU B 92 -26.16 -7.88 -24.41
C LEU B 92 -26.33 -7.85 -24.41
N ALA B 93 -26.18 -7.04 -25.45
CA ALA B 93 -26.30 -7.56 -26.80
C ALA B 93 -25.12 -8.48 -27.09
N GLU B 94 -25.43 -9.66 -27.65
N GLU B 94 -25.41 -9.65 -27.66
CA GLU B 94 -24.39 -10.65 -27.92
CA GLU B 94 -24.37 -10.64 -27.88
C GLU B 94 -23.31 -10.10 -28.84
C GLU B 94 -23.32 -10.14 -28.87
N ALA B 95 -23.71 -9.29 -29.84
CA ALA B 95 -22.73 -8.75 -30.77
C ALA B 95 -21.73 -7.83 -30.09
N GLU B 96 -22.12 -7.20 -28.98
CA GLU B 96 -21.23 -6.24 -28.32
C GLU B 96 -20.03 -6.95 -27.71
N LEU B 97 -20.15 -8.23 -27.39
CA LEU B 97 -19.04 -8.99 -26.82
C LEU B 97 -17.81 -8.95 -27.71
N LEU B 98 -17.99 -8.87 -29.03
CA LEU B 98 -16.85 -8.88 -29.93
C LEU B 98 -16.10 -7.56 -29.94
N ASN B 99 -16.61 -6.53 -29.27
CA ASN B 99 -15.98 -5.23 -29.19
C ASN B 99 -15.16 -5.06 -27.91
N LEU B 100 -14.91 -6.17 -27.21
CA LEU B 100 -14.01 -6.20 -26.05
C LEU B 100 -12.77 -5.35 -26.27
N ARG B 101 -12.49 -4.48 -25.29
CA ARG B 101 -11.25 -3.70 -25.19
C ARG B 101 -11.15 -2.58 -26.24
N LYS B 102 -12.21 -2.32 -27.00
CA LYS B 102 -12.18 -1.23 -27.97
C LYS B 102 -12.47 0.10 -27.29
N ILE B 103 -11.86 1.17 -27.83
CA ILE B 103 -12.10 2.51 -27.27
C ILE B 103 -13.54 2.98 -27.53
N SER B 104 -14.25 2.31 -28.42
CA SER B 104 -15.66 2.60 -28.69
C SER B 104 -16.61 1.78 -27.82
N SER B 105 -16.08 0.93 -26.96
CA SER B 105 -16.88 0.02 -26.15
C SER B 105 -16.65 0.30 -24.67
N ASP B 106 -17.62 -0.10 -23.84
CA ASP B 106 -17.43 -0.12 -22.41
C ASP B 106 -17.10 -1.51 -21.87
N LEU B 107 -16.89 -2.50 -22.74
CA LEU B 107 -16.45 -3.84 -22.31
C LEU B 107 -14.92 -3.84 -22.22
N ASP B 108 -14.42 -3.16 -21.20
CA ASP B 108 -13.00 -2.87 -21.09
C ASP B 108 -12.23 -4.11 -20.62
N GLY B 109 -10.91 -3.99 -20.61
CA GLY B 109 -10.06 -5.15 -20.35
C GLY B 109 -10.31 -5.79 -19.01
N HIS B 110 -10.67 -5.00 -18.00
CA HIS B 110 -11.06 -5.45 -16.68
C HIS B 110 -12.35 -4.75 -16.30
N PRO B 111 -13.14 -5.32 -15.38
CA PRO B 111 -14.46 -4.74 -15.11
C PRO B 111 -14.34 -3.40 -14.41
N VAL B 112 -15.27 -2.50 -14.75
CA VAL B 112 -15.31 -1.14 -14.21
C VAL B 112 -16.77 -0.72 -14.06
N PRO B 113 -17.08 0.17 -13.13
CA PRO B 113 -18.49 0.43 -12.79
C PRO B 113 -19.24 1.26 -13.81
N LYS B 114 -18.62 1.71 -14.90
CA LYS B 114 -19.40 2.22 -16.01
C LYS B 114 -20.26 1.12 -16.60
N GLN B 115 -19.94 -0.14 -16.31
CA GLN B 115 -20.80 -1.26 -16.60
C GLN B 115 -21.86 -1.38 -15.51
N ALA B 116 -23.15 -1.44 -15.92
CA ALA B 116 -24.20 -1.49 -14.90
C ALA B 116 -24.07 -2.73 -14.04
N PHE B 117 -23.48 -3.80 -14.57
CA PHE B 117 -23.34 -5.06 -13.86
C PHE B 117 -22.07 -5.15 -13.02
N THR B 118 -21.31 -4.05 -12.89
CA THR B 118 -20.09 -4.05 -12.10
C THR B 118 -20.21 -3.02 -10.98
N ASP B 119 -19.95 -3.46 -9.75
CA ASP B 119 -19.97 -2.55 -8.61
C ASP B 119 -18.59 -1.96 -8.32
N VAL B 120 -17.56 -2.79 -8.35
CA VAL B 120 -16.21 -2.35 -8.02
C VAL B 120 -15.28 -2.76 -9.14
N ALA B 121 -14.34 -1.90 -9.46
CA ALA B 121 -13.30 -2.27 -10.41
C ALA B 121 -12.38 -3.28 -9.75
N THR B 122 -12.04 -4.33 -10.48
CA THR B 122 -10.99 -5.22 -10.09
C THR B 122 -9.96 -5.25 -11.21
N GLY B 123 -8.91 -6.01 -11.02
CA GLY B 123 -7.81 -5.94 -11.94
C GLY B 123 -6.53 -5.96 -11.15
N SER B 124 -6.54 -5.28 -10.01
CA SER B 124 -5.48 -5.47 -9.01
C SER B 124 -5.92 -6.63 -8.11
N LEU B 125 -5.21 -7.74 -8.23
CA LEU B 125 -5.64 -8.99 -7.59
C LEU B 125 -5.69 -8.87 -6.07
N GLY B 126 -6.60 -9.63 -5.49
CA GLY B 126 -6.68 -9.78 -4.05
C GLY B 126 -7.53 -8.77 -3.33
N GLN B 127 -8.27 -7.93 -4.05
CA GLN B 127 -9.09 -6.88 -3.45
C GLN B 127 -10.58 -7.17 -3.48
N GLY B 128 -11.02 -8.09 -4.34
CA GLY B 128 -12.45 -8.30 -4.51
C GLY B 128 -13.12 -8.88 -3.29
N LEU B 129 -12.43 -9.76 -2.55
CA LEU B 129 -13.08 -10.40 -1.41
C LEU B 129 -13.34 -9.39 -0.30
N GLY B 130 -12.44 -8.43 -0.12
CA GLY B 130 -12.70 -7.36 0.83
C GLY B 130 -13.91 -6.53 0.46
N ALA B 131 -14.04 -6.17 -0.82
CA ALA B 131 -15.24 -5.46 -1.25
C ALA B 131 -16.49 -6.31 -1.01
N ALA B 132 -16.41 -7.60 -1.33
CA ALA B 132 -17.52 -8.52 -1.07
C ALA B 132 -17.86 -8.59 0.41
N CYS B 133 -16.84 -8.55 1.27
CA CYS B 133 -17.10 -8.52 2.71
C CYS B 133 -17.90 -7.29 3.10
N GLY B 134 -17.56 -6.13 2.52
CA GLY B 134 -18.34 -4.93 2.79
C GLY B 134 -19.79 -5.09 2.33
N MET B 135 -19.97 -5.61 1.12
CA MET B 135 -21.33 -5.85 0.63
C MET B 135 -22.09 -6.81 1.53
N ALA B 136 -21.43 -7.89 1.98
CA ALA B 136 -22.11 -8.87 2.81
C ALA B 136 -22.42 -8.31 4.19
N TYR B 137 -21.47 -7.55 4.75
CA TYR B 137 -21.72 -6.92 6.04
C TYR B 137 -22.91 -5.98 5.95
N THR B 138 -22.98 -5.21 4.86
CA THR B 138 -24.11 -4.31 4.63
C THR B 138 -25.40 -5.09 4.51
N GLY B 139 -25.41 -6.16 3.69
CA GLY B 139 -26.61 -6.95 3.54
C GLY B 139 -27.10 -7.52 4.85
N LYS B 140 -26.19 -7.97 5.71
N LYS B 140 -26.18 -7.96 5.70
CA LYS B 140 -26.59 -8.68 6.91
CA LYS B 140 -26.57 -8.68 6.91
C LYS B 140 -26.95 -7.73 8.05
C LYS B 140 -26.94 -7.74 8.04
N TYR B 141 -26.16 -6.67 8.24
CA TYR B 141 -26.29 -5.82 9.42
C TYR B 141 -26.91 -4.45 9.17
N PHE B 142 -26.84 -3.93 7.95
CA PHE B 142 -27.41 -2.62 7.65
C PHE B 142 -28.72 -2.78 6.88
N ASP B 143 -28.65 -3.31 5.65
CA ASP B 143 -29.86 -3.55 4.87
C ASP B 143 -30.77 -4.60 5.52
N LYS B 144 -30.17 -5.55 6.25
CA LYS B 144 -30.89 -6.69 6.84
C LYS B 144 -31.76 -7.38 5.78
N ALA B 145 -31.18 -7.59 4.60
CA ALA B 145 -31.88 -8.10 3.43
C ALA B 145 -31.45 -9.55 3.14
N SER B 146 -32.14 -10.17 2.18
N SER B 146 -32.14 -10.16 2.18
CA SER B 146 -31.90 -11.58 1.89
CA SER B 146 -31.92 -11.57 1.88
C SER B 146 -30.82 -11.81 0.85
C SER B 146 -30.78 -11.80 0.89
N TYR B 147 -30.28 -10.76 0.23
CA TYR B 147 -29.31 -10.98 -0.84
C TYR B 147 -28.02 -11.58 -0.30
N ARG B 148 -27.42 -12.46 -1.12
CA ARG B 148 -26.16 -13.09 -0.80
C ARG B 148 -25.08 -12.51 -1.69
N VAL B 149 -23.83 -12.79 -1.33
CA VAL B 149 -22.68 -12.20 -2.00
C VAL B 149 -21.74 -13.33 -2.40
N TYR B 150 -21.34 -13.33 -3.67
CA TYR B 150 -20.49 -14.36 -4.26
C TYR B 150 -19.27 -13.68 -4.84
N CYS B 151 -18.08 -14.21 -4.51
CA CYS B 151 -16.81 -13.63 -4.92
C CYS B 151 -15.92 -14.72 -5.49
N LEU B 152 -15.55 -14.57 -6.76
CA LEU B 152 -14.71 -15.54 -7.47
C LEU B 152 -13.26 -15.04 -7.47
N LEU B 153 -12.37 -15.88 -6.94
CA LEU B 153 -10.95 -15.57 -6.84
C LEU B 153 -10.14 -16.58 -7.62
N GLY B 154 -8.95 -16.17 -8.07
CA GLY B 154 -7.97 -17.08 -8.63
C GLY B 154 -7.13 -17.71 -7.53
N ASP B 155 -6.34 -18.73 -7.90
CA ASP B 155 -5.51 -19.35 -6.86
C ASP B 155 -4.17 -18.63 -6.67
N GLY B 156 -3.53 -18.16 -7.74
CA GLY B 156 -2.38 -17.29 -7.56
C GLY B 156 -2.75 -16.06 -6.75
N GLU B 157 -3.94 -15.53 -7.00
CA GLU B 157 -4.46 -14.37 -6.28
C GLU B 157 -4.45 -14.57 -4.77
N LEU B 158 -4.58 -15.82 -4.29
CA LEU B 158 -4.65 -16.08 -2.86
C LEU B 158 -3.33 -15.84 -2.15
N SER B 159 -2.27 -15.55 -2.89
CA SER B 159 -1.01 -15.14 -2.25
C SER B 159 -1.06 -13.73 -1.71
N GLU B 160 -2.04 -12.92 -2.10
CA GLU B 160 -2.15 -11.57 -1.56
C GLU B 160 -2.65 -11.60 -0.12
N GLY B 161 -1.90 -10.94 0.76
CA GLY B 161 -2.29 -10.91 2.16
C GLY B 161 -3.64 -10.25 2.39
N SER B 162 -4.02 -9.31 1.52
CA SER B 162 -5.33 -8.67 1.66
C SER B 162 -6.46 -9.69 1.63
N VAL B 163 -6.28 -10.78 0.89
CA VAL B 163 -7.31 -11.82 0.84
C VAL B 163 -7.52 -12.41 2.23
N TRP B 164 -6.43 -12.65 2.95
CA TRP B 164 -6.53 -13.30 4.25
C TRP B 164 -7.03 -12.35 5.32
N GLU B 165 -6.79 -11.04 5.16
CA GLU B 165 -7.49 -10.06 6.00
C GLU B 165 -8.99 -10.19 5.84
N ALA B 166 -9.45 -10.29 4.59
CA ALA B 166 -10.88 -10.45 4.32
C ALA B 166 -11.40 -11.77 4.87
N MET B 167 -10.63 -12.86 4.72
N MET B 167 -10.63 -12.84 4.76
CA MET B 167 -11.07 -14.14 5.27
CA MET B 167 -11.13 -14.12 5.26
C MET B 167 -11.32 -14.02 6.77
C MET B 167 -11.26 -14.13 6.78
N ALA B 168 -10.36 -13.42 7.48
CA ALA B 168 -10.49 -13.28 8.93
C ALA B 168 -11.65 -12.37 9.31
N PHE B 169 -11.82 -11.26 8.57
CA PHE B 169 -12.94 -10.35 8.81
C PHE B 169 -14.28 -11.08 8.70
N ALA B 170 -14.45 -11.88 7.64
CA ALA B 170 -15.73 -12.54 7.40
C ALA B 170 -16.09 -13.51 8.53
N SER B 171 -15.09 -14.19 9.09
N SER B 171 -15.08 -14.20 9.07
CA SER B 171 -15.41 -15.12 10.16
CA SER B 171 -15.32 -15.13 10.17
C SER B 171 -15.63 -14.39 11.49
C SER B 171 -15.63 -14.38 11.46
N ILE B 172 -14.89 -13.31 11.74
CA ILE B 172 -15.15 -12.49 12.92
C ILE B 172 -16.60 -12.01 12.93
N TYR B 173 -17.06 -11.52 11.79
CA TYR B 173 -18.38 -10.90 11.69
C TYR B 173 -19.44 -11.84 11.16
N LYS B 174 -19.15 -13.14 11.14
CA LYS B 174 -20.16 -14.19 10.90
C LYS B 174 -20.94 -13.94 9.61
N LEU B 175 -20.21 -13.71 8.52
CA LEU B 175 -20.84 -13.36 7.26
C LEU B 175 -21.31 -14.63 6.55
N ASP B 176 -22.40 -15.21 7.09
N ASP B 176 -22.39 -15.21 7.10
CA ASP B 176 -22.98 -16.43 6.55
CA ASP B 176 -22.95 -16.44 6.53
C ASP B 176 -23.83 -16.18 5.31
C ASP B 176 -23.59 -16.22 5.17
N ASN B 177 -23.79 -14.97 4.76
CA ASN B 177 -24.36 -14.65 3.46
C ASN B 177 -23.28 -14.47 2.40
N LEU B 178 -22.04 -14.85 2.71
CA LEU B 178 -20.89 -14.64 1.82
C LEU B 178 -20.33 -15.98 1.39
N VAL B 179 -20.06 -16.12 0.09
CA VAL B 179 -19.45 -17.31 -0.48
C VAL B 179 -18.25 -16.87 -1.31
N ALA B 180 -17.08 -17.45 -1.02
CA ALA B 180 -15.90 -17.29 -1.85
C ALA B 180 -15.76 -18.54 -2.70
N ILE B 181 -15.55 -18.36 -4.00
CA ILE B 181 -15.27 -19.49 -4.89
C ILE B 181 -13.83 -19.35 -5.33
N LEU B 182 -13.04 -20.39 -5.07
CA LEU B 182 -11.62 -20.38 -5.38
C LEU B 182 -11.40 -21.21 -6.64
N ASP B 183 -10.95 -20.55 -7.70
CA ASP B 183 -10.69 -21.20 -8.99
C ASP B 183 -9.28 -21.77 -8.92
N ILE B 184 -9.16 -22.99 -8.40
CA ILE B 184 -7.85 -23.60 -8.18
C ILE B 184 -7.49 -24.31 -9.49
N ASN B 185 -7.03 -23.53 -10.47
CA ASN B 185 -6.67 -24.08 -11.77
C ASN B 185 -5.19 -24.36 -11.91
N ARG B 186 -4.46 -24.40 -10.78
CA ARG B 186 -3.08 -24.87 -10.63
C ARG B 186 -2.05 -23.83 -11.01
N LEU B 187 -2.39 -22.90 -11.89
CA LEU B 187 -1.41 -22.03 -12.53
C LEU B 187 -1.68 -20.56 -12.21
N GLY B 188 -0.60 -19.82 -12.01
CA GLY B 188 -0.65 -18.38 -12.04
C GLY B 188 -0.29 -17.85 -13.41
N GLN B 189 0.35 -16.68 -13.43
CA GLN B 189 0.69 -16.06 -14.70
C GLN B 189 1.94 -16.66 -15.32
N SER B 190 3.00 -16.87 -14.51
CA SER B 190 4.30 -17.21 -15.06
C SER B 190 4.86 -18.52 -14.52
N ASP B 191 4.07 -19.26 -13.77
CA ASP B 191 4.51 -20.51 -13.17
C ASP B 191 3.29 -21.10 -12.49
N PRO B 192 3.36 -22.35 -12.03
CA PRO B 192 2.26 -22.87 -11.20
C PRO B 192 2.10 -22.05 -9.93
N ALA B 193 0.86 -21.95 -9.46
CA ALA B 193 0.64 -21.34 -8.16
C ALA B 193 1.31 -22.20 -7.09
N PRO B 194 1.75 -21.60 -5.98
CA PRO B 194 2.54 -22.38 -5.00
C PRO B 194 1.96 -23.73 -4.60
N LEU B 195 0.65 -23.79 -4.31
CA LEU B 195 0.06 -25.01 -3.80
C LEU B 195 -0.45 -25.94 -4.89
N GLN B 196 -0.42 -25.50 -6.16
CA GLN B 196 -0.91 -26.29 -7.30
C GLN B 196 -2.24 -26.94 -6.97
N HIS B 197 -2.36 -28.26 -7.09
CA HIS B 197 -3.63 -28.92 -6.84
C HIS B 197 -3.66 -29.67 -5.51
N GLN B 198 -2.94 -29.14 -4.52
CA GLN B 198 -2.98 -29.68 -3.16
C GLN B 198 -4.24 -29.14 -2.48
N MET B 199 -5.38 -29.74 -2.83
CA MET B 199 -6.66 -29.19 -2.40
C MET B 199 -6.79 -29.23 -0.88
N ASP B 200 -6.19 -30.23 -0.25
CA ASP B 200 -6.28 -30.37 1.20
C ASP B 200 -5.64 -29.20 1.92
N ILE B 201 -4.56 -28.62 1.38
CA ILE B 201 -3.94 -27.48 2.03
CA ILE B 201 -3.94 -27.49 2.05
C ILE B 201 -4.82 -26.25 1.92
N TYR B 202 -5.43 -26.04 0.75
CA TYR B 202 -6.38 -24.95 0.64
C TYR B 202 -7.48 -25.09 1.66
N GLN B 203 -7.99 -26.31 1.84
CA GLN B 203 -9.07 -26.53 2.79
C GLN B 203 -8.62 -26.25 4.21
N LYS B 204 -7.44 -26.72 4.59
CA LYS B 204 -6.96 -26.47 5.95
C LYS B 204 -6.76 -24.98 6.21
N ARG B 205 -6.25 -24.23 5.22
CA ARG B 205 -6.07 -22.80 5.41
C ARG B 205 -7.41 -22.09 5.57
N CYS B 206 -8.40 -22.42 4.73
CA CYS B 206 -9.71 -21.77 4.87
C CYS B 206 -10.37 -22.12 6.19
N GLU B 207 -10.31 -23.39 6.59
CA GLU B 207 -10.91 -23.81 7.86
C GLU B 207 -10.23 -23.14 9.05
N ALA B 208 -8.90 -23.04 9.02
CA ALA B 208 -8.18 -22.40 10.11
C ALA B 208 -8.58 -20.94 10.28
N PHE B 209 -9.01 -20.28 9.20
CA PHE B 209 -9.48 -18.91 9.27
C PHE B 209 -10.99 -18.82 9.42
N GLY B 210 -11.64 -19.92 9.80
CA GLY B 210 -13.02 -19.89 10.25
C GLY B 210 -14.07 -20.09 9.20
N TRP B 211 -13.69 -20.48 7.98
CA TRP B 211 -14.66 -20.69 6.92
C TRP B 211 -15.04 -22.16 6.82
N HIS B 212 -16.29 -22.39 6.44
CA HIS B 212 -16.73 -23.71 6.01
C HIS B 212 -16.16 -23.97 4.62
N ALA B 213 -15.34 -25.01 4.47
CA ALA B 213 -14.56 -25.21 3.26
C ALA B 213 -14.98 -26.51 2.58
N ILE B 214 -15.44 -26.40 1.33
CA ILE B 214 -15.91 -27.53 0.53
C ILE B 214 -15.02 -27.68 -0.69
N ILE B 215 -14.38 -28.84 -0.85
CA ILE B 215 -13.64 -29.14 -2.07
C ILE B 215 -14.61 -29.71 -3.10
N VAL B 216 -14.57 -29.19 -4.32
CA VAL B 216 -15.41 -29.70 -5.40
C VAL B 216 -14.58 -29.84 -6.67
N ASP B 217 -15.08 -30.69 -7.57
CA ASP B 217 -14.67 -30.68 -8.97
C ASP B 217 -15.29 -29.45 -9.62
N GLY B 218 -14.46 -28.46 -9.95
CA GLY B 218 -14.94 -27.19 -10.46
C GLY B 218 -15.47 -27.25 -11.87
N HIS B 219 -15.38 -28.40 -12.52
CA HIS B 219 -15.99 -28.60 -13.82
C HIS B 219 -17.21 -29.51 -13.74
N SER B 220 -17.70 -29.80 -12.54
CA SER B 220 -18.92 -30.58 -12.36
C SER B 220 -20.05 -29.62 -11.99
N VAL B 221 -20.97 -29.39 -12.92
CA VAL B 221 -22.08 -28.50 -12.59
C VAL B 221 -22.91 -29.08 -11.47
N GLU B 222 -23.00 -30.42 -11.37
CA GLU B 222 -23.79 -31.00 -10.29
C GLU B 222 -23.16 -30.72 -8.93
N GLU B 223 -21.86 -30.98 -8.78
CA GLU B 223 -21.20 -30.71 -7.52
C GLU B 223 -21.27 -29.23 -7.16
N LEU B 224 -21.16 -28.34 -8.15
CA LEU B 224 -21.27 -26.92 -7.89
C LEU B 224 -22.67 -26.54 -7.40
N CYS B 225 -23.71 -27.04 -8.07
CA CYS B 225 -25.07 -26.75 -7.62
C CYS B 225 -25.26 -27.17 -6.17
N LYS B 226 -24.83 -28.39 -5.84
CA LYS B 226 -25.01 -28.89 -4.49
C LYS B 226 -24.22 -28.06 -3.47
N ALA B 227 -22.98 -27.72 -3.79
CA ALA B 227 -22.16 -26.97 -2.84
C ALA B 227 -22.71 -25.56 -2.61
N PHE B 228 -23.17 -24.89 -3.67
CA PHE B 228 -23.79 -23.59 -3.51
C PHE B 228 -25.15 -23.70 -2.82
N GLY B 229 -25.81 -24.85 -2.92
CA GLY B 229 -27.18 -24.97 -2.46
C GLY B 229 -27.32 -25.19 -0.98
N GLN B 230 -26.24 -25.57 -0.30
N GLN B 230 -26.31 -25.80 -0.35
CA GLN B 230 -26.21 -25.65 1.16
CA GLN B 230 -26.47 -26.25 1.02
C GLN B 230 -25.74 -24.31 1.74
C GLN B 230 -26.67 -25.07 1.96
N ALA B 231 -26.59 -23.69 2.57
N ALA B 231 -27.35 -25.32 3.07
CA ALA B 231 -26.23 -22.48 3.29
CA ALA B 231 -27.54 -24.28 4.07
C ALA B 231 -25.69 -22.85 4.68
C ALA B 231 -26.19 -23.77 4.55
N LYS B 232 -24.91 -21.94 5.26
N LYS B 232 -26.11 -22.47 4.79
CA LYS B 232 -24.21 -22.21 6.51
CA LYS B 232 -24.88 -21.82 5.23
C LYS B 232 -24.43 -21.08 7.50
C LYS B 232 -25.02 -21.36 6.67
N HIS B 233 -23.94 -21.29 8.72
N HIS B 233 -23.96 -21.55 7.45
CA HIS B 233 -23.81 -20.24 9.71
CA HIS B 233 -23.93 -21.14 8.84
C HIS B 233 -22.44 -19.59 9.67
C HIS B 233 -22.73 -20.27 9.17
N GLN B 234 -21.64 -19.91 8.65
N GLN B 234 -21.84 -20.05 8.21
CA GLN B 234 -20.30 -19.39 8.47
CA GLN B 234 -20.66 -19.22 8.35
C GLN B 234 -20.11 -18.94 7.03
C GLN B 234 -20.21 -18.87 6.95
N PRO B 235 -19.19 -18.01 6.78
CA PRO B 235 -18.71 -17.79 5.41
C PRO B 235 -18.22 -19.11 4.84
N THR B 236 -18.53 -19.34 3.58
CA THR B 236 -18.31 -20.64 2.94
C THR B 236 -17.35 -20.48 1.78
N ALA B 237 -16.31 -21.31 1.75
CA ALA B 237 -15.34 -21.32 0.66
C ALA B 237 -15.58 -22.56 -0.18
N ILE B 238 -15.92 -22.35 -1.44
CA ILE B 238 -16.05 -23.43 -2.41
C ILE B 238 -14.71 -23.53 -3.12
N ILE B 239 -13.97 -24.60 -2.83
CA ILE B 239 -12.60 -24.76 -3.27
C ILE B 239 -12.64 -25.67 -4.50
N ALA B 240 -12.58 -25.07 -5.68
CA ALA B 240 -12.92 -25.74 -6.93
C ALA B 240 -11.64 -26.19 -7.65
N LYS B 241 -11.46 -27.50 -7.76
CA LYS B 241 -10.36 -28.02 -8.55
C LYS B 241 -10.70 -27.89 -10.04
N THR B 242 -9.91 -27.10 -10.77
CA THR B 242 -10.17 -26.80 -12.17
C THR B 242 -8.88 -26.92 -12.97
N PHE B 243 -9.01 -26.83 -14.30
CA PHE B 243 -7.86 -26.80 -15.18
C PHE B 243 -7.86 -25.50 -15.98
N LYS B 244 -6.74 -24.80 -15.98
CA LYS B 244 -6.66 -23.57 -16.73
C LYS B 244 -6.81 -23.89 -18.23
N GLY B 245 -7.58 -23.06 -18.93
CA GLY B 245 -7.83 -23.40 -20.33
C GLY B 245 -8.74 -24.61 -20.53
N ARG B 246 -9.52 -24.99 -19.52
CA ARG B 246 -10.39 -26.14 -19.62
C ARG B 246 -11.22 -26.09 -20.89
N GLY B 247 -11.20 -27.19 -21.64
CA GLY B 247 -11.99 -27.27 -22.85
C GLY B 247 -11.27 -26.88 -24.11
N ILE B 248 -10.07 -26.32 -24.01
CA ILE B 248 -9.29 -25.93 -25.18
C ILE B 248 -8.25 -27.03 -25.37
N THR B 249 -8.51 -27.92 -26.31
CA THR B 249 -7.63 -29.07 -26.54
C THR B 249 -6.22 -28.59 -26.83
N GLY B 250 -5.26 -29.17 -26.12
CA GLY B 250 -3.85 -28.85 -26.27
C GLY B 250 -3.38 -27.68 -25.44
N VAL B 251 -4.31 -26.89 -24.89
CA VAL B 251 -3.98 -25.76 -24.05
C VAL B 251 -4.35 -26.00 -22.60
N GLU B 252 -5.38 -26.80 -22.35
CA GLU B 252 -5.80 -27.15 -21.00
C GLU B 252 -4.62 -27.63 -20.17
N ASP B 253 -4.43 -27.01 -19.01
CA ASP B 253 -3.44 -27.40 -17.99
C ASP B 253 -2.01 -27.11 -18.39
N LYS B 254 -1.79 -26.26 -19.41
N LYS B 254 -1.79 -26.26 -19.41
CA LYS B 254 -0.46 -25.96 -19.91
CA LYS B 254 -0.46 -25.97 -19.90
C LYS B 254 0.01 -24.59 -19.43
C LYS B 254 0.01 -24.59 -19.44
N GLU B 255 1.32 -24.48 -19.22
CA GLU B 255 1.94 -23.20 -18.97
C GLU B 255 2.05 -22.42 -20.29
N SER B 256 2.49 -21.16 -20.17
CA SER B 256 2.81 -20.29 -21.30
CA SER B 256 2.80 -20.28 -21.29
C SER B 256 1.56 -19.77 -22.02
N TRP B 257 0.38 -19.86 -21.39
CA TRP B 257 -0.85 -19.41 -22.02
C TRP B 257 -1.60 -18.34 -21.24
N HIS B 258 -1.08 -17.88 -20.10
CA HIS B 258 -1.78 -16.84 -19.34
C HIS B 258 -1.79 -15.55 -20.13
N GLY B 259 -2.97 -14.96 -20.31
CA GLY B 259 -3.03 -13.70 -21.01
C GLY B 259 -2.69 -13.76 -22.47
N LYS B 260 -2.79 -14.95 -23.08
CA LYS B 260 -2.49 -15.13 -24.50
C LYS B 260 -3.77 -15.51 -25.23
N PRO B 261 -4.21 -14.72 -26.20
CA PRO B 261 -5.40 -15.08 -26.97
C PRO B 261 -5.09 -16.18 -27.98
N LEU B 262 -6.14 -16.86 -28.42
CA LEU B 262 -5.93 -17.83 -29.49
C LEU B 262 -5.87 -17.11 -30.83
N PRO B 263 -4.94 -17.48 -31.71
CA PRO B 263 -4.97 -16.93 -33.08
C PRO B 263 -6.24 -17.36 -33.78
N LYS B 264 -6.62 -16.57 -34.79
CA LYS B 264 -7.89 -16.77 -35.49
C LYS B 264 -8.08 -18.20 -35.97
N ASN B 265 -7.06 -18.77 -36.62
CA ASN B 265 -7.23 -20.12 -37.18
C ASN B 265 -7.47 -21.13 -36.08
N MET B 266 -6.80 -20.94 -34.95
CA MET B 266 -6.94 -21.86 -33.83
C MET B 266 -8.27 -21.67 -33.14
N ALA B 267 -8.67 -20.42 -32.92
CA ALA B 267 -9.97 -20.13 -32.32
C ALA B 267 -11.10 -20.78 -33.12
N GLU B 268 -11.03 -20.70 -34.45
CA GLU B 268 -12.09 -21.30 -35.25
C GLU B 268 -12.16 -22.81 -35.03
N GLN B 269 -11.00 -23.47 -35.01
CA GLN B 269 -10.98 -24.92 -34.82
C GLN B 269 -11.46 -25.31 -33.43
N ILE B 270 -10.99 -24.62 -32.40
CA ILE B 270 -11.38 -24.94 -31.03
C ILE B 270 -12.86 -24.68 -30.81
N ILE B 271 -13.37 -23.55 -31.31
CA ILE B 271 -14.78 -23.21 -31.14
C ILE B 271 -15.66 -24.27 -31.78
N GLN B 272 -15.28 -24.79 -32.94
CA GLN B 272 -16.06 -25.87 -33.54
C GLN B 272 -16.11 -27.09 -32.63
N GLU B 273 -15.00 -27.43 -31.98
N GLU B 273 -14.98 -27.42 -31.98
CA GLU B 273 -15.03 -28.59 -31.09
CA GLU B 273 -14.95 -28.56 -31.07
C GLU B 273 -15.92 -28.34 -29.88
C GLU B 273 -15.88 -28.34 -29.88
N ILE B 274 -15.81 -27.15 -29.28
CA ILE B 274 -16.65 -26.85 -28.12
C ILE B 274 -18.12 -26.83 -28.52
N TYR B 275 -18.43 -26.24 -29.67
N TYR B 275 -18.45 -26.22 -29.66
CA TYR B 275 -19.82 -26.19 -30.13
CA TYR B 275 -19.84 -26.20 -30.11
C TYR B 275 -20.40 -27.58 -30.32
C TYR B 275 -20.40 -27.60 -30.26
N SER B 276 -19.57 -28.55 -30.71
CA SER B 276 -20.04 -29.92 -30.91
C SER B 276 -20.45 -30.59 -29.60
N GLN B 277 -20.09 -30.03 -28.45
CA GLN B 277 -20.47 -30.60 -27.16
C GLN B 277 -21.76 -30.00 -26.61
N ILE B 278 -22.28 -28.95 -27.25
CA ILE B 278 -23.47 -28.25 -26.78
C ILE B 278 -24.70 -28.96 -27.34
N GLN B 279 -25.59 -29.39 -26.44
CA GLN B 279 -26.72 -30.19 -26.87
C GLN B 279 -27.94 -29.37 -27.28
N SER B 280 -28.13 -28.18 -26.69
CA SER B 280 -29.28 -27.35 -27.02
C SER B 280 -28.90 -25.88 -27.01
N LYS B 281 -29.46 -25.13 -27.96
CA LYS B 281 -29.25 -23.69 -28.00
C LYS B 281 -30.13 -22.93 -27.02
N LYS B 282 -31.10 -23.59 -26.38
CA LYS B 282 -32.02 -22.86 -25.52
C LYS B 282 -31.29 -22.40 -24.26
N LYS B 283 -31.53 -21.15 -23.88
CA LYS B 283 -30.85 -20.55 -22.74
C LYS B 283 -31.70 -20.67 -21.47
N ILE B 284 -31.01 -20.72 -20.35
CA ILE B 284 -31.64 -20.64 -19.03
C ILE B 284 -31.95 -19.19 -18.70
N LEU B 285 -33.10 -18.95 -18.07
CA LEU B 285 -33.45 -17.63 -17.59
C LEU B 285 -32.96 -17.43 -16.15
N ALA B 286 -32.58 -16.19 -15.85
CA ALA B 286 -32.28 -15.83 -14.47
C ALA B 286 -33.55 -15.91 -13.63
N THR B 287 -33.38 -16.07 -12.33
CA THR B 287 -34.50 -16.03 -11.41
C THR B 287 -34.43 -14.77 -10.56
N PRO B 288 -35.52 -14.02 -10.44
CA PRO B 288 -35.46 -12.72 -9.76
C PRO B 288 -35.38 -12.89 -8.25
N PRO B 289 -34.99 -11.84 -7.53
CA PRO B 289 -34.77 -11.97 -6.09
C PRO B 289 -36.00 -11.58 -5.27
N GLN B 290 -35.92 -11.91 -3.98
CA GLN B 290 -36.87 -11.41 -3.00
C GLN B 290 -36.52 -9.96 -2.68
N GLU B 291 -37.51 -9.09 -2.73
CA GLU B 291 -37.27 -7.64 -2.70
C GLU B 291 -37.47 -7.10 -1.29
N ASP B 292 -36.49 -7.37 -0.42
CA ASP B 292 -36.58 -6.92 0.97
C ASP B 292 -35.47 -5.95 1.38
N ALA B 293 -34.70 -5.43 0.43
CA ALA B 293 -33.78 -4.35 0.77
C ALA B 293 -34.58 -3.08 1.04
N PRO B 294 -34.27 -2.35 2.11
CA PRO B 294 -35.05 -1.16 2.47
C PRO B 294 -34.68 0.04 1.62
N SER B 295 -35.58 1.01 1.61
CA SER B 295 -35.26 2.29 0.99
C SER B 295 -34.29 3.06 1.87
N VAL B 296 -33.42 3.82 1.22
CA VAL B 296 -32.43 4.63 1.93
C VAL B 296 -32.56 6.07 1.45
N ASP B 297 -32.33 7.01 2.36
CA ASP B 297 -32.44 8.43 2.08
C ASP B 297 -31.12 8.94 1.52
N ILE B 298 -31.16 9.48 0.31
CA ILE B 298 -29.96 9.98 -0.35
C ILE B 298 -29.93 11.51 -0.40
N ALA B 299 -30.68 12.18 0.47
CA ALA B 299 -30.71 13.63 0.42
C ALA B 299 -29.41 14.21 0.95
N ASN B 300 -29.19 15.50 0.69
CA ASN B 300 -28.02 16.19 1.19
C ASN B 300 -27.97 16.08 2.71
N ILE B 301 -26.78 15.85 3.25
CA ILE B 301 -26.57 15.63 4.67
C ILE B 301 -26.16 16.94 5.33
N ARG B 302 -26.85 17.31 6.40
CA ARG B 302 -26.62 18.57 7.08
C ARG B 302 -26.43 18.33 8.57
N MET B 303 -25.37 18.89 9.13
CA MET B 303 -25.13 18.78 10.57
C MET B 303 -26.35 19.31 11.33
N PRO B 304 -26.69 18.72 12.48
CA PRO B 304 -27.89 19.17 13.21
C PRO B 304 -27.70 20.50 13.91
N SER B 305 -26.47 21.01 14.00
CA SER B 305 -26.20 22.28 14.66
C SER B 305 -24.83 22.75 14.21
N LEU B 306 -24.58 24.05 14.42
CA LEU B 306 -23.27 24.61 14.14
C LEU B 306 -22.24 24.01 15.08
N PRO B 307 -20.96 24.07 14.71
CA PRO B 307 -19.92 23.67 15.65
C PRO B 307 -20.05 24.47 16.93
N SER B 308 -19.69 23.83 18.05
CA SER B 308 -19.86 24.48 19.34
C SER B 308 -18.50 24.77 19.95
N TYR B 309 -17.63 25.44 19.20
CA TYR B 309 -16.35 25.87 19.69
C TYR B 309 -16.36 27.37 19.88
N LYS B 310 -15.43 27.87 20.70
CA LYS B 310 -15.23 29.29 20.86
C LYS B 310 -13.81 29.64 20.44
N VAL B 311 -13.67 30.75 19.71
CA VAL B 311 -12.34 31.23 19.34
C VAL B 311 -11.46 31.30 20.58
N GLY B 312 -10.27 30.73 20.50
CA GLY B 312 -9.34 30.71 21.60
C GLY B 312 -9.28 29.39 22.35
N ASP B 313 -10.36 28.62 22.32
CA ASP B 313 -10.32 27.26 22.86
C ASP B 313 -9.28 26.45 22.11
N LYS B 314 -8.72 25.44 22.79
CA LYS B 314 -7.70 24.60 22.20
C LYS B 314 -8.23 23.18 22.04
N ILE B 315 -8.09 22.63 20.84
CA ILE B 315 -8.51 21.26 20.58
C ILE B 315 -7.71 20.76 19.38
N ALA B 316 -7.28 19.50 19.46
CA ALA B 316 -6.62 18.88 18.32
C ALA B 316 -7.64 18.53 17.26
N THR B 317 -7.26 18.69 15.99
CA THR B 317 -8.22 18.38 14.94
C THR B 317 -8.57 16.89 14.91
N ARG B 318 -7.71 16.01 15.42
CA ARG B 318 -8.10 14.60 15.50
C ARG B 318 -9.28 14.41 16.46
N LYS B 319 -9.29 15.14 17.58
CA LYS B 319 -10.43 15.04 18.49
C LYS B 319 -11.66 15.70 17.88
N ALA B 320 -11.50 16.87 17.26
CA ALA B 320 -12.63 17.49 16.57
C ALA B 320 -13.23 16.58 15.51
N TYR B 321 -12.40 15.76 14.84
CA TYR B 321 -12.95 14.84 13.85
C TYR B 321 -13.91 13.86 14.51
N GLY B 322 -13.51 13.26 15.62
CA GLY B 322 -14.37 12.31 16.27
C GLY B 322 -15.66 12.92 16.75
N GLN B 323 -15.60 14.11 17.33
CA GLN B 323 -16.81 14.81 17.74
C GLN B 323 -17.69 15.13 16.53
N ALA B 324 -17.09 15.57 15.44
CA ALA B 324 -17.89 15.92 14.25
C ALA B 324 -18.52 14.68 13.63
N LEU B 325 -17.79 13.57 13.61
CA LEU B 325 -18.35 12.35 13.01
C LEU B 325 -19.51 11.83 13.83
N ALA B 326 -19.39 11.86 15.15
CA ALA B 326 -20.51 11.43 15.99
C ALA B 326 -21.72 12.33 15.77
N LYS B 327 -21.50 13.64 15.66
CA LYS B 327 -22.58 14.57 15.37
C LYS B 327 -23.22 14.26 14.02
N LEU B 328 -22.40 14.02 12.99
N LEU B 328 -22.38 14.04 12.98
CA LEU B 328 -22.94 13.72 11.67
CA LEU B 328 -22.87 13.69 11.65
C LEU B 328 -23.71 12.41 11.65
C LEU B 328 -23.72 12.42 11.67
N GLY B 329 -23.45 11.51 12.61
CA GLY B 329 -24.22 10.28 12.69
C GLY B 329 -25.66 10.51 13.09
N HIS B 330 -25.93 11.62 13.78
CA HIS B 330 -27.32 12.00 14.06
C HIS B 330 -27.96 12.71 12.88
N ALA B 331 -27.16 13.21 11.94
CA ALA B 331 -27.69 13.91 10.79
C ALA B 331 -28.09 12.97 9.66
N SER B 332 -27.52 11.77 9.62
CA SER B 332 -27.81 10.83 8.54
C SER B 332 -27.68 9.42 9.06
N ASP B 333 -28.66 8.58 8.69
CA ASP B 333 -28.60 7.16 9.01
C ASP B 333 -27.63 6.41 8.12
N ARG B 334 -27.13 7.05 7.06
CA ARG B 334 -26.24 6.37 6.14
C ARG B 334 -24.79 6.38 6.61
N ILE B 335 -24.43 7.24 7.57
CA ILE B 335 -23.05 7.34 8.02
C ILE B 335 -22.64 6.08 8.76
N ILE B 336 -21.52 5.49 8.35
CA ILE B 336 -20.89 4.42 9.11
C ILE B 336 -19.42 4.79 9.29
N ALA B 337 -18.83 4.22 10.33
CA ALA B 337 -17.44 4.52 10.67
C ALA B 337 -16.69 3.21 10.75
N LEU B 338 -15.45 3.22 10.25
CA LEU B 338 -14.54 2.08 10.25
C LEU B 338 -13.20 2.56 10.76
N ASP B 339 -12.51 1.70 11.50
CA ASP B 339 -11.23 2.10 12.08
C ASP B 339 -10.41 0.85 12.30
N GLY B 340 -9.09 1.00 12.25
CA GLY B 340 -8.19 -0.14 12.35
C GLY B 340 -7.43 -0.25 13.66
N ASP B 341 -8.17 -0.54 14.74
CA ASP B 341 -7.65 -0.66 16.11
C ASP B 341 -6.97 0.62 16.56
N THR B 342 -7.37 1.76 16.00
CA THR B 342 -6.81 3.04 16.45
C THR B 342 -7.89 4.00 16.92
N LYS B 343 -9.08 3.52 17.30
CA LYS B 343 -10.19 4.42 17.56
C LYS B 343 -9.95 5.36 18.74
N ASN B 344 -9.10 4.97 19.67
CA ASN B 344 -8.79 5.84 20.80
C ASN B 344 -7.77 6.91 20.44
N SER B 345 -7.08 6.76 19.31
CA SER B 345 -6.12 7.73 18.80
C SER B 345 -6.71 8.65 17.74
N THR B 346 -7.59 8.11 16.88
CA THR B 346 -8.24 8.91 15.87
C THR B 346 -9.48 9.61 16.40
N PHE B 347 -9.96 9.14 17.54
CA PHE B 347 -11.18 9.57 18.23
C PHE B 347 -12.44 9.17 17.48
N SER B 348 -12.32 8.24 16.54
CA SER B 348 -13.51 7.60 16.04
C SER B 348 -14.24 6.84 17.13
N GLU B 349 -13.59 6.59 18.29
CA GLU B 349 -14.29 5.98 19.42
C GLU B 349 -15.50 6.80 19.85
N ILE B 350 -15.50 8.11 19.58
CA ILE B 350 -16.65 8.94 19.97
C ILE B 350 -17.88 8.56 19.15
N PHE B 351 -17.69 8.28 17.85
CA PHE B 351 -18.78 7.75 17.03
C PHE B 351 -19.23 6.38 17.53
N LYS B 352 -18.28 5.50 17.85
CA LYS B 352 -18.63 4.17 18.33
C LYS B 352 -19.50 4.27 19.58
N LYS B 353 -19.17 5.20 20.47
CA LYS B 353 -19.94 5.32 21.71
C LYS B 353 -21.37 5.74 21.45
N GLU B 354 -21.58 6.63 20.47
CA GLU B 354 -22.91 7.16 20.21
C GLU B 354 -23.70 6.35 19.20
N HIS B 355 -23.04 5.72 18.21
CA HIS B 355 -23.71 4.93 17.18
C HIS B 355 -23.02 3.58 17.01
N PRO B 356 -23.01 2.75 18.05
CA PRO B 356 -22.19 1.52 18.00
C PRO B 356 -22.59 0.57 16.90
N ASP B 357 -23.88 0.52 16.53
N ASP B 357 -23.88 0.52 16.53
CA ASP B 357 -24.30 -0.40 15.48
CA ASP B 357 -24.31 -0.40 15.49
C ASP B 357 -23.73 -0.04 14.12
C ASP B 357 -23.82 -0.01 14.10
N ARG B 358 -23.27 1.20 13.94
CA ARG B 358 -22.75 1.65 12.65
C ARG B 358 -21.24 1.87 12.67
N PHE B 359 -20.56 1.36 13.69
CA PHE B 359 -19.10 1.35 13.76
C PHE B 359 -18.61 -0.06 13.43
N ILE B 360 -17.60 -0.15 12.56
CA ILE B 360 -17.01 -1.43 12.17
C ILE B 360 -15.55 -1.44 12.59
N GLU B 361 -15.24 -2.24 13.61
CA GLU B 361 -13.86 -2.47 14.00
C GLU B 361 -13.19 -3.36 12.95
N CYS B 362 -12.18 -2.82 12.27
CA CYS B 362 -11.51 -3.55 11.20
C CYS B 362 -10.17 -4.13 11.62
N TYR B 363 -9.72 -3.84 12.84
CA TYR B 363 -8.48 -4.38 13.39
C TYR B 363 -7.30 -3.91 12.55
N ILE B 364 -6.11 -4.47 12.75
CA ILE B 364 -4.88 -3.87 12.20
C ILE B 364 -4.71 -4.45 10.80
N ALA B 365 -5.47 -3.87 9.86
CA ALA B 365 -5.66 -4.40 8.51
C ALA B 365 -6.20 -3.28 7.63
N GLU B 366 -5.34 -2.32 7.31
CA GLU B 366 -5.77 -1.12 6.59
C GLU B 366 -6.21 -1.43 5.17
N GLN B 367 -5.52 -2.35 4.49
N GLN B 367 -5.57 -2.39 4.50
CA GLN B 367 -5.95 -2.78 3.17
CA GLN B 367 -5.98 -2.72 3.14
C GLN B 367 -7.42 -3.16 3.19
C GLN B 367 -7.40 -3.23 3.10
N ASN B 368 -7.75 -4.14 4.02
CA ASN B 368 -9.11 -4.65 4.07
C ASN B 368 -10.08 -3.56 4.50
N MET B 369 -9.68 -2.71 5.43
CA MET B 369 -10.58 -1.65 5.88
C MET B 369 -11.07 -0.80 4.71
N VAL B 370 -10.15 -0.36 3.84
CA VAL B 370 -10.55 0.47 2.71
C VAL B 370 -11.46 -0.32 1.77
N SER B 371 -11.14 -1.60 1.54
CA SER B 371 -12.00 -2.41 0.66
C SER B 371 -13.39 -2.61 1.26
N ILE B 372 -13.47 -2.85 2.57
CA ILE B 372 -14.77 -2.92 3.25
C ILE B 372 -15.58 -1.67 2.98
N ALA B 373 -14.96 -0.50 3.19
CA ALA B 373 -15.66 0.76 2.96
C ALA B 373 -16.13 0.87 1.53
N VAL B 374 -15.29 0.47 0.57
CA VAL B 374 -15.70 0.52 -0.83
C VAL B 374 -16.93 -0.36 -1.05
N GLY B 375 -16.91 -1.57 -0.49
CA GLY B 375 -18.06 -2.45 -0.62
C GLY B 375 -19.31 -1.88 0.01
N CYS B 376 -19.17 -1.27 1.20
CA CYS B 376 -20.31 -0.69 1.89
C CYS B 376 -20.91 0.47 1.11
N ALA B 377 -20.08 1.21 0.36
CA ALA B 377 -20.60 2.35 -0.39
C ALA B 377 -21.25 1.96 -1.71
N THR B 378 -21.10 0.71 -2.17
CA THR B 378 -21.66 0.35 -3.47
C THR B 378 -23.17 0.45 -3.42
N ARG B 379 -23.76 0.77 -4.58
CA ARG B 379 -25.20 1.00 -4.71
C ARG B 379 -25.70 2.04 -3.71
N ASN B 380 -24.80 2.93 -3.28
CA ASN B 380 -25.10 4.07 -2.42
C ASN B 380 -25.78 3.65 -1.11
N ARG B 381 -25.45 2.47 -0.59
CA ARG B 381 -26.17 1.99 0.59
C ARG B 381 -25.75 2.73 1.86
N THR B 382 -24.46 3.12 1.97
CA THR B 382 -23.96 3.80 3.14
C THR B 382 -22.99 4.89 2.71
N VAL B 383 -22.64 5.74 3.67
CA VAL B 383 -21.64 6.79 3.51
C VAL B 383 -20.50 6.51 4.49
N PRO B 384 -19.43 5.86 4.03
CA PRO B 384 -18.40 5.40 4.97
C PRO B 384 -17.30 6.41 5.25
N PHE B 385 -16.91 6.45 6.54
CA PHE B 385 -15.76 7.21 7.03
C PHE B 385 -14.80 6.22 7.69
N CYS B 386 -13.65 5.96 7.04
CA CYS B 386 -12.60 5.11 7.60
CA CYS B 386 -12.65 5.12 7.68
C CYS B 386 -11.50 5.95 8.22
N SER B 387 -10.91 5.46 9.30
CA SER B 387 -9.85 6.23 9.93
C SER B 387 -8.75 5.33 10.48
N THR B 388 -7.54 5.88 10.48
CA THR B 388 -6.32 5.33 11.07
C THR B 388 -5.32 6.48 11.09
N PHE B 389 -4.07 6.21 11.48
CA PHE B 389 -3.03 7.21 11.27
C PHE B 389 -2.85 7.41 9.77
N ALA B 390 -2.67 8.66 9.35
CA ALA B 390 -2.50 8.90 7.92
C ALA B 390 -1.31 8.10 7.37
N ALA B 391 -0.28 7.89 8.19
CA ALA B 391 0.88 7.12 7.73
C ALA B 391 0.47 5.73 7.29
N PHE B 392 -0.49 5.11 7.97
CA PHE B 392 -0.87 3.73 7.65
C PHE B 392 -1.88 3.65 6.51
N PHE B 393 -2.39 4.78 6.03
CA PHE B 393 -3.09 4.70 4.77
C PHE B 393 -2.16 4.40 3.60
N THR B 394 -0.84 4.61 3.75
CA THR B 394 0.06 4.15 2.69
C THR B 394 0.02 2.64 2.54
N ARG B 395 -0.39 1.92 3.60
N ARG B 395 -0.38 1.92 3.60
CA ARG B 395 -0.55 0.47 3.54
CA ARG B 395 -0.54 0.48 3.53
C ARG B 395 -1.71 0.06 2.65
C ARG B 395 -1.64 0.10 2.56
N ALA B 396 -2.60 0.99 2.32
CA ALA B 396 -3.79 0.71 1.51
C ALA B 396 -3.83 1.50 0.21
N PHE B 397 -2.67 1.97 -0.29
CA PHE B 397 -2.68 2.86 -1.46
C PHE B 397 -3.28 2.17 -2.68
N ASP B 398 -2.99 0.88 -2.89
CA ASP B 398 -3.55 0.19 -4.05
C ASP B 398 -5.06 0.06 -3.93
N GLN B 399 -5.55 -0.19 -2.71
CA GLN B 399 -7.01 -0.21 -2.51
C GLN B 399 -7.63 1.15 -2.80
N ILE B 400 -6.98 2.23 -2.35
CA ILE B 400 -7.47 3.58 -2.60
C ILE B 400 -7.40 3.89 -4.09
N ARG B 401 -6.31 3.49 -4.74
CA ARG B 401 -6.18 3.67 -6.19
C ARG B 401 -7.30 2.96 -6.93
N MET B 402 -7.56 1.70 -6.57
CA MET B 402 -8.65 0.96 -7.19
C MET B 402 -10.00 1.53 -6.80
N ALA B 403 -10.11 2.16 -5.61
CA ALA B 403 -11.37 2.77 -5.23
C ALA B 403 -11.73 3.91 -6.18
N ALA B 404 -10.75 4.69 -6.63
CA ALA B 404 -11.02 5.73 -7.62
C ALA B 404 -11.40 5.13 -8.98
N ILE B 405 -10.71 4.07 -9.39
CA ILE B 405 -11.11 3.39 -10.62
C ILE B 405 -12.51 2.80 -10.47
N SER B 406 -12.90 2.46 -9.25
CA SER B 406 -14.24 1.98 -8.91
C SER B 406 -15.25 3.11 -8.77
N GLU B 407 -14.83 4.35 -9.02
CA GLU B 407 -15.69 5.53 -8.89
C GLU B 407 -16.38 5.54 -7.53
N SER B 408 -15.64 5.14 -6.50
CA SER B 408 -16.21 4.94 -5.18
C SER B 408 -16.30 6.24 -4.40
N ASN B 409 -17.36 6.39 -3.61
CA ASN B 409 -17.55 7.54 -2.73
C ASN B 409 -17.26 7.06 -1.31
N ILE B 410 -15.99 7.14 -0.92
CA ILE B 410 -15.61 6.83 0.45
C ILE B 410 -14.85 8.02 1.03
N ASN B 411 -14.88 8.11 2.36
CA ASN B 411 -14.21 9.16 3.13
C ASN B 411 -13.17 8.53 4.04
N LEU B 412 -11.97 9.10 4.01
N LEU B 412 -11.99 9.12 4.07
CA LEU B 412 -10.83 8.59 4.77
CA LEU B 412 -10.85 8.58 4.78
C LEU B 412 -10.30 9.73 5.62
C LEU B 412 -10.25 9.70 5.61
N CYS B 413 -10.10 9.47 6.91
CA CYS B 413 -9.53 10.46 7.81
C CYS B 413 -8.26 9.86 8.41
N GLY B 414 -7.13 10.47 8.10
CA GLY B 414 -5.87 10.02 8.65
C GLY B 414 -5.32 11.00 9.67
N SER B 415 -5.04 10.53 10.88
CA SER B 415 -4.59 11.38 11.97
C SER B 415 -3.07 11.36 12.05
N HIS B 416 -2.53 12.07 13.05
CA HIS B 416 -1.11 11.97 13.41
C HIS B 416 -0.22 12.35 12.25
N CYS B 417 -0.62 13.37 11.50
CA CYS B 417 0.18 13.77 10.36
C CYS B 417 1.42 14.55 10.79
N GLY B 418 2.50 14.35 10.04
CA GLY B 418 3.71 15.15 10.19
C GLY B 418 4.54 14.87 11.42
N VAL B 419 5.62 15.68 11.54
CA VAL B 419 6.52 15.53 12.68
C VAL B 419 5.89 16.04 13.97
N SER B 420 4.80 16.79 13.89
CA SER B 420 4.28 17.40 15.11
C SER B 420 3.72 16.37 16.09
N ILE B 421 3.63 15.09 15.73
CA ILE B 421 3.22 14.09 16.72
C ILE B 421 4.29 13.89 17.76
N GLY B 422 5.54 14.22 17.45
CA GLY B 422 6.59 14.14 18.42
C GLY B 422 7.23 12.78 18.62
N GLU B 423 7.09 12.23 19.83
CA GLU B 423 8.05 11.26 20.33
C GLU B 423 7.97 9.89 19.65
N ASP B 424 6.85 9.55 19.02
CA ASP B 424 6.77 8.23 18.38
C ASP B 424 7.81 8.07 17.27
N GLY B 425 8.18 9.15 16.59
CA GLY B 425 9.16 9.02 15.54
C GLY B 425 8.52 8.74 14.19
N PRO B 426 9.39 8.58 13.18
CA PRO B 426 8.92 8.67 11.78
C PRO B 426 8.01 7.53 11.31
N SER B 427 8.08 6.35 11.92
CA SER B 427 7.21 5.26 11.50
C SER B 427 5.74 5.63 11.62
N GLN B 428 5.41 6.54 12.55
N GLN B 428 5.40 6.52 12.56
CA GLN B 428 4.04 6.97 12.76
CA GLN B 428 4.01 6.96 12.73
C GLN B 428 3.73 8.30 12.10
C GLN B 428 3.71 8.29 12.07
N MET B 429 4.70 8.94 11.47
CA MET B 429 4.52 10.30 10.95
C MET B 429 4.11 10.28 9.48
N ALA B 430 2.94 10.82 9.18
CA ALA B 430 2.54 10.91 7.78
C ALA B 430 3.21 12.12 7.14
N LEU B 431 4.07 11.85 6.17
CA LEU B 431 4.84 12.88 5.48
C LEU B 431 4.71 12.78 3.97
N GLU B 432 3.89 11.85 3.49
CA GLU B 432 3.73 11.57 2.07
C GLU B 432 2.25 11.37 1.73
N ASP B 433 1.35 11.61 2.68
CA ASP B 433 -0.07 11.37 2.46
C ASP B 433 -0.68 12.42 1.54
N LEU B 434 -0.17 13.66 1.55
CA LEU B 434 -0.67 14.63 0.59
C LEU B 434 -0.26 14.23 -0.83
N ALA B 435 1.00 13.81 -1.00
CA ALA B 435 1.43 13.34 -2.31
C ALA B 435 0.56 12.18 -2.77
N MET B 436 0.34 11.22 -1.87
CA MET B 436 -0.44 10.04 -2.20
C MET B 436 -1.88 10.41 -2.58
N PHE B 437 -2.57 11.14 -1.71
CA PHE B 437 -3.99 11.39 -1.99
C PHE B 437 -4.17 12.39 -3.12
N ARG B 438 -3.25 13.33 -3.30
CA ARG B 438 -3.35 14.21 -4.46
C ARG B 438 -3.23 13.46 -5.77
N SER B 439 -2.50 12.34 -5.80
CA SER B 439 -2.33 11.58 -7.03
C SER B 439 -3.50 10.65 -7.31
N VAL B 440 -4.52 10.66 -6.46
CA VAL B 440 -5.73 9.85 -6.67
C VAL B 440 -6.73 10.71 -7.44
N PRO B 441 -7.12 10.33 -8.67
N PRO B 441 -7.14 10.31 -8.65
CA PRO B 441 -7.72 11.34 -9.58
CA PRO B 441 -8.23 11.03 -9.32
C PRO B 441 -9.06 11.89 -9.13
C PRO B 441 -9.48 10.98 -8.48
N THR B 442 -9.83 11.17 -8.32
N THR B 442 -10.32 12.00 -8.66
CA THR B 442 -11.16 11.62 -7.88
CA THR B 442 -11.52 12.25 -7.88
C THR B 442 -11.13 12.25 -6.49
C THR B 442 -11.22 12.55 -6.42
N SER B 443 -9.96 12.61 -5.99
CA SER B 443 -9.77 12.94 -4.59
C SER B 443 -10.08 14.40 -4.32
N THR B 444 -10.59 14.63 -3.12
CA THR B 444 -10.69 15.94 -2.50
C THR B 444 -9.90 15.83 -1.21
N VAL B 445 -8.94 16.72 -1.02
CA VAL B 445 -8.01 16.63 0.10
C VAL B 445 -8.27 17.80 1.04
N PHE B 446 -8.89 17.50 2.17
CA PHE B 446 -9.16 18.47 3.22
C PHE B 446 -8.02 18.46 4.24
N TYR B 447 -7.55 19.64 4.62
CA TYR B 447 -6.52 19.77 5.66
C TYR B 447 -7.02 20.82 6.64
N PRO B 448 -7.95 20.45 7.52
CA PRO B 448 -8.53 21.43 8.44
C PRO B 448 -7.52 21.90 9.49
N SER B 449 -7.52 23.21 9.75
CA SER B 449 -6.52 23.76 10.64
C SER B 449 -6.99 23.97 12.07
N ASP B 450 -8.29 23.90 12.33
CA ASP B 450 -8.79 23.99 13.68
C ASP B 450 -10.05 23.14 13.80
N GLY B 451 -10.64 23.12 15.00
CA GLY B 451 -11.82 22.29 15.22
C GLY B 451 -13.01 22.67 14.36
N VAL B 452 -13.20 23.97 14.12
CA VAL B 452 -14.32 24.41 13.28
C VAL B 452 -14.16 23.93 11.85
N ALA B 453 -12.98 24.19 11.26
CA ALA B 453 -12.72 23.72 9.91
C ALA B 453 -12.82 22.20 9.81
N THR B 454 -12.47 21.48 10.88
CA THR B 454 -12.59 20.02 10.87
C THR B 454 -14.06 19.60 10.78
N GLU B 455 -14.91 20.19 11.61
CA GLU B 455 -16.33 19.83 11.57
C GLU B 455 -16.93 20.17 10.21
N LYS B 456 -16.56 21.34 9.65
CA LYS B 456 -17.08 21.70 8.33
C LYS B 456 -16.53 20.77 7.24
N ALA B 457 -15.27 20.30 7.39
CA ALA B 457 -14.73 19.37 6.41
C ALA B 457 -15.45 18.03 6.46
N VAL B 458 -15.80 17.56 7.65
CA VAL B 458 -16.55 16.31 7.76
C VAL B 458 -17.89 16.43 7.06
N GLU B 459 -18.57 17.56 7.24
CA GLU B 459 -19.87 17.75 6.63
C GLU B 459 -19.76 17.85 5.12
N LEU B 460 -18.81 18.65 4.63
CA LEU B 460 -18.60 18.76 3.18
C LEU B 460 -18.23 17.41 2.58
N ALA B 461 -17.31 16.69 3.23
CA ALA B 461 -16.89 15.39 2.70
C ALA B 461 -18.08 14.44 2.55
N ALA B 462 -18.97 14.41 3.55
CA ALA B 462 -20.13 13.53 3.49
C ALA B 462 -20.94 13.74 2.21
N ASN B 463 -20.99 14.97 1.70
CA ASN B 463 -21.78 15.31 0.53
C ASN B 463 -20.96 15.42 -0.74
N THR B 464 -19.69 15.03 -0.70
CA THR B 464 -18.79 15.19 -1.84
C THR B 464 -18.48 13.84 -2.44
N LYS B 465 -18.62 13.72 -3.75
CA LYS B 465 -18.33 12.46 -4.43
C LYS B 465 -16.82 12.26 -4.57
N GLY B 466 -16.44 11.01 -4.75
CA GLY B 466 -15.03 10.67 -4.95
C GLY B 466 -14.35 10.27 -3.67
N ILE B 467 -13.01 10.23 -3.73
CA ILE B 467 -12.18 9.80 -2.60
C ILE B 467 -11.88 11.03 -1.76
N CYS B 468 -12.58 11.18 -0.62
CA CYS B 468 -12.33 12.32 0.25
C CYS B 468 -11.35 11.95 1.33
N PHE B 469 -10.31 12.76 1.50
CA PHE B 469 -9.32 12.56 2.55
C PHE B 469 -9.32 13.75 3.48
N ILE B 470 -9.35 13.49 4.78
CA ILE B 470 -9.28 14.53 5.80
C ILE B 470 -8.03 14.28 6.64
N ARG B 471 -7.12 15.24 6.64
CA ARG B 471 -5.82 15.11 7.30
C ARG B 471 -5.94 15.78 8.66
N THR B 472 -5.91 14.98 9.74
CA THR B 472 -5.99 15.53 11.09
C THR B 472 -4.66 15.44 11.82
N SER B 473 -4.60 16.15 12.96
CA SER B 473 -3.34 16.46 13.63
C SER B 473 -3.44 16.20 15.13
N ARG B 474 -2.28 15.95 15.73
CA ARG B 474 -2.18 15.63 17.16
C ARG B 474 -2.09 16.84 18.07
N PRO B 475 -1.36 17.92 17.74
CA PRO B 475 -1.26 19.05 18.67
C PRO B 475 -2.60 19.73 18.89
N GLU B 476 -2.76 20.32 20.08
N GLU B 476 -2.83 20.13 20.12
CA GLU B 476 -4.02 21.00 20.44
CA GLU B 476 -3.94 21.02 20.41
C GLU B 476 -3.91 22.49 20.17
C GLU B 476 -3.57 22.40 19.91
N ASN B 477 -4.35 22.92 18.98
CA ASN B 477 -4.20 24.31 18.54
C ASN B 477 -5.48 25.09 18.81
N ALA B 478 -5.34 26.41 18.78
CA ALA B 478 -6.47 27.28 19.09
C ALA B 478 -7.50 27.27 17.98
N ILE B 479 -8.77 27.38 18.38
CA ILE B 479 -9.83 27.70 17.43
C ILE B 479 -9.61 29.11 16.90
N ILE B 480 -9.64 29.26 15.58
CA ILE B 480 -9.48 30.58 14.98
C ILE B 480 -10.69 31.02 14.19
N TYR B 481 -11.59 30.12 13.83
CA TYR B 481 -12.75 30.46 13.03
C TYR B 481 -13.97 30.56 13.92
N ASN B 482 -14.87 31.49 13.57
CA ASN B 482 -16.17 31.53 14.21
C ASN B 482 -17.02 30.35 13.77
N ASN B 483 -17.95 29.95 14.64
N ASN B 483 -17.94 29.94 14.64
CA ASN B 483 -18.72 28.73 14.42
CA ASN B 483 -18.69 28.72 14.41
C ASN B 483 -19.55 28.79 13.15
C ASN B 483 -19.60 28.79 13.19
N ASN B 484 -19.95 29.99 12.72
CA ASN B 484 -20.76 30.14 11.53
C ASN B 484 -19.95 30.52 10.30
N GLU B 485 -18.63 30.30 10.32
CA GLU B 485 -17.83 30.49 9.12
C GLU B 485 -18.28 29.49 8.06
N ASP B 486 -18.47 29.99 6.84
CA ASP B 486 -18.89 29.13 5.75
C ASP B 486 -17.65 28.61 5.02
N PHE B 487 -17.63 27.30 4.79
CA PHE B 487 -16.53 26.64 4.11
C PHE B 487 -17.05 25.96 2.85
N GLN B 488 -16.20 25.92 1.83
CA GLN B 488 -16.54 25.26 0.57
C GLN B 488 -15.30 24.55 0.05
N VAL B 489 -15.53 23.41 -0.63
CA VAL B 489 -14.46 22.75 -1.35
C VAL B 489 -13.83 23.73 -2.32
N GLY B 490 -12.50 23.84 -2.28
CA GLY B 490 -11.81 24.68 -3.23
C GLY B 490 -11.74 26.14 -2.86
N GLN B 491 -12.18 26.52 -1.67
CA GLN B 491 -12.17 27.89 -1.21
C GLN B 491 -11.23 28.00 -0.02
N ALA B 492 -10.17 28.80 -0.16
CA ALA B 492 -9.25 29.06 0.93
C ALA B 492 -9.74 30.21 1.80
N LYS B 493 -9.04 30.44 2.89
CA LYS B 493 -9.36 31.51 3.83
C LYS B 493 -8.11 32.32 4.10
N VAL B 494 -8.21 33.65 3.97
CA VAL B 494 -7.16 34.52 4.46
C VAL B 494 -7.49 34.84 5.91
N VAL B 495 -6.63 34.39 6.83
CA VAL B 495 -6.89 34.51 8.26
C VAL B 495 -6.13 35.67 8.89
N LEU B 496 -5.23 36.32 8.16
CA LEU B 496 -4.56 37.52 8.64
C LEU B 496 -4.16 38.34 7.43
N LYS B 497 -4.54 39.62 7.39
CA LYS B 497 -4.17 40.45 6.24
C LYS B 497 -4.08 41.91 6.64
N SER B 498 -3.27 42.65 5.88
CA SER B 498 -3.16 44.09 6.02
C SER B 498 -2.71 44.66 4.67
N LYS B 499 -2.87 45.98 4.53
CA LYS B 499 -2.43 46.63 3.31
C LYS B 499 -0.92 46.64 3.16
N ASP B 500 -0.19 46.36 4.23
CA ASP B 500 1.27 46.44 4.24
C ASP B 500 1.92 45.05 4.28
N ASP B 501 1.22 44.03 3.82
CA ASP B 501 1.77 42.67 3.86
C ASP B 501 2.89 42.53 2.84
N GLN B 502 3.98 41.89 3.26
CA GLN B 502 5.15 41.75 2.40
C GLN B 502 5.36 40.35 1.85
N VAL B 503 4.64 39.36 2.35
N VAL B 503 4.67 39.36 2.40
CA VAL B 503 4.68 38.02 1.78
CA VAL B 503 4.69 37.97 1.92
C VAL B 503 3.46 37.25 2.27
C VAL B 503 3.33 37.40 2.22
N THR B 504 2.85 36.49 1.36
CA THR B 504 1.71 35.65 1.68
C THR B 504 2.26 34.30 2.15
N VAL B 505 1.99 33.96 3.41
CA VAL B 505 2.46 32.70 3.98
C VAL B 505 1.29 31.73 3.99
N ILE B 506 1.47 30.61 3.31
CA ILE B 506 0.47 29.57 3.21
C ILE B 506 0.88 28.44 4.15
N GLY B 507 0.06 28.20 5.18
CA GLY B 507 0.30 27.11 6.10
C GLY B 507 -0.98 26.31 6.28
N ALA B 508 -0.87 25.17 6.96
CA ALA B 508 -2.04 24.34 7.19
C ALA B 508 -1.81 23.49 8.44
N GLY B 509 -2.90 23.23 9.16
CA GLY B 509 -2.78 22.52 10.42
C GLY B 509 -1.76 23.21 11.31
N VAL B 510 -0.81 22.44 11.82
CA VAL B 510 0.16 22.99 12.77
C VAL B 510 0.97 24.12 12.14
N THR B 511 1.26 24.06 10.84
CA THR B 511 2.07 25.16 10.29
C THR B 511 1.25 26.41 10.03
N LEU B 512 -0.08 26.31 9.95
CA LEU B 512 -0.87 27.53 9.96
C LEU B 512 -0.71 28.25 11.29
N HIS B 513 -0.75 27.51 12.40
CA HIS B 513 -0.59 28.15 13.70
C HIS B 513 0.84 28.63 13.92
N GLU B 514 1.84 27.90 13.40
CA GLU B 514 3.20 28.44 13.45
C GLU B 514 3.33 29.70 12.62
N ALA B 515 2.60 29.79 11.50
CA ALA B 515 2.64 31.00 10.69
C ALA B 515 2.01 32.19 11.42
N LEU B 516 0.88 31.96 12.09
CA LEU B 516 0.28 33.01 12.91
C LEU B 516 1.23 33.46 14.00
N ALA B 517 1.93 32.52 14.64
CA ALA B 517 2.90 32.88 15.66
C ALA B 517 4.06 33.66 15.05
N ALA B 518 4.53 33.25 13.87
CA ALA B 518 5.54 34.04 13.16
C ALA B 518 5.04 35.45 12.87
N ALA B 519 3.77 35.60 12.52
CA ALA B 519 3.25 36.93 12.24
C ALA B 519 3.33 37.84 13.46
N GLU B 520 2.98 37.32 14.64
CA GLU B 520 3.06 38.13 15.85
C GLU B 520 4.51 38.48 16.19
N LEU B 521 5.43 37.54 15.98
CA LEU B 521 6.85 37.85 16.14
C LEU B 521 7.29 38.94 15.15
N LEU B 522 6.88 38.80 13.89
CA LEU B 522 7.35 39.74 12.87
C LEU B 522 6.78 41.13 13.09
N LYS B 523 5.57 41.24 13.66
CA LYS B 523 4.99 42.56 13.91
C LYS B 523 5.88 43.38 14.85
N LYS B 524 6.64 42.72 15.73
CA LYS B 524 7.56 43.44 16.59
C LYS B 524 8.69 44.09 15.80
N GLU B 525 8.91 43.69 14.55
CA GLU B 525 9.90 44.29 13.67
C GLU B 525 9.26 45.12 12.57
N LYS B 526 7.97 45.47 12.73
CA LYS B 526 7.21 46.24 11.74
C LYS B 526 7.10 45.49 10.41
N ILE B 527 7.05 44.16 10.44
CA ILE B 527 6.84 43.36 9.24
C ILE B 527 5.49 42.67 9.34
N ASN B 528 4.59 42.98 8.41
CA ASN B 528 3.30 42.30 8.29
C ASN B 528 3.36 41.22 7.22
N ILE B 529 2.75 40.08 7.50
CA ILE B 529 2.59 39.02 6.50
C ILE B 529 1.12 38.67 6.39
N ARG B 530 0.70 38.32 5.17
CA ARG B 530 -0.61 37.72 4.97
C ARG B 530 -0.51 36.24 5.29
N VAL B 531 -1.55 35.68 5.89
CA VAL B 531 -1.57 34.26 6.24
C VAL B 531 -2.80 33.63 5.61
N LEU B 532 -2.58 32.56 4.84
CA LEU B 532 -3.64 31.93 4.07
C LEU B 532 -3.74 30.47 4.47
N ASP B 533 -4.96 30.02 4.73
CA ASP B 533 -5.30 28.65 5.10
C ASP B 533 -5.99 28.01 3.90
N PRO B 534 -5.38 27.05 3.21
CA PRO B 534 -5.97 26.56 1.95
C PRO B 534 -7.30 25.86 2.15
N PHE B 535 -7.49 25.22 3.30
CA PHE B 535 -8.65 24.38 3.63
C PHE B 535 -8.66 23.09 2.81
N THR B 536 -8.80 23.17 1.48
CA THR B 536 -8.55 22.00 0.64
C THR B 536 -7.24 22.20 -0.09
N ILE B 537 -6.35 21.21 0.03
CA ILE B 537 -5.14 21.21 -0.77
C ILE B 537 -5.46 20.83 -2.21
N LYS B 538 -6.51 20.04 -2.40
CA LYS B 538 -6.99 19.62 -3.71
C LYS B 538 -8.52 19.62 -3.64
N PRO B 539 -9.22 20.45 -4.43
CA PRO B 539 -8.71 21.46 -5.35
C PRO B 539 -8.17 22.67 -4.62
N LEU B 540 -7.17 23.31 -5.20
CA LEU B 540 -6.52 24.47 -4.60
C LEU B 540 -7.23 25.74 -5.07
N ASP B 541 -7.39 26.69 -4.14
CA ASP B 541 -8.00 27.99 -4.46
C ASP B 541 -6.95 28.87 -5.13
N ARG B 542 -6.76 28.63 -6.42
CA ARG B 542 -5.74 29.36 -7.19
C ARG B 542 -6.01 30.86 -7.20
N LYS B 543 -7.27 31.25 -7.41
CA LYS B 543 -7.58 32.68 -7.50
C LYS B 543 -7.23 33.41 -6.22
N LEU B 544 -7.66 32.89 -5.06
CA LEU B 544 -7.35 33.59 -3.82
C LEU B 544 -5.86 33.61 -3.53
N ILE B 545 -5.15 32.52 -3.89
CA ILE B 545 -3.70 32.50 -3.69
C ILE B 545 -3.03 33.55 -4.56
N LEU B 546 -3.42 33.65 -5.83
CA LEU B 546 -2.82 34.63 -6.73
C LEU B 546 -3.22 36.05 -6.35
N ASP B 547 -4.49 36.27 -6.01
CA ASP B 547 -4.92 37.59 -5.55
C ASP B 547 -4.15 38.01 -4.31
N SER B 548 -3.94 37.08 -3.39
CA SER B 548 -3.16 37.38 -2.19
C SER B 548 -1.73 37.74 -2.55
N ALA B 549 -1.09 36.94 -3.42
CA ALA B 549 0.31 37.18 -3.73
C ALA B 549 0.50 38.52 -4.43
N ARG B 550 -0.43 38.88 -5.33
CA ARG B 550 -0.32 40.17 -6.01
C ARG B 550 -0.44 41.33 -5.03
N ALA B 551 -1.11 41.12 -3.90
CA ALA B 551 -1.15 42.14 -2.86
C ALA B 551 0.07 42.10 -1.94
N THR B 552 0.93 41.08 -2.07
CA THR B 552 2.09 40.99 -1.19
C THR B 552 3.36 40.90 -2.01
N LYS B 553 3.53 41.82 -2.96
CA LYS B 553 4.74 41.97 -3.76
C LYS B 553 5.05 40.73 -4.58
N GLY B 554 4.03 39.93 -4.86
CA GLY B 554 4.16 38.72 -5.63
C GLY B 554 4.69 37.52 -4.86
N ARG B 555 5.03 37.67 -3.58
CA ARG B 555 5.79 36.68 -2.84
C ARG B 555 4.86 35.72 -2.10
N ILE B 556 5.09 34.42 -2.31
CA ILE B 556 4.41 33.36 -1.58
C ILE B 556 5.46 32.53 -0.85
N LEU B 557 5.17 32.19 0.40
CA LEU B 557 5.96 31.25 1.18
C LEU B 557 5.02 30.16 1.66
N THR B 558 5.27 28.92 1.26
CA THR B 558 4.49 27.79 1.73
CA THR B 558 4.50 27.79 1.72
C THR B 558 5.26 27.05 2.81
N VAL B 559 4.56 26.63 3.86
CA VAL B 559 5.20 25.91 4.95
C VAL B 559 4.32 24.73 5.34
N GLU B 560 4.89 23.52 5.36
CA GLU B 560 4.06 22.33 5.49
C GLU B 560 4.79 21.24 6.27
N ASP B 561 4.01 20.51 7.07
CA ASP B 561 4.51 19.37 7.84
C ASP B 561 4.31 18.12 6.98
N HIS B 562 5.19 17.98 5.99
CA HIS B 562 5.08 17.00 4.91
C HIS B 562 6.39 17.10 4.14
N TYR B 563 6.73 16.05 3.40
CA TYR B 563 7.92 16.11 2.55
C TYR B 563 7.71 17.12 1.41
N TYR B 564 8.81 17.43 0.70
CA TYR B 564 8.72 18.47 -0.33
C TYR B 564 7.91 18.04 -1.53
N GLU B 565 7.97 16.76 -1.88
CA GLU B 565 7.42 16.30 -3.14
C GLU B 565 5.94 15.97 -3.00
N GLY B 566 5.14 16.54 -3.89
CA GLY B 566 3.73 16.21 -3.97
C GLY B 566 2.83 16.86 -2.93
N GLY B 567 3.36 17.76 -2.11
CA GLY B 567 2.61 18.37 -1.03
C GLY B 567 2.09 19.75 -1.38
N ILE B 568 1.92 20.58 -0.35
CA ILE B 568 1.29 21.89 -0.53
C ILE B 568 2.16 22.79 -1.40
N GLY B 569 3.47 22.84 -1.11
CA GLY B 569 4.36 23.70 -1.85
C GLY B 569 4.37 23.38 -3.34
N GLU B 570 4.43 22.10 -3.69
CA GLU B 570 4.42 21.73 -5.10
C GLU B 570 3.06 22.01 -5.74
N ALA B 571 1.97 21.81 -4.99
CA ALA B 571 0.66 22.16 -5.54
C ALA B 571 0.59 23.64 -5.85
N VAL B 572 1.08 24.49 -4.94
CA VAL B 572 1.03 25.93 -5.14
C VAL B 572 1.95 26.33 -6.29
N SER B 573 3.17 25.81 -6.31
CA SER B 573 4.09 26.13 -7.40
C SER B 573 3.49 25.75 -8.75
N SER B 574 2.87 24.57 -8.84
CA SER B 574 2.26 24.16 -10.10
C SER B 574 1.11 25.08 -10.49
N ALA B 575 0.35 25.59 -9.52
CA ALA B 575 -0.78 26.45 -9.84
C ALA B 575 -0.34 27.82 -10.35
N VAL B 576 0.77 28.37 -9.85
CA VAL B 576 1.11 29.75 -10.14
C VAL B 576 2.28 29.91 -11.10
N VAL B 577 2.94 28.80 -11.50
CA VAL B 577 4.16 28.94 -12.30
C VAL B 577 3.87 29.74 -13.57
N GLY B 578 4.77 30.65 -13.90
CA GLY B 578 4.63 31.47 -15.09
C GLY B 578 3.84 32.75 -14.90
N GLU B 579 3.13 32.91 -13.78
CA GLU B 579 2.42 34.16 -13.55
C GLU B 579 3.42 35.29 -13.32
N PRO B 580 3.28 36.42 -14.01
CA PRO B 580 4.30 37.49 -13.91
C PRO B 580 4.42 38.02 -12.49
N GLY B 581 5.67 38.15 -12.03
CA GLY B 581 5.96 38.73 -10.73
C GLY B 581 5.75 37.83 -9.54
N ILE B 582 5.31 36.60 -9.72
CA ILE B 582 5.04 35.71 -8.60
C ILE B 582 6.27 34.88 -8.30
N THR B 583 6.60 34.76 -7.03
CA THR B 583 7.67 33.88 -6.57
C THR B 583 7.15 33.00 -5.45
N VAL B 584 7.70 31.79 -5.34
CA VAL B 584 7.29 30.84 -4.31
C VAL B 584 8.52 30.29 -3.62
N THR B 585 8.58 30.44 -2.30
CA THR B 585 9.59 29.84 -1.43
C THR B 585 8.92 28.72 -0.63
N HIS B 586 9.64 27.63 -0.38
N HIS B 586 9.62 27.60 -0.49
CA HIS B 586 9.04 26.40 0.12
CA HIS B 586 9.06 26.42 0.15
C HIS B 586 9.78 25.91 1.36
C HIS B 586 9.82 26.10 1.43
N LEU B 587 9.07 25.80 2.49
CA LEU B 587 9.60 25.20 3.70
C LEU B 587 8.85 23.90 3.92
N ALA B 588 9.58 22.80 4.05
CA ALA B 588 8.97 21.50 4.28
C ALA B 588 10.00 20.62 4.97
N VAL B 589 9.66 19.34 5.14
CA VAL B 589 10.52 18.38 5.84
C VAL B 589 11.41 17.71 4.80
N ASN B 590 12.73 17.77 4.98
CA ASN B 590 13.64 17.41 3.89
C ASN B 590 14.22 15.99 3.99
N ARG B 591 13.87 15.21 5.00
CA ARG B 591 14.44 13.89 5.21
C ARG B 591 13.64 13.16 6.28
N VAL B 592 13.89 11.85 6.40
CA VAL B 592 13.24 11.04 7.44
C VAL B 592 13.51 11.66 8.81
N PRO B 593 12.48 11.93 9.60
CA PRO B 593 12.71 12.56 10.91
C PRO B 593 13.12 11.60 12.00
N ARG B 594 12.87 11.98 13.26
CA ARG B 594 13.39 11.28 14.43
C ARG B 594 12.52 11.68 15.62
N SER B 595 12.83 11.13 16.79
CA SER B 595 11.99 11.37 17.96
C SER B 595 12.39 12.65 18.68
N GLY B 596 11.37 13.35 19.18
CA GLY B 596 11.58 14.50 20.04
C GLY B 596 10.23 15.08 20.39
N LYS B 597 10.25 16.16 21.17
CA LYS B 597 9.01 16.86 21.44
C LYS B 597 8.49 17.51 20.16
N PRO B 598 7.17 17.66 20.03
CA PRO B 598 6.62 18.30 18.82
C PRO B 598 7.30 19.63 18.46
N ALA B 599 7.44 20.55 19.41
CA ALA B 599 8.08 21.83 19.10
C ALA B 599 9.53 21.65 18.68
N GLU B 600 10.23 20.69 19.28
CA GLU B 600 11.62 20.46 18.92
C GLU B 600 11.76 19.97 17.49
N LEU B 601 10.84 19.09 17.06
CA LEU B 601 10.92 18.57 15.69
C LEU B 601 10.51 19.62 14.68
N LEU B 602 9.52 20.44 15.00
CA LEU B 602 9.16 21.52 14.08
C LEU B 602 10.35 22.44 13.86
N LYS B 603 11.11 22.70 14.91
CA LYS B 603 12.32 23.52 14.78
C LYS B 603 13.40 22.80 13.99
N MET B 604 13.72 21.56 14.38
CA MET B 604 14.78 20.81 13.72
C MET B 604 14.54 20.70 12.22
N PHE B 605 13.30 20.55 11.80
CA PHE B 605 13.03 20.33 10.39
C PHE B 605 12.54 21.58 9.69
N GLY B 606 12.66 22.74 10.35
CA GLY B 606 12.57 24.01 9.66
C GLY B 606 11.18 24.46 9.29
N ILE B 607 10.17 24.11 10.08
CA ILE B 607 8.81 24.48 9.69
C ILE B 607 8.06 25.11 10.86
N ASP B 608 8.80 25.64 11.83
CA ASP B 608 8.20 26.31 12.98
C ASP B 608 8.20 27.83 12.77
N ARG B 609 7.72 28.54 13.79
CA ARG B 609 7.54 29.98 13.67
C ARG B 609 8.87 30.70 13.41
N ASP B 610 9.96 30.21 14.02
CA ASP B 610 11.25 30.87 13.79
C ASP B 610 11.74 30.64 12.37
N ALA B 611 11.60 29.42 11.84
CA ALA B 611 11.97 29.17 10.45
C ALA B 611 11.15 30.00 9.49
N ILE B 612 9.86 30.17 9.78
CA ILE B 612 8.99 30.98 8.93
C ILE B 612 9.43 32.44 8.97
N ALA B 613 9.66 32.96 10.18
CA ALA B 613 10.10 34.34 10.31
C ALA B 613 11.43 34.57 9.60
N GLN B 614 12.39 33.66 9.76
CA GLN B 614 13.67 33.81 9.07
C GLN B 614 13.50 33.78 7.55
N ALA B 615 12.64 32.89 7.06
CA ALA B 615 12.38 32.83 5.63
C ALA B 615 11.78 34.14 5.14
N VAL B 616 10.87 34.74 5.92
CA VAL B 616 10.26 36.00 5.53
C VAL B 616 11.31 37.11 5.49
N ARG B 617 12.13 37.20 6.53
CA ARG B 617 13.19 38.21 6.55
C ARG B 617 14.09 38.07 5.32
N GLY B 618 14.47 36.85 4.98
CA GLY B 618 15.32 36.64 3.82
C GLY B 618 14.68 37.11 2.52
N LEU B 619 13.36 36.93 2.39
CA LEU B 619 12.68 37.35 1.17
C LEU B 619 12.68 38.87 1.03
N ILE B 620 12.43 39.57 2.12
CA ILE B 620 12.39 41.03 2.07
C ILE B 620 13.74 41.58 1.67
N THR B 621 14.82 41.01 2.22
CA THR B 621 16.17 41.45 1.86
C THR B 621 16.75 40.64 0.71
CA CA C . -1.26 -7.77 21.82
N1' THD D . -1.32 0.06 11.86
C2' THD D . -0.02 -0.19 11.67
CM2 THD D . 0.31 -0.79 10.25
N3' THD D . 0.95 -0.03 12.49
C4' THD D . 0.53 0.52 13.67
N4' THD D . 1.67 0.74 14.42
C5' THD D . -0.76 0.78 13.92
C6' THD D . -1.71 0.59 13.06
C7' THD D . -1.20 1.48 15.21
N3 THD D . -0.83 0.73 16.48
C2 THD D . 0.44 0.82 17.08
S1 THD D . 0.72 -0.52 18.22
C5 THD D . -0.91 -1.18 17.94
C4 THD D . -1.55 -0.36 16.94
CM4 THD D . -2.90 -0.57 16.56
C6 THD D . -1.51 -2.30 18.64
C7 THD D . -0.43 -3.41 18.58
O7 THD D . -1.12 -4.48 19.24
PA THD D . -0.34 -5.86 19.26
O1A THD D . 0.22 -6.32 17.97
O2A THD D . -1.19 -6.84 19.87
O3A THD D . 0.99 -5.66 20.14
PB THD D . 1.12 -5.55 21.81
O1B THD D . 2.28 -6.42 22.13
O2B THD D . 1.37 -4.10 22.11
O3B THD D . -0.14 -6.01 22.44
C8 THD D . 1.30 2.02 17.28
O9 THD D . 0.95 3.28 16.50
C9 THD D . 2.59 2.09 17.94
O10 THD D . 3.63 1.68 16.88
C1 EDO E . 22.09 -8.65 16.13
O1 EDO E . 22.62 -9.50 15.10
C2 EDO E . 20.58 -8.89 16.27
O2 EDO E . 19.97 -8.71 14.98
C1 EDO F . 16.42 -4.82 16.25
O1 EDO F . 16.36 -6.15 16.75
C2 EDO F . 15.02 -4.26 16.05
O2 EDO F . 14.35 -4.93 14.97
C1 EDO G . -6.17 17.87 -21.45
O1 EDO G . -4.80 18.02 -21.89
C2 EDO G . -6.28 17.75 -19.93
O2 EDO G . -5.44 16.70 -19.44
C1 EDO H . 19.17 -2.88 31.37
O1 EDO H . 20.14 -2.18 32.14
C2 EDO H . 18.16 -3.52 32.31
O2 EDO H . 18.89 -4.19 33.34
C1 EDO I . -5.04 -13.60 14.10
O1 EDO I . -5.11 -12.31 13.49
C2 EDO I . -4.20 -14.52 13.22
O2 EDO I . -4.87 -14.72 11.97
C1 EDO J . -6.92 2.47 24.75
O1 EDO J . -8.01 1.70 25.30
C2 EDO J . -5.60 2.16 25.47
O2 EDO J . -5.43 0.75 25.57
C1 EDO K . 21.72 3.90 20.38
O1 EDO K . 22.38 3.89 19.11
C2 EDO K . 22.59 4.54 21.44
O2 EDO K . 22.99 5.86 21.01
C1 EDO L . -8.11 -3.96 -29.49
O1 EDO L . -6.87 -3.52 -30.07
C2 EDO L . -8.94 -2.73 -29.19
O2 EDO L . -9.25 -2.08 -30.44
C1 EDO M . -5.01 -12.76 9.08
O1 EDO M . -5.08 -12.75 10.51
C2 EDO M . -5.14 -11.39 8.46
O2 EDO M . -6.17 -10.60 9.07
CA CA N . -4.71 -19.77 -11.37
N1' THD O . -0.37 -8.11 -8.83
C2' THD O . -1.66 -7.64 -8.65
CM2 THD O . -1.80 -7.03 -7.28
N3' THD O . -2.49 -7.73 -9.63
C4' THD O . -2.18 -8.28 -10.77
N4' THD O . -3.19 -8.24 -11.69
C5' THD O . -0.87 -8.80 -11.05
C6' THD O . 0.16 -8.70 -10.07
C7' THD O . -0.33 -9.35 -12.36
N3 THD O . -1.26 -10.35 -12.87
C2 THD O . -2.27 -10.31 -13.68
S1 THD O . -3.34 -11.84 -13.61
C5 THD O . -2.01 -12.69 -12.73
C4 THD O . -1.07 -11.73 -12.50
CM4 THD O . 0.29 -12.17 -11.86
C6 THD O . -2.05 -14.04 -12.50
C7 THD O . -3.28 -14.42 -11.70
O7 THD O . -3.27 -15.83 -11.52
PA THD O . -4.50 -16.52 -10.76
O1A THD O . -4.94 -15.69 -9.60
O2A THD O . -4.15 -17.95 -10.53
O3A THD O . -5.74 -16.43 -11.81
PB THD O . -6.05 -17.40 -13.13
O1B THD O . -7.49 -17.77 -12.92
O2B THD O . -5.78 -16.45 -14.34
O3B THD O . -5.16 -18.57 -13.09
C8 THD O . -2.62 -9.12 -14.53
O9 THD O . -1.88 -8.07 -14.76
C9 THD O . -4.10 -9.27 -15.42
O10 THD O . -4.95 -8.51 -14.34
C1 EDO P . 15.40 22.35 4.87
O1 EDO P . 14.17 21.64 4.63
C2 EDO P . 15.21 23.37 6.00
O2 EDO P . 14.38 24.47 5.58
C1 EDO Q . -0.56 -15.04 1.51
O1 EDO Q . 0.65 -15.29 0.78
C2 EDO Q . -1.21 -16.32 1.99
O2 EDO Q . -1.37 -17.27 0.94
C1 EDO R . -26.40 1.85 7.98
O1 EDO R . -26.78 2.86 7.03
C2 EDO R . -27.51 1.70 9.00
O2 EDO R . -28.42 0.69 8.55
C1 EDO S . -19.05 -7.57 -11.49
O1 EDO S . -19.68 -8.79 -11.08
C2 EDO S . -17.54 -7.76 -11.54
O2 EDO S . -17.02 -7.68 -10.22
C1 EDO T . -24.40 -8.99 -9.58
O1 EDO T . -23.55 -8.27 -8.67
C2 EDO T . -25.62 -8.11 -9.89
O2 EDO T . -26.30 -7.79 -8.66
C1 EDO U . -2.05 -19.98 -1.16
O1 EDO U . -1.65 -18.68 -1.57
C2 EDO U . -3.17 -19.83 -0.13
O2 EDO U . -2.61 -19.52 1.14
C1 EDO V . 13.57 14.83 0.23
O1 EDO V . 13.31 14.17 -1.02
C2 EDO V . 12.31 14.96 1.10
O2 EDO V . 11.44 15.98 0.61
C1 EDO W . 11.50 13.57 25.47
O1 EDO W . 11.09 13.84 24.13
C2 EDO W . 10.27 13.40 26.36
O2 EDO W . 9.25 14.29 25.87
C1 EDO X . -22.18 -2.22 -22.30
O1 EDO X . -21.91 -0.90 -22.80
C2 EDO X . -21.38 -2.47 -21.02
O2 EDO X . -21.67 -1.46 -20.04
C1 EDO Y . 3.84 -16.82 -19.33
O1 EDO Y . 4.50 -18.10 -19.19
C2 EDO Y . 2.42 -16.99 -19.89
O2 EDO Y . 1.72 -17.97 -19.11
#